data_3ELX
# 
_entry.id   3ELX 
# 
_audit_conform.dict_name       mmcif_pdbx.dic 
_audit_conform.dict_version    5.378 
_audit_conform.dict_location   http://mmcif.pdb.org/dictionaries/ascii/mmcif_pdbx.dic 
# 
loop_
_database_2.database_id 
_database_2.database_code 
_database_2.pdbx_database_accession 
_database_2.pdbx_DOI 
PDB   3ELX         pdb_00003elx 10.2210/pdb3elx/pdb 
RCSB  RCSB049487   ?            ?                   
WWPDB D_1000049487 ?            ?                   
# 
loop_
_pdbx_database_related.db_name 
_pdbx_database_related.db_id 
_pdbx_database_related.details 
_pdbx_database_related.content_type 
PDB 3ELZ 'Crystal structure of Zebrafish Ileal Bile Acid-Bindin Protein complexed with cholic acid (crystal form A).' unspecified 
PDB 3EM0 'Crystal structure of Zebrafish Ileal Bile Acid-Bindin Protein complexed with cholic acid (crystal form B).' unspecified 
# 
_pdbx_database_status.status_code                     REL 
_pdbx_database_status.entry_id                        3ELX 
_pdbx_database_status.recvd_initial_deposition_date   2008-09-23 
_pdbx_database_status.deposit_site                    RCSB 
_pdbx_database_status.process_site                    RCSB 
_pdbx_database_status.status_code_sf                  REL 
_pdbx_database_status.status_code_mr                  ? 
_pdbx_database_status.SG_entry                        ? 
_pdbx_database_status.pdb_format_compatible           Y 
_pdbx_database_status.status_code_cs                  ? 
_pdbx_database_status.status_code_nmr_data            ? 
_pdbx_database_status.methods_development_category    ? 
# 
loop_
_audit_author.name 
_audit_author.pdbx_ordinal 
'Capaldi, S.'    1 
'Saccomani, G.'  2 
'Fessas, D.'     3 
'Signorelli, M.' 4 
'Perduca, M.'    5 
'Monaco, H.L.'   6 
# 
_citation.id                        primary 
_citation.title                     
;The X-Ray structure of zebrafish (Danio rerio) ileal bile acid-binding protein reveals the presence of binding sites on the surface of the protein molecule.
;
_citation.journal_abbrev            J.Mol.Biol. 
_citation.journal_volume            385 
_citation.page_first                99 
_citation.page_last                 116 
_citation.year                      2009 
_citation.journal_id_ASTM           JMOBAK 
_citation.country                   UK 
_citation.journal_id_ISSN           0022-2836 
_citation.journal_id_CSD            0070 
_citation.book_publisher            ? 
_citation.pdbx_database_id_PubMed   18952094 
_citation.pdbx_database_id_DOI      10.1016/j.jmb.2008.10.007 
# 
loop_
_citation_author.citation_id 
_citation_author.name 
_citation_author.ordinal 
_citation_author.identifier_ORCID 
primary 'Capaldi, S.'    1 ? 
primary 'Saccomani, G.'  2 ? 
primary 'Fessas, D.'     3 ? 
primary 'Signorelli, M.' 4 ? 
primary 'Perduca, M.'    5 ? 
primary 'Monaco, H.L.'   6 ? 
# 
_cell.entry_id           3ELX 
_cell.length_a           54.422 
_cell.length_b           54.422 
_cell.length_c           82.696 
_cell.angle_alpha        90.00 
_cell.angle_beta         90.00 
_cell.angle_gamma        120.00 
_cell.Z_PDB              6 
_cell.pdbx_unique_axis   ? 
_cell.length_a_esd       ? 
_cell.length_b_esd       ? 
_cell.length_c_esd       ? 
_cell.angle_alpha_esd    ? 
_cell.angle_beta_esd     ? 
_cell.angle_gamma_esd    ? 
# 
_symmetry.entry_id                         3ELX 
_symmetry.space_group_name_H-M             'P 31 2 1' 
_symmetry.pdbx_full_space_group_name_H-M   ? 
_symmetry.cell_setting                     ? 
_symmetry.Int_Tables_number                152 
_symmetry.space_group_name_Hall            ? 
# 
loop_
_entity.id 
_entity.type 
_entity.src_method 
_entity.pdbx_description 
_entity.formula_weight 
_entity.pdbx_number_of_molecules 
_entity.pdbx_ec 
_entity.pdbx_mutation 
_entity.pdbx_fragment 
_entity.details 
1 polymer     man 'Ileal bile acid-binding protein' 15191.230 1   ? ? ? ? 
2 non-polymer syn 1,2-ETHANEDIOL                    62.068    1   ? ? ? ? 
3 water       nat water                             18.015    133 ? ? ? ? 
# 
_entity_name_com.entity_id   1 
_entity_name_com.name        'Fatty acid binding protein 6, ileal (Gastrotropin)' 
# 
_entity_poly.entity_id                      1 
_entity_poly.type                           'polypeptide(L)' 
_entity_poly.nstd_linkage                   no 
_entity_poly.nstd_monomer                   no 
_entity_poly.pdbx_seq_one_letter_code       
;MRGSAFNGKWETESQEGYEPFCKLIGIPDDVIAKGRDFKLVTEIVQNGDDFTWTQYYPNNHVVTNKFIVGKESDMETVGG
KKFKGIVSMEGGKLTISFPKYQQTTEISGGKLVETSTASGAQGTAVLVRTSKKVLVPR
;
_entity_poly.pdbx_seq_one_letter_code_can   
;MRGSAFNGKWETESQEGYEPFCKLIGIPDDVIAKGRDFKLVTEIVQNGDDFTWTQYYPNNHVVTNKFIVGKESDMETVGG
KKFKGIVSMEGGKLTISFPKYQQTTEISGGKLVETSTASGAQGTAVLVRTSKKVLVPR
;
_entity_poly.pdbx_strand_id                 A 
_entity_poly.pdbx_target_identifier         ? 
# 
loop_
_entity_poly_seq.entity_id 
_entity_poly_seq.num 
_entity_poly_seq.mon_id 
_entity_poly_seq.hetero 
1 1   MET n 
1 2   ARG n 
1 3   GLY n 
1 4   SER n 
1 5   ALA n 
1 6   PHE n 
1 7   ASN n 
1 8   GLY n 
1 9   LYS n 
1 10  TRP n 
1 11  GLU n 
1 12  THR n 
1 13  GLU n 
1 14  SER n 
1 15  GLN n 
1 16  GLU n 
1 17  GLY n 
1 18  TYR n 
1 19  GLU n 
1 20  PRO n 
1 21  PHE n 
1 22  CYS n 
1 23  LYS n 
1 24  LEU n 
1 25  ILE n 
1 26  GLY n 
1 27  ILE n 
1 28  PRO n 
1 29  ASP n 
1 30  ASP n 
1 31  VAL n 
1 32  ILE n 
1 33  ALA n 
1 34  LYS n 
1 35  GLY n 
1 36  ARG n 
1 37  ASP n 
1 38  PHE n 
1 39  LYS n 
1 40  LEU n 
1 41  VAL n 
1 42  THR n 
1 43  GLU n 
1 44  ILE n 
1 45  VAL n 
1 46  GLN n 
1 47  ASN n 
1 48  GLY n 
1 49  ASP n 
1 50  ASP n 
1 51  PHE n 
1 52  THR n 
1 53  TRP n 
1 54  THR n 
1 55  GLN n 
1 56  TYR n 
1 57  TYR n 
1 58  PRO n 
1 59  ASN n 
1 60  ASN n 
1 61  HIS n 
1 62  VAL n 
1 63  VAL n 
1 64  THR n 
1 65  ASN n 
1 66  LYS n 
1 67  PHE n 
1 68  ILE n 
1 69  VAL n 
1 70  GLY n 
1 71  LYS n 
1 72  GLU n 
1 73  SER n 
1 74  ASP n 
1 75  MET n 
1 76  GLU n 
1 77  THR n 
1 78  VAL n 
1 79  GLY n 
1 80  GLY n 
1 81  LYS n 
1 82  LYS n 
1 83  PHE n 
1 84  LYS n 
1 85  GLY n 
1 86  ILE n 
1 87  VAL n 
1 88  SER n 
1 89  MET n 
1 90  GLU n 
1 91  GLY n 
1 92  GLY n 
1 93  LYS n 
1 94  LEU n 
1 95  THR n 
1 96  ILE n 
1 97  SER n 
1 98  PHE n 
1 99  PRO n 
1 100 LYS n 
1 101 TYR n 
1 102 GLN n 
1 103 GLN n 
1 104 THR n 
1 105 THR n 
1 106 GLU n 
1 107 ILE n 
1 108 SER n 
1 109 GLY n 
1 110 GLY n 
1 111 LYS n 
1 112 LEU n 
1 113 VAL n 
1 114 GLU n 
1 115 THR n 
1 116 SER n 
1 117 THR n 
1 118 ALA n 
1 119 SER n 
1 120 GLY n 
1 121 ALA n 
1 122 GLN n 
1 123 GLY n 
1 124 THR n 
1 125 ALA n 
1 126 VAL n 
1 127 LEU n 
1 128 VAL n 
1 129 ARG n 
1 130 THR n 
1 131 SER n 
1 132 LYS n 
1 133 LYS n 
1 134 VAL n 
1 135 LEU n 
1 136 VAL n 
1 137 PRO n 
1 138 ARG n 
# 
_entity_src_gen.entity_id                          1 
_entity_src_gen.pdbx_src_id                        1 
_entity_src_gen.pdbx_alt_source_flag               sample 
_entity_src_gen.pdbx_seq_type                      ? 
_entity_src_gen.pdbx_beg_seq_num                   ? 
_entity_src_gen.pdbx_end_seq_num                   ? 
_entity_src_gen.gene_src_common_name               'leopard danio,zebra danio,zebra fish' 
_entity_src_gen.gene_src_genus                     ? 
_entity_src_gen.pdbx_gene_src_gene                 'fabp6, zgc:92421' 
_entity_src_gen.gene_src_species                   ? 
_entity_src_gen.gene_src_strain                    ? 
_entity_src_gen.gene_src_tissue                    ? 
_entity_src_gen.gene_src_tissue_fraction           ? 
_entity_src_gen.gene_src_details                   ? 
_entity_src_gen.pdbx_gene_src_fragment             ? 
_entity_src_gen.pdbx_gene_src_scientific_name      'Danio rerio' 
_entity_src_gen.pdbx_gene_src_ncbi_taxonomy_id     7955 
_entity_src_gen.pdbx_gene_src_variant              ? 
_entity_src_gen.pdbx_gene_src_cell_line            ? 
_entity_src_gen.pdbx_gene_src_atcc                 ? 
_entity_src_gen.pdbx_gene_src_organ                ? 
_entity_src_gen.pdbx_gene_src_organelle            ? 
_entity_src_gen.pdbx_gene_src_cell                 ? 
_entity_src_gen.pdbx_gene_src_cellular_location    ? 
_entity_src_gen.host_org_common_name               ? 
_entity_src_gen.pdbx_host_org_scientific_name      'Escherichia coli' 
_entity_src_gen.pdbx_host_org_ncbi_taxonomy_id     562 
_entity_src_gen.host_org_genus                     ? 
_entity_src_gen.pdbx_host_org_gene                 ? 
_entity_src_gen.pdbx_host_org_organ                ? 
_entity_src_gen.host_org_species                   ? 
_entity_src_gen.pdbx_host_org_tissue               ? 
_entity_src_gen.pdbx_host_org_tissue_fraction      ? 
_entity_src_gen.pdbx_host_org_strain               SG13009 
_entity_src_gen.pdbx_host_org_variant              ? 
_entity_src_gen.pdbx_host_org_cell_line            ? 
_entity_src_gen.pdbx_host_org_atcc                 ? 
_entity_src_gen.pdbx_host_org_culture_collection   ? 
_entity_src_gen.pdbx_host_org_cell                 ? 
_entity_src_gen.pdbx_host_org_organelle            ? 
_entity_src_gen.pdbx_host_org_cellular_location    ? 
_entity_src_gen.pdbx_host_org_vector_type          plasmid 
_entity_src_gen.pdbx_host_org_vector               ? 
_entity_src_gen.host_org_details                   ? 
_entity_src_gen.expression_system_id               ? 
_entity_src_gen.plasmid_name                       pQE50 
_entity_src_gen.plasmid_details                    ? 
_entity_src_gen.pdbx_description                   ? 
# 
_struct_ref.id                         1 
_struct_ref.db_name                    UNP 
_struct_ref.db_code                    Q6IMW5_DANRE 
_struct_ref.pdbx_db_accession          Q6IMW5 
_struct_ref.entity_id                  1 
_struct_ref.pdbx_seq_one_letter_code   
;AFNGKWETESQEGYEPFCKLIGIPDDVIAKGRDFKLVTEIVQNGDDFTWTQYYPNNHVVTNKFIVGKESDMETVGGKKFK
GIVSMEGGKLTISFPKYQQTTEISGGKLVETSTASGAQGTAVLVRTSKKV
;
_struct_ref.pdbx_align_begin           2 
_struct_ref.pdbx_db_isoform            ? 
# 
_struct_ref_seq.align_id                      1 
_struct_ref_seq.ref_id                        1 
_struct_ref_seq.pdbx_PDB_id_code              3ELX 
_struct_ref_seq.pdbx_strand_id                A 
_struct_ref_seq.seq_align_beg                 5 
_struct_ref_seq.pdbx_seq_align_beg_ins_code   ? 
_struct_ref_seq.seq_align_end                 134 
_struct_ref_seq.pdbx_seq_align_end_ins_code   ? 
_struct_ref_seq.pdbx_db_accession             Q6IMW5 
_struct_ref_seq.db_align_beg                  2 
_struct_ref_seq.pdbx_db_align_beg_ins_code    ? 
_struct_ref_seq.db_align_end                  131 
_struct_ref_seq.pdbx_db_align_end_ins_code    ? 
_struct_ref_seq.pdbx_auth_seq_align_beg       1 
_struct_ref_seq.pdbx_auth_seq_align_end       130 
# 
loop_
_struct_ref_seq_dif.align_id 
_struct_ref_seq_dif.pdbx_pdb_id_code 
_struct_ref_seq_dif.mon_id 
_struct_ref_seq_dif.pdbx_pdb_strand_id 
_struct_ref_seq_dif.seq_num 
_struct_ref_seq_dif.pdbx_pdb_ins_code 
_struct_ref_seq_dif.pdbx_seq_db_name 
_struct_ref_seq_dif.pdbx_seq_db_accession_code 
_struct_ref_seq_dif.db_mon_id 
_struct_ref_seq_dif.pdbx_seq_db_seq_num 
_struct_ref_seq_dif.details 
_struct_ref_seq_dif.pdbx_auth_seq_num 
_struct_ref_seq_dif.pdbx_ordinal 
1 3ELX MET A 1   ? UNP Q6IMW5 ? ? 'expression tag' -3  1 
1 3ELX ARG A 2   ? UNP Q6IMW5 ? ? 'expression tag' -2  2 
1 3ELX GLY A 3   ? UNP Q6IMW5 ? ? 'expression tag' -1  3 
1 3ELX SER A 4   ? UNP Q6IMW5 ? ? 'expression tag' 0   4 
1 3ELX LEU A 135 ? UNP Q6IMW5 ? ? 'expression tag' 131 5 
1 3ELX VAL A 136 ? UNP Q6IMW5 ? ? 'expression tag' 132 6 
1 3ELX PRO A 137 ? UNP Q6IMW5 ? ? 'expression tag' 133 7 
1 3ELX ARG A 138 ? UNP Q6IMW5 ? ? 'expression tag' 134 8 
# 
loop_
_chem_comp.id 
_chem_comp.type 
_chem_comp.mon_nstd_flag 
_chem_comp.name 
_chem_comp.pdbx_synonyms 
_chem_comp.formula 
_chem_comp.formula_weight 
ALA 'L-peptide linking' y ALANINE         ?                 'C3 H7 N O2'     89.093  
ARG 'L-peptide linking' y ARGININE        ?                 'C6 H15 N4 O2 1' 175.209 
ASN 'L-peptide linking' y ASPARAGINE      ?                 'C4 H8 N2 O3'    132.118 
ASP 'L-peptide linking' y 'ASPARTIC ACID' ?                 'C4 H7 N O4'     133.103 
CYS 'L-peptide linking' y CYSTEINE        ?                 'C3 H7 N O2 S'   121.158 
EDO non-polymer         . 1,2-ETHANEDIOL  'ETHYLENE GLYCOL' 'C2 H6 O2'       62.068  
GLN 'L-peptide linking' y GLUTAMINE       ?                 'C5 H10 N2 O3'   146.144 
GLU 'L-peptide linking' y 'GLUTAMIC ACID' ?                 'C5 H9 N O4'     147.129 
GLY 'peptide linking'   y GLYCINE         ?                 'C2 H5 N O2'     75.067  
HIS 'L-peptide linking' y HISTIDINE       ?                 'C6 H10 N3 O2 1' 156.162 
HOH non-polymer         . WATER           ?                 'H2 O'           18.015  
ILE 'L-peptide linking' y ISOLEUCINE      ?                 'C6 H13 N O2'    131.173 
LEU 'L-peptide linking' y LEUCINE         ?                 'C6 H13 N O2'    131.173 
LYS 'L-peptide linking' y LYSINE          ?                 'C6 H15 N2 O2 1' 147.195 
MET 'L-peptide linking' y METHIONINE      ?                 'C5 H11 N O2 S'  149.211 
PHE 'L-peptide linking' y PHENYLALANINE   ?                 'C9 H11 N O2'    165.189 
PRO 'L-peptide linking' y PROLINE         ?                 'C5 H9 N O2'     115.130 
SER 'L-peptide linking' y SERINE          ?                 'C3 H7 N O3'     105.093 
THR 'L-peptide linking' y THREONINE       ?                 'C4 H9 N O3'     119.119 
TRP 'L-peptide linking' y TRYPTOPHAN      ?                 'C11 H12 N2 O2'  204.225 
TYR 'L-peptide linking' y TYROSINE        ?                 'C9 H11 N O3'    181.189 
VAL 'L-peptide linking' y VALINE          ?                 'C5 H11 N O2'    117.146 
# 
_exptl.entry_id          3ELX 
_exptl.method            'X-RAY DIFFRACTION' 
_exptl.crystals_number   1 
# 
_exptl_crystal.id                    1 
_exptl_crystal.density_meas          ? 
_exptl_crystal.density_Matthews      2.33 
_exptl_crystal.density_percent_sol   47.14 
_exptl_crystal.description           ? 
_exptl_crystal.F_000                 ? 
_exptl_crystal.preparation           ? 
# 
_exptl_crystal_grow.crystal_id      1 
_exptl_crystal_grow.method          'VAPOR DIFFUSION, SITTING DROP' 
_exptl_crystal_grow.temp            293 
_exptl_crystal_grow.temp_details    ? 
_exptl_crystal_grow.pH              7.5 
_exptl_crystal_grow.pdbx_details    
'0.1 M Sodium HEPES, 1.4 M tri-sodium citrate dihydrate, 1% ethylene glycol, pH 7.5, VAPOR DIFFUSION, SITTING DROP, temperature 293K' 
_exptl_crystal_grow.pdbx_pH_range   ? 
# 
_diffrn.id                     1 
_diffrn.ambient_temp           100 
_diffrn.ambient_temp_details   ? 
_diffrn.crystal_id             1 
# 
_diffrn_detector.diffrn_id              1 
_diffrn_detector.detector               CCD 
_diffrn_detector.type                   'ADSC QUANTUM 315' 
_diffrn_detector.pdbx_collection_date   2007-12-07 
_diffrn_detector.details                'toroidal mirror' 
# 
_diffrn_radiation.diffrn_id                        1 
_diffrn_radiation.wavelength_id                    1 
_diffrn_radiation.pdbx_monochromatic_or_laue_m_l   M 
_diffrn_radiation.monochromator                    'Si 311 channel' 
_diffrn_radiation.pdbx_diffrn_protocol             'SINGLE WAVELENGTH' 
_diffrn_radiation.pdbx_scattering_type             x-ray 
# 
_diffrn_radiation_wavelength.id           1 
_diffrn_radiation_wavelength.wavelength   0.97 
_diffrn_radiation_wavelength.wt           1.0 
# 
_diffrn_source.diffrn_id                   1 
_diffrn_source.source                      SYNCHROTRON 
_diffrn_source.type                        'ESRF BEAMLINE ID29' 
_diffrn_source.pdbx_synchrotron_site       ESRF 
_diffrn_source.pdbx_synchrotron_beamline   ID29 
_diffrn_source.pdbx_wavelength             ? 
_diffrn_source.pdbx_wavelength_list        0.97 
# 
_reflns.entry_id                     3ELX 
_reflns.observed_criterion_sigma_I   0.0 
_reflns.observed_criterion_sigma_F   0.0 
_reflns.d_resolution_low             41.0 
_reflns.d_resolution_high            1.6 
_reflns.number_obs                   18986 
_reflns.number_all                   18986 
_reflns.percent_possible_obs         99.1 
_reflns.pdbx_Rmerge_I_obs            0.069 
_reflns.pdbx_Rsym_value              0.069 
_reflns.pdbx_netI_over_sigmaI        16.9 
_reflns.B_iso_Wilson_estimate        15.8 
_reflns.pdbx_redundancy              5.2 
_reflns.R_free_details               ? 
_reflns.limit_h_max                  ? 
_reflns.limit_h_min                  ? 
_reflns.limit_k_max                  ? 
_reflns.limit_k_min                  ? 
_reflns.limit_l_max                  ? 
_reflns.limit_l_min                  ? 
_reflns.observed_criterion_F_max     ? 
_reflns.observed_criterion_F_min     ? 
_reflns.pdbx_chi_squared             ? 
_reflns.pdbx_scaling_rejects         ? 
_reflns.pdbx_ordinal                 1 
_reflns.pdbx_diffrn_id               1 
# 
_reflns_shell.d_res_high             1.6 
_reflns_shell.d_res_low              1.69 
_reflns_shell.percent_possible_all   100.0 
_reflns_shell.Rmerge_I_obs           0.281 
_reflns_shell.pdbx_Rsym_value        0.281 
_reflns_shell.meanI_over_sigI_obs    6.4 
_reflns_shell.pdbx_redundancy        5.3 
_reflns_shell.percent_possible_obs   ? 
_reflns_shell.number_unique_all      2731 
_reflns_shell.number_measured_all    ? 
_reflns_shell.number_measured_obs    ? 
_reflns_shell.number_unique_obs      ? 
_reflns_shell.pdbx_chi_squared       ? 
_reflns_shell.pdbx_ordinal           1 
_reflns_shell.pdbx_diffrn_id         1 
# 
_refine.entry_id                                 3ELX 
_refine.ls_number_reflns_obs                     18001 
_refine.ls_number_reflns_all                     18978 
_refine.pdbx_ls_sigma_I                          0.0 
_refine.pdbx_ls_sigma_F                          0.0 
_refine.pdbx_data_cutoff_high_absF               ? 
_refine.pdbx_data_cutoff_low_absF                ? 
_refine.pdbx_data_cutoff_high_rms_absF           ? 
_refine.ls_d_res_low                             30.00 
_refine.ls_d_res_high                            1.60 
_refine.ls_percent_reflns_obs                    98.66 
_refine.ls_R_factor_obs                          0.20433 
_refine.ls_R_factor_all                          0.20433 
_refine.ls_R_factor_R_work                       0.20246 
_refine.ls_R_factor_R_free                       0.23980 
_refine.ls_R_factor_R_free_error                 ? 
_refine.ls_R_factor_R_free_error_details         ? 
_refine.ls_percent_reflns_R_free                 5.1 
_refine.ls_number_reflns_R_free                  977 
_refine.ls_number_parameters                     ? 
_refine.ls_number_restraints                     ? 
_refine.occupancy_min                            ? 
_refine.occupancy_max                            ? 
_refine.correlation_coeff_Fo_to_Fc               0.941 
_refine.correlation_coeff_Fo_to_Fc_free          0.921 
_refine.B_iso_mean                               17.547 
_refine.aniso_B[1][1]                            0.36 
_refine.aniso_B[2][2]                            0.36 
_refine.aniso_B[3][3]                            -0.53 
_refine.aniso_B[1][2]                            0.18 
_refine.aniso_B[1][3]                            0.00 
_refine.aniso_B[2][3]                            0.00 
_refine.solvent_model_details                    MASK 
_refine.solvent_model_param_ksol                 ? 
_refine.solvent_model_param_bsol                 ? 
_refine.pdbx_solvent_vdw_probe_radii             1.20 
_refine.pdbx_solvent_ion_probe_radii             0.80 
_refine.pdbx_solvent_shrinkage_radii             0.80 
_refine.pdbx_ls_cross_valid_method               THROUGHOUT 
_refine.details                                  'HYDROGENS HAVE BEEN ADDED IN THE RIDING POSITIONS' 
_refine.pdbx_starting_model                      2QO4 
_refine.pdbx_method_to_determine_struct          'MOLECULAR REPLACEMENT' 
_refine.pdbx_isotropic_thermal_model             ? 
_refine.pdbx_stereochemistry_target_values       'MAXIMUM LIKELIHOOD' 
_refine.pdbx_stereochem_target_val_spec_case     ? 
_refine.pdbx_R_Free_selection_details            RANDOM 
_refine.pdbx_overall_ESU_R                       0.098 
_refine.pdbx_overall_ESU_R_Free                  0.100 
_refine.overall_SU_ML                            0.059 
_refine.overall_SU_B                             3.193 
_refine.ls_redundancy_reflns_obs                 ? 
_refine.B_iso_min                                ? 
_refine.B_iso_max                                ? 
_refine.overall_SU_R_Cruickshank_DPI             ? 
_refine.overall_SU_R_free                        ? 
_refine.ls_wR_factor_R_free                      ? 
_refine.ls_wR_factor_R_work                      ? 
_refine.overall_FOM_free_R_set                   ? 
_refine.overall_FOM_work_R_set                   ? 
_refine.pdbx_overall_phase_error                 ? 
_refine.pdbx_refine_id                           'X-RAY DIFFRACTION' 
_refine.pdbx_TLS_residual_ADP_flag               'LIKELY RESIDUAL' 
_refine.pdbx_diffrn_id                           1 
_refine.pdbx_overall_SU_R_free_Cruickshank_DPI   ? 
_refine.pdbx_overall_SU_R_Blow_DPI               ? 
_refine.pdbx_overall_SU_R_free_Blow_DPI          ? 
# 
_refine_hist.pdbx_refine_id                   'X-RAY DIFFRACTION' 
_refine_hist.cycle_id                         LAST 
_refine_hist.pdbx_number_atoms_protein        1030 
_refine_hist.pdbx_number_atoms_nucleic_acid   0 
_refine_hist.pdbx_number_atoms_ligand         4 
_refine_hist.number_atoms_solvent             133 
_refine_hist.number_atoms_total               1167 
_refine_hist.d_res_high                       1.60 
_refine_hist.d_res_low                        30.00 
# 
loop_
_refine_ls_restr.type 
_refine_ls_restr.dev_ideal 
_refine_ls_restr.dev_ideal_target 
_refine_ls_restr.weight 
_refine_ls_restr.number 
_refine_ls_restr.pdbx_refine_id 
_refine_ls_restr.pdbx_restraint_function 
r_bond_refined_d         0.008  0.022  ? 1052 'X-RAY DIFFRACTION' ? 
r_angle_refined_deg      1.155  1.953  ? 1416 'X-RAY DIFFRACTION' ? 
r_dihedral_angle_1_deg   5.381  5.000  ? 133  'X-RAY DIFFRACTION' ? 
r_dihedral_angle_2_deg   42.140 25.814 ? 43   'X-RAY DIFFRACTION' ? 
r_dihedral_angle_3_deg   14.941 15.000 ? 189  'X-RAY DIFFRACTION' ? 
r_dihedral_angle_4_deg   13.374 15.000 ? 2    'X-RAY DIFFRACTION' ? 
r_chiral_restr           0.076  0.200  ? 158  'X-RAY DIFFRACTION' ? 
r_gen_planes_refined     0.004  0.020  ? 773  'X-RAY DIFFRACTION' ? 
r_nbd_refined            0.187  0.200  ? 405  'X-RAY DIFFRACTION' ? 
r_nbtor_refined          0.303  0.200  ? 708  'X-RAY DIFFRACTION' ? 
r_xyhbond_nbd_refined    0.120  0.200  ? 106  'X-RAY DIFFRACTION' ? 
r_symmetry_vdw_refined   0.177  0.200  ? 36   'X-RAY DIFFRACTION' ? 
r_symmetry_hbond_refined 0.143  0.200  ? 18   'X-RAY DIFFRACTION' ? 
r_mcbond_it              0.855  1.500  ? 674  'X-RAY DIFFRACTION' ? 
r_mcangle_it             1.274  2.000  ? 1062 'X-RAY DIFFRACTION' ? 
r_scbond_it              2.088  3.000  ? 428  'X-RAY DIFFRACTION' ? 
r_scangle_it             3.253  4.500  ? 354  'X-RAY DIFFRACTION' ? 
# 
_refine_ls_shell.pdbx_total_number_of_bins_used   20 
_refine_ls_shell.d_res_high                       1.600 
_refine_ls_shell.d_res_low                        1.641 
_refine_ls_shell.number_reflns_R_work             1292 
_refine_ls_shell.R_factor_R_work                  0.217 
_refine_ls_shell.percent_reflns_obs               99.93 
_refine_ls_shell.R_factor_R_free                  0.228 
_refine_ls_shell.R_factor_R_free_error            ? 
_refine_ls_shell.percent_reflns_R_free            ? 
_refine_ls_shell.number_reflns_R_free             69 
_refine_ls_shell.number_reflns_all                ? 
_refine_ls_shell.R_factor_all                     ? 
_refine_ls_shell.number_reflns_obs                1361 
_refine_ls_shell.redundancy_reflns_obs            ? 
_refine_ls_shell.pdbx_refine_id                   'X-RAY DIFFRACTION' 
# 
_struct.entry_id                  3ELX 
_struct.title                     'Crystal structure of apo Zebrafish Ileal Bile Acid-Binding Protein' 
_struct.pdbx_model_details        ? 
_struct.pdbx_CASP_flag            ? 
_struct.pdbx_model_type_details   ? 
# 
_struct_keywords.entry_id        3ELX 
_struct_keywords.pdbx_keywords   'LIPID BINDING PROTEIN' 
_struct_keywords.text            
'ileal bile acid-bindign protein, zebrafish, cholic acid, Lipid-binding, Transport, LIPID BINDING PROTEIN' 
# 
loop_
_struct_asym.id 
_struct_asym.pdbx_blank_PDB_chainid_flag 
_struct_asym.pdbx_modified 
_struct_asym.entity_id 
_struct_asym.details 
A N N 1 ? 
B N N 2 ? 
C N N 3 ? 
# 
_struct_biol.id        1 
_struct_biol.details   'The biological unit is the monomer.' 
# 
loop_
_struct_conf.conf_type_id 
_struct_conf.id 
_struct_conf.pdbx_PDB_helix_id 
_struct_conf.beg_label_comp_id 
_struct_conf.beg_label_asym_id 
_struct_conf.beg_label_seq_id 
_struct_conf.pdbx_beg_PDB_ins_code 
_struct_conf.end_label_comp_id 
_struct_conf.end_label_asym_id 
_struct_conf.end_label_seq_id 
_struct_conf.pdbx_end_PDB_ins_code 
_struct_conf.beg_auth_comp_id 
_struct_conf.beg_auth_asym_id 
_struct_conf.beg_auth_seq_id 
_struct_conf.end_auth_comp_id 
_struct_conf.end_auth_asym_id 
_struct_conf.end_auth_seq_id 
_struct_conf.pdbx_PDB_helix_class 
_struct_conf.details 
_struct_conf.pdbx_PDB_helix_length 
HELX_P HELX_P1 1 GLY A 17 ? ILE A 25 ? GLY A 13 ILE A 21 1 ? 9 
HELX_P HELX_P2 2 PRO A 28 ? GLY A 35 ? PRO A 24 GLY A 31 1 ? 8 
HELX_P HELX_P3 3 PRO A 58 ? ASN A 60 ? PRO A 54 ASN A 56 5 ? 3 
# 
_struct_conf_type.id          HELX_P 
_struct_conf_type.criteria    ? 
_struct_conf_type.reference   ? 
# 
_struct_mon_prot_cis.pdbx_id                1 
_struct_mon_prot_cis.label_comp_id          GLY 
_struct_mon_prot_cis.label_seq_id           3 
_struct_mon_prot_cis.label_asym_id          A 
_struct_mon_prot_cis.label_alt_id           . 
_struct_mon_prot_cis.pdbx_PDB_ins_code      ? 
_struct_mon_prot_cis.auth_comp_id           GLY 
_struct_mon_prot_cis.auth_seq_id            -1 
_struct_mon_prot_cis.auth_asym_id           A 
_struct_mon_prot_cis.pdbx_label_comp_id_2   SER 
_struct_mon_prot_cis.pdbx_label_seq_id_2    4 
_struct_mon_prot_cis.pdbx_label_asym_id_2   A 
_struct_mon_prot_cis.pdbx_PDB_ins_code_2    ? 
_struct_mon_prot_cis.pdbx_auth_comp_id_2    SER 
_struct_mon_prot_cis.pdbx_auth_seq_id_2     0 
_struct_mon_prot_cis.pdbx_auth_asym_id_2    A 
_struct_mon_prot_cis.pdbx_PDB_model_num     1 
_struct_mon_prot_cis.pdbx_omega_angle       3.98 
# 
loop_
_struct_sheet.id 
_struct_sheet.type 
_struct_sheet.number_strands 
_struct_sheet.details 
A ? 9 ? 
B ? 2 ? 
# 
loop_
_struct_sheet_order.sheet_id 
_struct_sheet_order.range_id_1 
_struct_sheet_order.range_id_2 
_struct_sheet_order.offset 
_struct_sheet_order.sense 
A 1 2 ? anti-parallel 
A 2 3 ? anti-parallel 
A 3 4 ? anti-parallel 
A 4 5 ? anti-parallel 
A 5 6 ? anti-parallel 
A 6 7 ? anti-parallel 
A 7 8 ? anti-parallel 
A 8 9 ? anti-parallel 
B 1 2 ? anti-parallel 
# 
loop_
_struct_sheet_range.sheet_id 
_struct_sheet_range.id 
_struct_sheet_range.beg_label_comp_id 
_struct_sheet_range.beg_label_asym_id 
_struct_sheet_range.beg_label_seq_id 
_struct_sheet_range.pdbx_beg_PDB_ins_code 
_struct_sheet_range.end_label_comp_id 
_struct_sheet_range.end_label_asym_id 
_struct_sheet_range.end_label_seq_id 
_struct_sheet_range.pdbx_end_PDB_ins_code 
_struct_sheet_range.beg_auth_comp_id 
_struct_sheet_range.beg_auth_asym_id 
_struct_sheet_range.beg_auth_seq_id 
_struct_sheet_range.end_auth_comp_id 
_struct_sheet_range.end_auth_asym_id 
_struct_sheet_range.end_auth_seq_id 
A 1 HIS A 61  ? ILE A 68  ? HIS A 57  ILE A 64  
A 2 ASP A 50  ? TYR A 57  ? ASP A 46  TYR A 53  
A 3 VAL A 41  ? ASN A 47  ? VAL A 37  ASN A 43  
A 4 GLY A 8   ? GLU A 16  ? GLY A 4   GLU A 12  
A 5 THR A 124 ? LYS A 133 ? THR A 120 LYS A 129 
A 6 LYS A 111 ? SER A 119 ? LYS A 107 SER A 115 
A 7 GLN A 102 ? SER A 108 ? GLN A 98  SER A 104 
A 8 LYS A 93  ? SER A 97  ? LYS A 89  SER A 93  
A 9 SER A 88  ? GLU A 90  ? SER A 84  GLU A 86  
B 1 SER A 73  ? GLU A 76  ? SER A 69  GLU A 72  
B 2 LYS A 82  ? GLY A 85  ? LYS A 78  GLY A 81  
# 
loop_
_pdbx_struct_sheet_hbond.sheet_id 
_pdbx_struct_sheet_hbond.range_id_1 
_pdbx_struct_sheet_hbond.range_id_2 
_pdbx_struct_sheet_hbond.range_1_label_atom_id 
_pdbx_struct_sheet_hbond.range_1_label_comp_id 
_pdbx_struct_sheet_hbond.range_1_label_asym_id 
_pdbx_struct_sheet_hbond.range_1_label_seq_id 
_pdbx_struct_sheet_hbond.range_1_PDB_ins_code 
_pdbx_struct_sheet_hbond.range_1_auth_atom_id 
_pdbx_struct_sheet_hbond.range_1_auth_comp_id 
_pdbx_struct_sheet_hbond.range_1_auth_asym_id 
_pdbx_struct_sheet_hbond.range_1_auth_seq_id 
_pdbx_struct_sheet_hbond.range_2_label_atom_id 
_pdbx_struct_sheet_hbond.range_2_label_comp_id 
_pdbx_struct_sheet_hbond.range_2_label_asym_id 
_pdbx_struct_sheet_hbond.range_2_label_seq_id 
_pdbx_struct_sheet_hbond.range_2_PDB_ins_code 
_pdbx_struct_sheet_hbond.range_2_auth_atom_id 
_pdbx_struct_sheet_hbond.range_2_auth_comp_id 
_pdbx_struct_sheet_hbond.range_2_auth_asym_id 
_pdbx_struct_sheet_hbond.range_2_auth_seq_id 
A 1 2 O ASN A 65  ? O ASN A 61  N TRP A 53  ? N TRP A 49  
A 2 3 O ASP A 50  ? O ASP A 46  N ASN A 47  ? N ASN A 43  
A 3 4 O THR A 42  ? O THR A 38  N TRP A 10  ? N TRP A 6   
A 4 5 N GLU A 13  ? N GLU A 9   O THR A 130 ? O THR A 126 
A 5 6 O LEU A 127 ? O LEU A 123 N SER A 116 ? N SER A 112 
A 6 7 O THR A 115 ? O THR A 111 N THR A 104 ? N THR A 100 
A 7 8 O THR A 105 ? O THR A 101 N LEU A 94  ? N LEU A 90  
A 8 9 O THR A 95  ? O THR A 91  N SER A 88  ? N SER A 84  
B 1 2 N MET A 75  ? N MET A 71  O PHE A 83  ? O PHE A 79  
# 
_struct_site.id                   AC1 
_struct_site.pdbx_evidence_code   Software 
_struct_site.pdbx_auth_asym_id    A 
_struct_site.pdbx_auth_comp_id    EDO 
_struct_site.pdbx_auth_seq_id     200 
_struct_site.pdbx_auth_ins_code   ? 
_struct_site.pdbx_num_residues    6 
_struct_site.details              'BINDING SITE FOR RESIDUE EDO A 200' 
# 
loop_
_struct_site_gen.id 
_struct_site_gen.site_id 
_struct_site_gen.pdbx_num_res 
_struct_site_gen.label_comp_id 
_struct_site_gen.label_asym_id 
_struct_site_gen.label_seq_id 
_struct_site_gen.pdbx_auth_ins_code 
_struct_site_gen.auth_comp_id 
_struct_site_gen.auth_asym_id 
_struct_site_gen.auth_seq_id 
_struct_site_gen.label_atom_id 
_struct_site_gen.label_alt_id 
_struct_site_gen.symmetry 
_struct_site_gen.details 
1 AC1 6 TRP A 53 ? TRP A 49  . ? 1_555 ? 
2 AC1 6 ASN A 65 ? ASN A 61  . ? 1_555 ? 
3 AC1 6 ILE A 96 ? ILE A 92  . ? 1_555 ? 
4 AC1 6 HOH C .  ? HOH A 208 . ? 1_555 ? 
5 AC1 6 HOH C .  ? HOH A 255 . ? 1_555 ? 
6 AC1 6 HOH C .  ? HOH A 299 . ? 1_555 ? 
# 
_atom_sites.entry_id                    3ELX 
_atom_sites.fract_transf_matrix[1][1]   0.01117806 
_atom_sites.fract_transf_matrix[1][2]   -0.01402385 
_atom_sites.fract_transf_matrix[1][3]   0.01133905 
_atom_sites.fract_transf_matrix[2][1]   -0.00861929 
_atom_sites.fract_transf_matrix[2][2]   -0.01865739 
_atom_sites.fract_transf_matrix[2][3]   0.00527384 
_atom_sites.fract_transf_matrix[3][1]   0.00426789 
_atom_sites.fract_transf_matrix[3][2]   -0.00485995 
_atom_sites.fract_transf_matrix[3][3]   -0.01021796 
_atom_sites.fract_transf_vector[1]      0.339834 
_atom_sites.fract_transf_vector[2]      -0.320709 
_atom_sites.fract_transf_vector[3]      -0.097801 
# 
loop_
_atom_type.symbol 
C 
N 
O 
S 
# 
loop_
_atom_site.group_PDB 
_atom_site.id 
_atom_site.type_symbol 
_atom_site.label_atom_id 
_atom_site.label_alt_id 
_atom_site.label_comp_id 
_atom_site.label_asym_id 
_atom_site.label_entity_id 
_atom_site.label_seq_id 
_atom_site.pdbx_PDB_ins_code 
_atom_site.Cartn_x 
_atom_site.Cartn_y 
_atom_site.Cartn_z 
_atom_site.occupancy 
_atom_site.B_iso_or_equiv 
_atom_site.pdbx_formal_charge 
_atom_site.auth_seq_id 
_atom_site.auth_comp_id 
_atom_site.auth_asym_id 
_atom_site.auth_atom_id 
_atom_site.pdbx_PDB_model_num 
ATOM   1    N N   . GLY A 1 3   ? -12.934 11.590  -8.616  1.00 24.88 ? -1  GLY A N   1 
ATOM   2    C CA  . GLY A 1 3   ? -12.605 10.423  -7.757  1.00 23.86 ? -1  GLY A CA  1 
ATOM   3    C C   . GLY A 1 3   ? -13.218 9.129   -8.270  1.00 23.72 ? -1  GLY A C   1 
ATOM   4    O O   . GLY A 1 3   ? -13.118 8.823   -9.468  1.00 24.14 ? -1  GLY A O   1 
ATOM   5    N N   . SER A 1 4   ? -13.871 8.362   -7.391  1.00 23.24 ? 0   SER A N   1 
ATOM   6    C CA  . SER A 1 4   ? -14.102 8.732   -5.987  1.00 22.43 ? 0   SER A CA  1 
ATOM   7    C C   . SER A 1 4   ? -14.156 7.540   -5.025  1.00 21.34 ? 0   SER A C   1 
ATOM   8    O O   . SER A 1 4   ? -14.213 7.736   -3.808  1.00 21.18 ? 0   SER A O   1 
ATOM   9    C CB  . SER A 1 4   ? -15.412 9.520   -5.864  1.00 22.48 ? 0   SER A CB  1 
ATOM   10   O OG  . SER A 1 4   ? -16.512 8.741   -6.295  1.00 23.80 ? 0   SER A OG  1 
ATOM   11   N N   . ALA A 1 5   ? -14.136 6.318   -5.562  1.00 20.18 ? 1   ALA A N   1 
ATOM   12   C CA  . ALA A 1 5   ? -14.415 5.118   -4.761  1.00 18.46 ? 1   ALA A CA  1 
ATOM   13   C C   . ALA A 1 5   ? -13.397 4.849   -3.643  1.00 17.07 ? 1   ALA A C   1 
ATOM   14   O O   . ALA A 1 5   ? -13.725 4.193   -2.659  1.00 17.06 ? 1   ALA A O   1 
ATOM   15   C CB  . ALA A 1 5   ? -14.565 3.890   -5.655  1.00 19.15 ? 1   ALA A CB  1 
ATOM   16   N N   . PHE A 1 6   ? -12.179 5.362   -3.801  1.00 15.20 ? 2   PHE A N   1 
ATOM   17   C CA  . PHE A 1 6   ? -11.118 5.161   -2.803  1.00 14.30 ? 2   PHE A CA  1 
ATOM   18   C C   . PHE A 1 6   ? -11.213 6.082   -1.586  1.00 13.60 ? 2   PHE A C   1 
ATOM   19   O O   . PHE A 1 6   ? -10.562 5.822   -0.567  1.00 13.20 ? 2   PHE A O   1 
ATOM   20   C CB  . PHE A 1 6   ? -9.738  5.344   -3.438  1.00 14.13 ? 2   PHE A CB  1 
ATOM   21   C CG  . PHE A 1 6   ? -9.360  4.269   -4.418  1.00 13.36 ? 2   PHE A CG  1 
ATOM   22   C CD1 . PHE A 1 6   ? -8.609  3.168   -4.012  1.00 13.98 ? 2   PHE A CD1 1 
ATOM   23   C CD2 . PHE A 1 6   ? -9.722  4.373   -5.758  1.00 14.95 ? 2   PHE A CD2 1 
ATOM   24   C CE1 . PHE A 1 6   ? -8.249  2.169   -4.916  1.00 14.58 ? 2   PHE A CE1 1 
ATOM   25   C CE2 . PHE A 1 6   ? -9.360  3.384   -6.675  1.00 14.44 ? 2   PHE A CE2 1 
ATOM   26   C CZ  . PHE A 1 6   ? -8.618  2.284   -6.258  1.00 14.70 ? 2   PHE A CZ  1 
ATOM   27   N N   . ASN A 1 7   ? -11.981 7.164   -1.696  1.00 13.22 ? 3   ASN A N   1 
ATOM   28   C CA  . ASN A 1 7   ? -12.029 8.179   -0.642  1.00 12.62 ? 3   ASN A CA  1 
ATOM   29   C C   . ASN A 1 7   ? -12.404 7.603   0.706   1.00 12.32 ? 3   ASN A C   1 
ATOM   30   O O   . ASN A 1 7   ? -13.356 6.831   0.818   1.00 13.42 ? 3   ASN A O   1 
ATOM   31   C CB  . ASN A 1 7   ? -13.031 9.287   -0.996  1.00 13.35 ? 3   ASN A CB  1 
ATOM   32   C CG  . ASN A 1 7   ? -12.451 10.319  -1.931  1.00 15.12 ? 3   ASN A CG  1 
ATOM   33   O OD1 . ASN A 1 7   ? -12.897 10.464  -3.074  1.00 20.24 ? 3   ASN A OD1 1 
ATOM   34   N ND2 . ASN A 1 7   ? -11.474 11.064  -1.450  1.00 14.07 ? 3   ASN A ND2 1 
ATOM   35   N N   . GLY A 1 8   ? -11.655 8.000   1.726   1.00 11.63 ? 4   GLY A N   1 
ATOM   36   C CA  . GLY A 1 8   ? -12.039 7.723   3.103   1.00 11.01 ? 4   GLY A CA  1 
ATOM   37   C C   . GLY A 1 8   ? -10.917 7.232   3.991   1.00 10.43 ? 4   GLY A C   1 
ATOM   38   O O   . GLY A 1 8   ? -9.757  7.247   3.609   1.00 10.41 ? 4   GLY A O   1 
ATOM   39   N N   . LYS A 1 9   ? -11.290 6.814   5.195   1.00 9.92  ? 5   LYS A N   1 
ATOM   40   C CA  . LYS A 1 9   ? -10.352 6.162   6.111   1.00 9.24  ? 5   LYS A CA  1 
ATOM   41   C C   . LYS A 1 9   ? -10.709 4.688   6.212   1.00 9.25  ? 5   LYS A C   1 
ATOM   42   O O   . LYS A 1 9   ? -11.875 4.328   6.417   1.00 9.71  ? 5   LYS A O   1 
ATOM   43   C CB  . LYS A 1 9   ? -10.321 6.799   7.507   1.00 9.67  ? 5   LYS A CB  1 
ATOM   44   C CG  . LYS A 1 9   ? -9.529  8.107   7.582   1.00 10.07 ? 5   LYS A CG  1 
ATOM   45   C CD  . LYS A 1 9   ? -9.270  8.517   9.021   1.00 10.76 ? 5   LYS A CD  1 
ATOM   46   C CE  . LYS A 1 9   ? -8.477  9.821   9.079   1.00 12.07 ? 5   LYS A CE  1 
ATOM   47   N NZ  . LYS A 1 9   ? -8.012  10.088  10.461  1.00 11.50 ? 5   LYS A NZ  1 
ATOM   48   N N   . TRP A 1 10  ? -9.678  3.863   6.046   1.00 9.10  ? 6   TRP A N   1 
ATOM   49   C CA  . TRP A 1 10  ? -9.792  2.410   5.968   1.00 9.07  ? 6   TRP A CA  1 
ATOM   50   C C   . TRP A 1 10  ? -8.865  1.778   6.983   1.00 9.96  ? 6   TRP A C   1 
ATOM   51   O O   . TRP A 1 10  ? -7.821  2.344   7.293   1.00 10.92 ? 6   TRP A O   1 
ATOM   52   C CB  . TRP A 1 10  ? -9.344  1.945   4.581   1.00 9.87  ? 6   TRP A CB  1 
ATOM   53   C CG  . TRP A 1 10  ? -10.041 2.635   3.420   1.00 9.75  ? 6   TRP A CG  1 
ATOM   54   C CD1 . TRP A 1 10  ? -9.727  3.859   2.881   1.00 10.41 ? 6   TRP A CD1 1 
ATOM   55   C CD2 . TRP A 1 10  ? -11.150 2.133   2.652   1.00 9.50  ? 6   TRP A CD2 1 
ATOM   56   N NE1 . TRP A 1 10  ? -10.559 4.135   1.817   1.00 11.55 ? 6   TRP A NE1 1 
ATOM   57   C CE2 . TRP A 1 10  ? -11.447 3.101   1.662   1.00 10.21 ? 6   TRP A CE2 1 
ATOM   58   C CE3 . TRP A 1 10  ? -11.908 0.952   2.695   1.00 9.81  ? 6   TRP A CE3 1 
ATOM   59   C CZ2 . TRP A 1 10  ? -12.479 2.928   0.730   1.00 11.45 ? 6   TRP A CZ2 1 
ATOM   60   C CZ3 . TRP A 1 10  ? -12.941 0.783   1.769   1.00 10.60 ? 6   TRP A CZ3 1 
ATOM   61   C CH2 . TRP A 1 10  ? -13.212 1.766   0.804   1.00 11.22 ? 6   TRP A CH2 1 
ATOM   62   N N   . GLU A 1 11  ? -9.227  0.604   7.496   1.00 9.37  ? 7   GLU A N   1 
ATOM   63   C CA  . GLU A 1 11  ? -8.368  -0.095  8.456   1.00 9.69  ? 7   GLU A CA  1 
ATOM   64   C C   . GLU A 1 11  ? -8.248  -1.569  8.112   1.00 9.82  ? 7   GLU A C   1 
ATOM   65   O O   . GLU A 1 11  ? -9.244  -2.227  7.795   1.00 9.87  ? 7   GLU A O   1 
ATOM   66   C CB  . GLU A 1 11  ? -8.929  0.062   9.869   1.00 9.83  ? 7   GLU A CB  1 
ATOM   67   C CG  . GLU A 1 11  ? -8.075  -0.517  10.978  1.00 10.63 ? 7   GLU A CG  1 
ATOM   68   C CD  . GLU A 1 11  ? -8.798  -0.415  12.311  1.00 13.47 ? 7   GLU A CD  1 
ATOM   69   O OE1 . GLU A 1 11  ? -8.457  0.481   13.122  1.00 13.93 ? 7   GLU A OE1 1 
ATOM   70   O OE2 . GLU A 1 11  ? -9.736  -1.222  12.533  1.00 13.84 ? 7   GLU A OE2 1 
ATOM   71   N N   . THR A 1 12  ? -7.023  -2.076  8.170   1.00 10.26 ? 8   THR A N   1 
ATOM   72   C CA  . THR A 1 12  ? -6.758  -3.473  7.833   1.00 11.72 ? 8   THR A CA  1 
ATOM   73   C C   . THR A 1 12  ? -7.692  -4.395  8.603   1.00 12.66 ? 8   THR A C   1 
ATOM   74   O O   . THR A 1 12  ? -7.829  -4.278  9.817   1.00 12.59 ? 8   THR A O   1 
ATOM   75   C CB  . THR A 1 12  ? -5.313  -3.833  8.152   1.00 11.91 ? 8   THR A CB  1 
ATOM   76   O OG1 . THR A 1 12  ? -4.441  -2.930  7.461   1.00 13.04 ? 8   THR A OG1 1 
ATOM   77   C CG2 . THR A 1 12  ? -5.016  -5.253  7.706   1.00 13.78 ? 8   THR A CG2 1 
ATOM   78   N N   . GLU A 1 13  ? -8.315  -5.324  7.882   1.00 13.74 ? 9   GLU A N   1 
ATOM   79   C CA  . GLU A 1 13  ? -9.264  -6.282  8.461   1.00 16.52 ? 9   GLU A CA  1 
ATOM   80   C C   . GLU A 1 13  ? -8.745  -7.704  8.256   1.00 17.03 ? 9   GLU A C   1 
ATOM   81   O O   . GLU A 1 13  ? -8.818  -8.543  9.164   1.00 17.29 ? 9   GLU A O   1 
ATOM   82   C CB  . GLU A 1 13  ? -10.624 -6.073  7.796   1.00 16.74 ? 9   GLU A CB  1 
ATOM   83   C CG  . GLU A 1 13  ? -11.733 -7.024  8.174   1.00 19.40 ? 9   GLU A CG  1 
ATOM   84   C CD  . GLU A 1 13  ? -13.007 -6.743  7.395   1.00 18.98 ? 9   GLU A CD  1 
ATOM   85   O OE1 . GLU A 1 13  ? -14.089 -6.734  8.018   1.00 24.04 ? 9   GLU A OE1 1 
ATOM   86   O OE2 . GLU A 1 13  ? -12.930 -6.543  6.161   1.00 23.41 ? 9   GLU A OE2 1 
ATOM   87   N N   . SER A 1 14  ? -8.196  -7.945  7.065   1.00 17.52 ? 10  SER A N   1 
ATOM   88   C CA  . SER A 1 14  ? -7.640  -9.240  6.660   1.00 18.13 ? 10  SER A CA  1 
ATOM   89   C C   . SER A 1 14  ? -6.242  -9.019  6.094   1.00 17.93 ? 10  SER A C   1 
ATOM   90   O O   . SER A 1 14  ? -5.967  -7.996  5.460   1.00 17.70 ? 10  SER A O   1 
ATOM   91   C CB  . SER A 1 14  ? -8.515  -9.886  5.584   1.00 18.25 ? 10  SER A CB  1 
ATOM   92   O OG  . SER A 1 14  ? -9.858  -10.009 6.021   1.00 21.13 ? 10  SER A OG  1 
ATOM   93   N N   . GLN A 1 15  ? -5.364  -9.993  6.306   1.00 17.62 ? 11  GLN A N   1 
ATOM   94   C CA  . GLN A 1 15  ? -3.990  -9.894  5.848   1.00 17.50 ? 11  GLN A CA  1 
ATOM   95   C C   . GLN A 1 15  ? -3.442  -11.285 5.575   1.00 17.06 ? 11  GLN A C   1 
ATOM   96   O O   . GLN A 1 15  ? -3.528  -12.153 6.434   1.00 17.06 ? 11  GLN A O   1 
ATOM   97   C CB  . GLN A 1 15  ? -3.161  -9.198  6.919   1.00 18.07 ? 11  GLN A CB  1 
ATOM   98   C CG  . GLN A 1 15  ? -1.866  -8.595  6.422   1.00 19.54 ? 11  GLN A CG  1 
ATOM   99   C CD  . GLN A 1 15  ? -1.342  -7.528  7.362   1.00 21.55 ? 11  GLN A CD  1 
ATOM   100  O OE1 . GLN A 1 15  ? -1.529  -6.329  7.132   1.00 23.66 ? 11  GLN A OE1 1 
ATOM   101  N NE2 . GLN A 1 15  ? -0.712  -7.958  8.447   1.00 22.40 ? 11  GLN A NE2 1 
ATOM   102  N N   . GLU A 1 16  ? -2.885  -11.493 4.383   1.00 16.09 ? 12  GLU A N   1 
ATOM   103  C CA  . GLU A 1 16  ? -2.276  -12.779 4.022   1.00 16.02 ? 12  GLU A CA  1 
ATOM   104  C C   . GLU A 1 16  ? -0.886  -12.554 3.454   1.00 14.87 ? 12  GLU A C   1 
ATOM   105  O O   . GLU A 1 16  ? -0.683  -11.631 2.663   1.00 13.81 ? 12  GLU A O   1 
ATOM   106  C CB  . GLU A 1 16  ? -3.109  -13.518 2.972   1.00 15.86 ? 12  GLU A CB  1 
ATOM   107  C CG  . GLU A 1 16  ? -4.432  -14.072 3.456   1.00 18.14 ? 12  GLU A CG  1 
ATOM   108  C CD  . GLU A 1 16  ? -5.113  -14.907 2.387   1.00 19.07 ? 12  GLU A CD  1 
ATOM   109  O OE1 . GLU A 1 16  ? -4.783  -16.105 2.257   1.00 23.41 ? 12  GLU A OE1 1 
ATOM   110  O OE2 . GLU A 1 16  ? -5.976  -14.360 1.666   1.00 24.17 ? 12  GLU A OE2 1 
ATOM   111  N N   . GLY A 1 17  ? 0.058   -13.411 3.835   1.00 14.07 ? 13  GLY A N   1 
ATOM   112  C CA  . GLY A 1 17  ? 1.420   -13.358 3.302   1.00 14.07 ? 13  GLY A CA  1 
ATOM   113  C C   . GLY A 1 17  ? 2.363   -12.346 3.928   1.00 14.06 ? 13  GLY A C   1 
ATOM   114  O O   . GLY A 1 17  ? 3.442   -12.087 3.391   1.00 13.63 ? 13  GLY A O   1 
ATOM   115  N N   . TYR A 1 18  ? 1.970   -11.780 5.064   1.00 14.66 ? 14  TYR A N   1 
ATOM   116  C CA  . TYR A 1 18  ? 2.741   -10.727 5.724   1.00 15.27 ? 14  TYR A CA  1 
ATOM   117  C C   . TYR A 1 18  ? 4.187   -11.144 6.024   1.00 15.51 ? 14  TYR A C   1 
ATOM   118  O O   . TYR A 1 18  ? 5.134   -10.435 5.673   1.00 15.21 ? 14  TYR A O   1 
ATOM   119  C CB  . TYR A 1 18  ? 2.005   -10.285 6.998   1.00 16.21 ? 14  TYR A CB  1 
ATOM   120  C CG  . TYR A 1 18  ? 2.792   -9.417  7.951   1.00 17.04 ? 14  TYR A CG  1 
ATOM   121  C CD1 . TYR A 1 18  ? 2.941   -8.048  7.725   1.00 18.50 ? 14  TYR A CD1 1 
ATOM   122  C CD2 . TYR A 1 18  ? 3.342   -9.963  9.108   1.00 18.14 ? 14  TYR A CD2 1 
ATOM   123  C CE1 . TYR A 1 18  ? 3.652   -7.253  8.625   1.00 18.23 ? 14  TYR A CE1 1 
ATOM   124  C CE2 . TYR A 1 18  ? 4.045   -9.183  10.007  1.00 18.82 ? 14  TYR A CE2 1 
ATOM   125  C CZ  . TYR A 1 18  ? 4.198   -7.836  9.760   1.00 18.41 ? 14  TYR A CZ  1 
ATOM   126  O OH  . TYR A 1 18  ? 4.899   -7.076  10.667  1.00 20.03 ? 14  TYR A OH  1 
ATOM   127  N N   . GLU A 1 19  ? 4.360   -12.298 6.657   1.00 15.19 ? 15  GLU A N   1 
ATOM   128  C CA  . GLU A 1 19  ? 5.700   -12.731 7.051   1.00 15.92 ? 15  GLU A CA  1 
ATOM   129  C C   . GLU A 1 19  ? 6.622   -13.090 5.874   1.00 15.64 ? 15  GLU A C   1 
ATOM   130  O O   . GLU A 1 19  ? 7.727   -12.561 5.805   1.00 16.17 ? 15  GLU A O   1 
ATOM   131  C CB  . GLU A 1 19  ? 5.640   -13.820 8.121   1.00 16.30 ? 15  GLU A CB  1 
ATOM   132  C CG  . GLU A 1 19  ? 4.937   -13.316 9.369   1.00 19.31 ? 15  GLU A CG  1 
ATOM   133  C CD  . GLU A 1 19  ? 5.037   -14.234 10.562  1.00 22.87 ? 15  GLU A CD  1 
ATOM   134  O OE1 . GLU A 1 19  ? 5.887   -15.162 10.561  1.00 25.07 ? 15  GLU A OE1 1 
ATOM   135  O OE2 . GLU A 1 19  ? 4.256   -14.005 11.520  1.00 25.52 ? 15  GLU A OE2 1 
ATOM   136  N N   . PRO A 1 20  ? 6.177   -13.963 4.945   1.00 15.67 ? 16  PRO A N   1 
ATOM   137  C CA  . PRO A 1 20  ? 7.050   -14.233 3.795   1.00 15.27 ? 16  PRO A CA  1 
ATOM   138  C C   . PRO A 1 20  ? 7.378   -12.998 2.952   1.00 15.07 ? 16  PRO A C   1 
ATOM   139  O O   . PRO A 1 20  ? 8.505   -12.877 2.469   1.00 15.04 ? 16  PRO A O   1 
ATOM   140  C CB  . PRO A 1 20  ? 6.249   -15.247 2.968   1.00 15.23 ? 16  PRO A CB  1 
ATOM   141  C CG  . PRO A 1 20  ? 5.290   -15.851 3.922   1.00 15.87 ? 16  PRO A CG  1 
ATOM   142  C CD  . PRO A 1 20  ? 4.937   -14.760 4.882   1.00 15.65 ? 16  PRO A CD  1 
ATOM   143  N N   . PHE A 1 21  ? 6.415   -12.090 2.782   1.00 14.78 ? 17  PHE A N   1 
ATOM   144  C CA  . PHE A 1 21  ? 6.654   -10.882 1.994   1.00 14.68 ? 17  PHE A CA  1 
ATOM   145  C C   . PHE A 1 21  ? 7.693   -9.994  2.680   1.00 15.44 ? 17  PHE A C   1 
ATOM   146  O O   . PHE A 1 21  ? 8.645   -9.551  2.046   1.00 15.26 ? 17  PHE A O   1 
ATOM   147  C CB  . PHE A 1 21  ? 5.360   -10.097 1.745   1.00 14.55 ? 17  PHE A CB  1 
ATOM   148  C CG  . PHE A 1 21  ? 5.582   -8.791  1.026   1.00 13.60 ? 17  PHE A CG  1 
ATOM   149  C CD1 . PHE A 1 21  ? 5.664   -8.748  -0.363  1.00 13.79 ? 17  PHE A CD1 1 
ATOM   150  C CD2 . PHE A 1 21  ? 5.726   -7.603  1.742   1.00 12.71 ? 17  PHE A CD2 1 
ATOM   151  C CE1 . PHE A 1 21  ? 5.886   -7.541  -1.018  1.00 14.08 ? 17  PHE A CE1 1 
ATOM   152  C CE2 . PHE A 1 21  ? 5.947   -6.392  1.086   1.00 13.53 ? 17  PHE A CE2 1 
ATOM   153  C CZ  . PHE A 1 21  ? 6.028   -6.368  -0.296  1.00 13.29 ? 17  PHE A CZ  1 
ATOM   154  N N   . CYS A 1 22  ? 7.509   -9.751  3.975   1.00 16.31 ? 18  CYS A N   1 
ATOM   155  C CA  . CYS A 1 22  ? 8.419   -8.885  4.713   1.00 17.85 ? 18  CYS A CA  1 
ATOM   156  C C   . CYS A 1 22  ? 9.827   -9.480  4.759   1.00 18.24 ? 18  CYS A C   1 
ATOM   157  O O   . CYS A 1 22  ? 10.816  -8.758  4.629   1.00 18.61 ? 18  CYS A O   1 
ATOM   158  C CB  . CYS A 1 22  ? 7.894   -8.616  6.119   1.00 18.02 ? 18  CYS A CB  1 
ATOM   159  S SG  . CYS A 1 22  ? 6.482   -7.505  6.183   1.00 20.45 ? 18  CYS A SG  1 
ATOM   160  N N   . LYS A 1 23  ? 9.908   -10.797 4.917   1.00 18.57 ? 19  LYS A N   1 
ATOM   161  C CA  . LYS A 1 23  ? 11.193  -11.498 4.886   1.00 19.79 ? 19  LYS A CA  1 
ATOM   162  C C   . LYS A 1 23  ? 11.887  -11.365 3.532   1.00 20.13 ? 19  LYS A C   1 
ATOM   163  O O   . LYS A 1 23  ? 13.111  -11.194 3.469   1.00 20.25 ? 19  LYS A O   1 
ATOM   164  C CB  . LYS A 1 23  ? 11.014  -12.971 5.249   1.00 19.66 ? 19  LYS A CB  1 
ATOM   165  C CG  . LYS A 1 23  ? 10.790  -13.223 6.739   1.00 20.41 ? 19  LYS A CG  1 
ATOM   166  C CD  . LYS A 1 23  ? 10.713  -14.711 7.053   1.00 20.99 ? 19  LYS A CD  1 
ATOM   167  C CE  . LYS A 1 23  ? 9.345   -15.294 6.725   1.00 23.61 ? 19  LYS A CE  1 
ATOM   168  N NZ  . LYS A 1 23  ? 9.331   -16.779 6.851   1.00 25.44 ? 19  LYS A NZ  1 
ATOM   169  N N   . LEU A 1 24  ? 11.113  -11.437 2.451   1.00 20.59 ? 20  LEU A N   1 
ATOM   170  C CA  . LEU A 1 24  ? 11.691  -11.379 1.107   1.00 21.30 ? 20  LEU A CA  1 
ATOM   171  C C   . LEU A 1 24  ? 12.254  -9.994  0.783   1.00 21.93 ? 20  LEU A C   1 
ATOM   172  O O   . LEU A 1 24  ? 13.349  -9.888  0.223   1.00 22.16 ? 20  LEU A O   1 
ATOM   173  C CB  . LEU A 1 24  ? 10.682  -11.827 0.041   1.00 21.29 ? 20  LEU A CB  1 
ATOM   174  C CG  . LEU A 1 24  ? 11.183  -11.950 -1.405  1.00 21.32 ? 20  LEU A CG  1 
ATOM   175  C CD1 . LEU A 1 24  ? 12.311  -12.971 -1.545  1.00 22.40 ? 20  LEU A CD1 1 
ATOM   176  C CD2 . LEU A 1 24  ? 10.038  -12.284 -2.352  1.00 21.10 ? 20  LEU A CD2 1 
ATOM   177  N N   . ILE A 1 25  ? 11.524  -8.941  1.153   1.00 22.64 ? 21  ILE A N   1 
ATOM   178  C CA  . ILE A 1 25  ? 11.982  -7.565  0.897   1.00 23.48 ? 21  ILE A CA  1 
ATOM   179  C C   . ILE A 1 25  ? 12.968  -7.043  1.959   1.00 24.36 ? 21  ILE A C   1 
ATOM   180  O O   . ILE A 1 25  ? 13.391  -5.885  1.899   1.00 24.90 ? 21  ILE A O   1 
ATOM   181  C CB  . ILE A 1 25  ? 10.813  -6.558  0.670   1.00 23.51 ? 21  ILE A CB  1 
ATOM   182  C CG1 . ILE A 1 25  ? 9.981   -6.380  1.944   1.00 23.40 ? 21  ILE A CG1 1 
ATOM   183  C CG2 . ILE A 1 25  ? 9.958   -6.974  -0.538  1.00 23.11 ? 21  ILE A CG2 1 
ATOM   184  C CD1 . ILE A 1 25  ? 9.193   -5.075  1.997   1.00 23.94 ? 21  ILE A CD1 1 
ATOM   185  N N   . GLY A 1 26  ? 13.315  -7.895  2.923   1.00 25.12 ? 22  GLY A N   1 
ATOM   186  C CA  . GLY A 1 26  ? 14.426  -7.631  3.843   1.00 26.18 ? 22  GLY A CA  1 
ATOM   187  C C   . GLY A 1 26  ? 14.102  -6.924  5.147   1.00 27.00 ? 22  GLY A C   1 
ATOM   188  O O   . GLY A 1 26  ? 14.975  -6.283  5.741   1.00 27.22 ? 22  GLY A O   1 
ATOM   189  N N   . ILE A 1 27  ? 12.855  -7.036  5.599   1.00 27.45 ? 23  ILE A N   1 
ATOM   190  C CA  . ILE A 1 27  ? 12.457  -6.501  6.901   1.00 28.10 ? 23  ILE A CA  1 
ATOM   191  C C   . ILE A 1 27  ? 13.009  -7.404  8.014   1.00 28.42 ? 23  ILE A C   1 
ATOM   192  O O   . ILE A 1 27  ? 12.850  -8.629  7.948   1.00 28.32 ? 23  ILE A O   1 
ATOM   193  C CB  . ILE A 1 27  ? 10.904  -6.378  7.028   1.00 28.01 ? 23  ILE A CB  1 
ATOM   194  C CG1 . ILE A 1 27  ? 10.293  -5.656  5.811   1.00 28.52 ? 23  ILE A CG1 1 
ATOM   195  C CG2 . ILE A 1 27  ? 10.495  -5.717  8.358   1.00 27.92 ? 23  ILE A CG2 1 
ATOM   196  C CD1 . ILE A 1 27  ? 10.776  -4.229  5.580   1.00 29.14 ? 23  ILE A CD1 1 
ATOM   197  N N   . PRO A 1 28  ? 13.682  -6.806  9.024   1.00 28.97 ? 24  PRO A N   1 
ATOM   198  C CA  . PRO A 1 28  ? 14.191  -7.537  10.194  1.00 29.28 ? 24  PRO A CA  1 
ATOM   199  C C   . PRO A 1 28  ? 13.109  -8.344  10.914  1.00 29.66 ? 24  PRO A C   1 
ATOM   200  O O   . PRO A 1 28  ? 11.946  -7.929  10.953  1.00 29.64 ? 24  PRO A O   1 
ATOM   201  C CB  . PRO A 1 28  ? 14.710  -6.421  11.102  1.00 29.44 ? 24  PRO A CB  1 
ATOM   202  C CG  . PRO A 1 28  ? 15.048  -5.315  10.177  1.00 29.21 ? 24  PRO A CG  1 
ATOM   203  C CD  . PRO A 1 28  ? 14.025  -5.373  9.090   1.00 29.01 ? 24  PRO A CD  1 
ATOM   204  N N   . ASP A 1 29  ? 13.510  -9.479  11.482  1.00 30.02 ? 25  ASP A N   1 
ATOM   205  C CA  . ASP A 1 29  ? 12.583  -10.459 12.050  1.00 30.44 ? 25  ASP A CA  1 
ATOM   206  C C   . ASP A 1 29  ? 11.788  -9.930  13.243  1.00 30.53 ? 25  ASP A C   1 
ATOM   207  O O   . ASP A 1 29  ? 10.593  -10.215 13.377  1.00 30.64 ? 25  ASP A O   1 
ATOM   208  C CB  . ASP A 1 29  ? 13.338  -11.730 12.448  1.00 30.61 ? 25  ASP A CB  1 
ATOM   209  C CG  . ASP A 1 29  ? 12.578  -12.999 12.101  1.00 31.27 ? 25  ASP A CG  1 
ATOM   210  O OD1 . ASP A 1 29  ? 11.361  -12.922 11.816  1.00 32.70 ? 25  ASP A OD1 1 
ATOM   211  O OD2 . ASP A 1 29  ? 13.203  -14.080 12.108  1.00 32.07 ? 25  ASP A OD2 1 
ATOM   212  N N   . ASP A 1 30  ? 12.452  -9.164  14.106  1.00 30.53 ? 26  ASP A N   1 
ATOM   213  C CA  . ASP A 1 30  ? 11.799  -8.592  15.285  1.00 30.46 ? 26  ASP A CA  1 
ATOM   214  C C   . ASP A 1 30  ? 10.783  -7.511  14.912  1.00 29.98 ? 26  ASP A C   1 
ATOM   215  O O   . ASP A 1 30  ? 9.748   -7.373  15.568  1.00 30.07 ? 26  ASP A O   1 
ATOM   216  C CB  . ASP A 1 30  ? 12.834  -8.076  16.295  1.00 30.72 ? 26  ASP A CB  1 
ATOM   217  C CG  . ASP A 1 30  ? 13.478  -9.199  17.107  1.00 31.87 ? 26  ASP A CG  1 
ATOM   218  O OD1 . ASP A 1 30  ? 13.743  -10.289 16.543  1.00 32.93 ? 26  ASP A OD1 1 
ATOM   219  O OD2 . ASP A 1 30  ? 13.732  -8.992  18.316  1.00 33.17 ? 26  ASP A OD2 1 
ATOM   220  N N   . VAL A 1 31  ? 11.073  -6.761  13.850  1.00 29.27 ? 27  VAL A N   1 
ATOM   221  C CA  . VAL A 1 31  ? 10.148  -5.748  13.326  1.00 28.66 ? 27  VAL A CA  1 
ATOM   222  C C   . VAL A 1 31  ? 8.891   -6.416  12.755  1.00 28.08 ? 27  VAL A C   1 
ATOM   223  O O   . VAL A 1 31  ? 7.777   -5.922  12.942  1.00 28.10 ? 27  VAL A O   1 
ATOM   224  C CB  . VAL A 1 31  ? 10.815  -4.854  12.245  1.00 28.65 ? 27  VAL A CB  1 
ATOM   225  C CG1 . VAL A 1 31  ? 9.841   -3.801  11.724  1.00 28.52 ? 27  VAL A CG1 1 
ATOM   226  C CG2 . VAL A 1 31  ? 12.072  -4.190  12.792  1.00 28.94 ? 27  VAL A CG2 1 
ATOM   227  N N   . ILE A 1 32  ? 9.086   -7.536  12.060  1.00 27.20 ? 28  ILE A N   1 
ATOM   228  C CA  . ILE A 1 32  ? 7.976   -8.347  11.557  1.00 26.57 ? 28  ILE A CA  1 
ATOM   229  C C   . ILE A 1 32  ? 7.119   -8.833  12.729  1.00 26.41 ? 28  ILE A C   1 
ATOM   230  O O   . ILE A 1 32  ? 5.896   -8.684  12.717  1.00 25.83 ? 28  ILE A O   1 
ATOM   231  C CB  . ILE A 1 32  ? 8.487   -9.548  10.719  1.00 26.45 ? 28  ILE A CB  1 
ATOM   232  C CG1 . ILE A 1 32  ? 9.159   -9.050  9.434   1.00 26.39 ? 28  ILE A CG1 1 
ATOM   233  C CG2 . ILE A 1 32  ? 7.351   -10.530 10.409  1.00 26.31 ? 28  ILE A CG2 1 
ATOM   234  C CD1 . ILE A 1 32  ? 9.944   -10.107 8.687   1.00 25.99 ? 28  ILE A CD1 1 
ATOM   235  N N   . ALA A 1 33  ? 7.783   -9.385  13.743  1.00 26.36 ? 29  ALA A N   1 
ATOM   236  C CA  . ALA A 1 33  ? 7.114   -9.915  14.927  1.00 26.44 ? 29  ALA A CA  1 
ATOM   237  C C   . ALA A 1 33  ? 6.318   -8.848  15.671  1.00 26.52 ? 29  ALA A C   1 
ATOM   238  O O   . ALA A 1 33  ? 5.179   -9.088  16.076  1.00 26.49 ? 29  ALA A O   1 
ATOM   239  C CB  . ALA A 1 33  ? 8.128   -10.576 15.861  1.00 26.45 ? 29  ALA A CB  1 
ATOM   240  N N   . LYS A 1 34  ? 6.911   -7.669  15.843  1.00 26.58 ? 30  LYS A N   1 
ATOM   241  C CA  . LYS A 1 34  ? 6.266   -6.607  16.616  1.00 26.72 ? 30  LYS A CA  1 
ATOM   242  C C   . LYS A 1 34  ? 5.061   -6.006  15.908  1.00 26.41 ? 30  LYS A C   1 
ATOM   243  O O   . LYS A 1 34  ? 4.139   -5.511  16.561  1.00 26.72 ? 30  LYS A O   1 
ATOM   244  C CB  . LYS A 1 34  ? 7.261   -5.513  17.029  1.00 26.95 ? 30  LYS A CB  1 
ATOM   245  C CG  . LYS A 1 34  ? 7.913   -5.768  18.391  1.00 27.82 ? 30  LYS A CG  1 
ATOM   246  C CD  . LYS A 1 34  ? 9.080   -6.731  18.268  1.00 29.68 ? 30  LYS A CD  1 
ATOM   247  C CE  . LYS A 1 34  ? 8.994   -7.873  19.264  1.00 30.23 ? 30  LYS A CE  1 
ATOM   248  N NZ  . LYS A 1 34  ? 9.857   -9.008  18.824  1.00 29.98 ? 30  LYS A NZ  1 
ATOM   249  N N   . GLY A 1 35  ? 5.067   -6.067  14.577  1.00 26.04 ? 31  GLY A N   1 
ATOM   250  C CA  . GLY A 1 35  ? 4.000   -5.480  13.774  1.00 25.16 ? 31  GLY A CA  1 
ATOM   251  C C   . GLY A 1 35  ? 2.955   -6.442  13.243  1.00 24.65 ? 31  GLY A C   1 
ATOM   252  O O   . GLY A 1 35  ? 2.090   -6.041  12.467  1.00 24.43 ? 31  GLY A O   1 
ATOM   253  N N   . ARG A 1 36  ? 3.013   -7.705  13.667  1.00 24.39 ? 32  ARG A N   1 
ATOM   254  C CA  . ARG A 1 36  ? 2.169   -8.747  13.061  1.00 23.99 ? 32  ARG A CA  1 
ATOM   255  C C   . ARG A 1 36  ? 0.661   -8.611  13.341  1.00 23.24 ? 32  ARG A C   1 
ATOM   256  O O   . ARG A 1 36  ? -0.159  -9.089  12.556  1.00 23.65 ? 32  ARG A O   1 
ATOM   257  C CB  . ARG A 1 36  ? 2.693   -10.162 13.384  1.00 24.20 ? 32  ARG A CB  1 
ATOM   258  C CG  . ARG A 1 36  ? 2.439   -10.652 14.802  1.00 25.31 ? 32  ARG A CG  1 
ATOM   259  C CD  . ARG A 1 36  ? 2.525   -12.180 14.872  1.00 27.28 ? 32  ARG A CD  1 
ATOM   260  N NE  . ARG A 1 36  ? 3.885   -12.681 14.663  1.00 28.99 ? 32  ARG A NE  1 
ATOM   261  C CZ  . ARG A 1 36  ? 4.691   -13.114 15.631  1.00 29.84 ? 32  ARG A CZ  1 
ATOM   262  N NH1 . ARG A 1 36  ? 4.285   -13.123 16.896  1.00 30.23 ? 32  ARG A NH1 1 
ATOM   263  N NH2 . ARG A 1 36  ? 5.907   -13.548 15.331  1.00 30.03 ? 32  ARG A NH2 1 
ATOM   264  N N   . ASP A 1 37  ? 0.304   -7.956  14.444  1.00 21.97 ? 33  ASP A N   1 
ATOM   265  C CA  . ASP A 1 37  ? -1.107  -7.750  14.783  1.00 20.89 ? 33  ASP A CA  1 
ATOM   266  C C   . ASP A 1 37  ? -1.558  -6.290  14.638  1.00 19.41 ? 33  ASP A C   1 
ATOM   267  O O   . ASP A 1 37  ? -2.705  -5.955  14.934  1.00 19.23 ? 33  ASP A O   1 
ATOM   268  C CB  . ASP A 1 37  ? -1.403  -8.270  16.195  1.00 21.49 ? 33  ASP A CB  1 
ATOM   269  C CG  . ASP A 1 37  ? -1.127  -9.769  16.347  1.00 22.83 ? 33  ASP A CG  1 
ATOM   270  O OD1 . ASP A 1 37  ? -0.786  -10.175 17.472  1.00 25.00 ? 33  ASP A OD1 1 
ATOM   271  O OD2 . ASP A 1 37  ? -1.254  -10.530 15.358  1.00 24.43 ? 33  ASP A OD2 1 
ATOM   272  N N   . PHE A 1 38  ? -0.660  -5.429  14.172  1.00 17.67 ? 34  PHE A N   1 
ATOM   273  C CA  . PHE A 1 38  ? -0.979  -4.012  13.973  1.00 16.16 ? 34  PHE A CA  1 
ATOM   274  C C   . PHE A 1 38  ? -1.969  -3.885  12.819  1.00 15.87 ? 34  PHE A C   1 
ATOM   275  O O   . PHE A 1 38  ? -1.833  -4.564  11.802  1.00 16.27 ? 34  PHE A O   1 
ATOM   276  C CB  . PHE A 1 38  ? 0.307   -3.225  13.683  1.00 15.80 ? 34  PHE A CB  1 
ATOM   277  C CG  . PHE A 1 38  ? 0.123   -1.719  13.601  1.00 13.94 ? 34  PHE A CG  1 
ATOM   278  C CD1 . PHE A 1 38  ? 0.067   -0.940  14.758  1.00 14.99 ? 34  PHE A CD1 1 
ATOM   279  C CD2 . PHE A 1 38  ? 0.038   -1.083  12.367  1.00 14.03 ? 34  PHE A CD2 1 
ATOM   280  C CE1 . PHE A 1 38  ? -0.080  0.450   14.689  1.00 13.89 ? 34  PHE A CE1 1 
ATOM   281  C CE2 . PHE A 1 38  ? -0.121  0.312   12.283  1.00 13.08 ? 34  PHE A CE2 1 
ATOM   282  C CZ  . PHE A 1 38  ? -0.179  1.077   13.442  1.00 14.72 ? 34  PHE A CZ  1 
ATOM   283  N N   . LYS A 1 39  ? -2.967  -3.023  12.985  1.00 15.20 ? 35  LYS A N   1 
ATOM   284  C CA  . LYS A 1 39  ? -3.937  -2.777  11.919  1.00 14.97 ? 35  LYS A CA  1 
ATOM   285  C C   . LYS A 1 39  ? -3.634  -1.427  11.278  1.00 14.42 ? 35  LYS A C   1 
ATOM   286  O O   . LYS A 1 39  ? -3.866  -0.377  11.875  1.00 15.16 ? 35  LYS A O   1 
ATOM   287  C CB  . LYS A 1 39  ? -5.372  -2.826  12.458  1.00 15.37 ? 35  LYS A CB  1 
ATOM   288  C CG  . LYS A 1 39  ? -5.731  -4.154  13.091  1.00 17.94 ? 35  LYS A CG  1 
ATOM   289  C CD  . LYS A 1 39  ? -7.225  -4.300  13.347  1.00 21.87 ? 35  LYS A CD  1 
ATOM   290  C CE  . LYS A 1 39  ? -7.612  -3.840  14.726  1.00 24.10 ? 35  LYS A CE  1 
ATOM   291  N NZ  . LYS A 1 39  ? -6.974  -4.628  15.826  1.00 24.64 ? 35  LYS A NZ  1 
ATOM   292  N N   . LEU A 1 40  ? -3.097  -1.453  10.068  1.00 13.14 ? 36  LEU A N   1 
ATOM   293  C CA  . LEU A 1 40  ? -2.753  -0.206  9.408   1.00 12.41 ? 36  LEU A CA  1 
ATOM   294  C C   . LEU A 1 40  ? -4.006  0.556   8.988   1.00 11.02 ? 36  LEU A C   1 
ATOM   295  O O   . LEU A 1 40  ? -4.884  -0.008  8.319   1.00 11.49 ? 36  LEU A O   1 
ATOM   296  C CB  . LEU A 1 40  ? -1.918  -0.491  8.173   1.00 12.51 ? 36  LEU A CB  1 
ATOM   297  C CG  . LEU A 1 40  ? -1.354  0.715   7.430   1.00 13.19 ? 36  LEU A CG  1 
ATOM   298  C CD1 . LEU A 1 40  ? -0.243  1.336   8.268   1.00 14.29 ? 36  LEU A CD1 1 
ATOM   299  C CD2 . LEU A 1 40  ? -0.822  0.279   6.056   1.00 13.48 ? 36  LEU A CD2 1 
ATOM   300  N N   . VAL A 1 41  ? -4.069  1.835   9.363   1.00 10.33 ? 37  VAL A N   1 
ATOM   301  C CA  . VAL A 1 41  ? -5.106  2.750   8.873   1.00 9.93  ? 37  VAL A CA  1 
ATOM   302  C C   . VAL A 1 41  ? -4.587  3.540   7.681   1.00 10.40 ? 37  VAL A C   1 
ATOM   303  O O   . VAL A 1 41  ? -3.476  4.079   7.707   1.00 10.08 ? 37  VAL A O   1 
ATOM   304  C CB  . VAL A 1 41  ? -5.616  3.705   9.969   1.00 9.72  ? 37  VAL A CB  1 
ATOM   305  C CG1 . VAL A 1 41  ? -6.568  4.751   9.397   1.00 9.69  ? 37  VAL A CG1 1 
ATOM   306  C CG2 . VAL A 1 41  ? -6.325  2.907   11.049  1.00 10.17 ? 37  VAL A CG2 1 
ATOM   307  N N   . THR A 1 42  ? -5.405  3.572   6.637   1.00 10.32 ? 38  THR A N   1 
ATOM   308  C CA  . THR A 1 42  ? -5.099  4.279   5.401   1.00 10.54 ? 38  THR A CA  1 
ATOM   309  C C   . THR A 1 42  ? -6.123  5.379   5.210   1.00 10.72 ? 38  THR A C   1 
ATOM   310  O O   . THR A 1 42  ? -7.324  5.131   5.298   1.00 11.09 ? 38  THR A O   1 
ATOM   311  C CB  . THR A 1 42  ? -5.171  3.322   4.189   1.00 10.85 ? 38  THR A CB  1 
ATOM   312  O OG1 . THR A 1 42  ? -4.199  2.283   4.336   1.00 11.48 ? 38  THR A OG1 1 
ATOM   313  C CG2 . THR A 1 42  ? -4.884  4.061   2.899   1.00 11.84 ? 38  THR A CG2 1 
ATOM   314  N N   . GLU A 1 43  ? -5.653  6.590   4.939   1.00 10.06 ? 39  GLU A N   1 
ATOM   315  C CA  . GLU A 1 43  ? -6.534  7.692   4.594   1.00 10.49 ? 39  GLU A CA  1 
ATOM   316  C C   . GLU A 1 43  ? -6.274  8.078   3.140   1.00 10.32 ? 39  GLU A C   1 
ATOM   317  O O   . GLU A 1 43  ? -5.127  8.332   2.755   1.00 10.10 ? 39  GLU A O   1 
ATOM   318  C CB  . GLU A 1 43  ? -6.264  8.873   5.514   1.00 11.47 ? 39  GLU A CB  1 
ATOM   319  C CG  . GLU A 1 43  ? -7.127  10.078  5.252   1.00 13.76 ? 39  GLU A CG  1 
ATOM   320  C CD  . GLU A 1 43  ? -6.698  11.272  6.086   1.00 17.71 ? 39  GLU A CD  1 
ATOM   321  O OE1 . GLU A 1 43  ? -5.595  11.234  6.693   1.00 19.47 ? 39  GLU A OE1 1 
ATOM   322  O OE2 . GLU A 1 43  ? -7.466  12.246  6.132   1.00 19.83 ? 39  GLU A OE2 1 
ATOM   323  N N   . ILE A 1 44  ? -7.337  8.117   2.345   1.00 9.52  ? 40  ILE A N   1 
ATOM   324  C CA  . ILE A 1 44  ? -7.191  8.473   0.930   1.00 10.14 ? 40  ILE A CA  1 
ATOM   325  C C   . ILE A 1 44  ? -8.084  9.653   0.571   1.00 10.49 ? 40  ILE A C   1 
ATOM   326  O O   . ILE A 1 44  ? -9.258  9.693   0.943   1.00 10.21 ? 40  ILE A O   1 
ATOM   327  C CB  . ILE A 1 44  ? -7.488  7.285   -0.013  1.00 10.26 ? 40  ILE A CB  1 
ATOM   328  C CG1 . ILE A 1 44  ? -6.666  6.057   0.396   1.00 10.32 ? 40  ILE A CG1 1 
ATOM   329  C CG2 . ILE A 1 44  ? -7.185  7.674   -1.487  1.00 10.58 ? 40  ILE A CG2 1 
ATOM   330  C CD1 . ILE A 1 44  ? -7.219  4.752   -0.134  1.00 12.75 ? 40  ILE A CD1 1 
ATOM   331  N N   . VAL A 1 45  ? -7.505  10.626  -0.138  1.00 11.04 ? 41  VAL A N   1 
ATOM   332  C CA  . VAL A 1 45  ? -8.279  11.676  -0.783  1.00 11.99 ? 41  VAL A CA  1 
ATOM   333  C C   . VAL A 1 45  ? -8.033  11.528  -2.278  1.00 11.70 ? 41  VAL A C   1 
ATOM   334  O O   . VAL A 1 45  ? -6.890  11.656  -2.750  1.00 11.74 ? 41  VAL A O   1 
ATOM   335  C CB  . VAL A 1 45  ? -7.909  13.101  -0.281  1.00 11.75 ? 41  VAL A CB  1 
ATOM   336  C CG1 . VAL A 1 45  ? -8.743  14.143  -1.020  1.00 13.86 ? 41  VAL A CG1 1 
ATOM   337  C CG2 . VAL A 1 45  ? -8.132  13.223  1.223   1.00 13.23 ? 41  VAL A CG2 1 
ATOM   338  N N   . GLN A 1 46  ? -9.090  11.194  -3.008  1.00 11.70 ? 42  GLN A N   1 
ATOM   339  C CA  . GLN A 1 46  ? -9.000  10.992  -4.444  1.00 11.60 ? 42  GLN A CA  1 
ATOM   340  C C   . GLN A 1 46  ? -9.840  12.062  -5.130  1.00 11.87 ? 42  GLN A C   1 
ATOM   341  O O   . GLN A 1 46  ? -11.059 12.132  -4.926  1.00 12.37 ? 42  GLN A O   1 
ATOM   342  C CB  . GLN A 1 46  ? -9.510  9.607   -4.833  1.00 12.39 ? 42  GLN A CB  1 
ATOM   343  C CG  . GLN A 1 46  ? -9.536  9.403   -6.330  1.00 13.61 ? 42  GLN A CG  1 
ATOM   344  C CD  . GLN A 1 46  ? -10.258 8.144   -6.782  1.00 16.08 ? 42  GLN A CD  1 
ATOM   345  O OE1 . GLN A 1 46  ? -10.186 7.787   -7.959  1.00 18.30 ? 42  GLN A OE1 1 
ATOM   346  N NE2 . GLN A 1 46  ? -10.974 7.483   -5.873  1.00 15.79 ? 42  GLN A NE2 1 
ATOM   347  N N   . ASN A 1 47  ? -9.173  12.904  -5.913  1.00 10.98 ? 43  ASN A N   1 
ATOM   348  C CA  . ASN A 1 47  ? -9.852  13.881  -6.739  1.00 11.77 ? 43  ASN A CA  1 
ATOM   349  C C   . ASN A 1 47  ? -9.514  13.563  -8.193  1.00 11.00 ? 43  ASN A C   1 
ATOM   350  O O   . ASN A 1 47  ? -8.521  14.034  -8.749  1.00 11.00 ? 43  ASN A O   1 
ATOM   351  C CB  . ASN A 1 47  ? -9.455  15.304  -6.325  1.00 12.52 ? 43  ASN A CB  1 
ATOM   352  C CG  . ASN A 1 47  ? -9.883  15.650  -4.892  1.00 15.07 ? 43  ASN A CG  1 
ATOM   353  O OD1 . ASN A 1 47  ? -10.854 15.108  -4.363  1.00 17.88 ? 43  ASN A OD1 1 
ATOM   354  N ND2 . ASN A 1 47  ? -9.146  16.551  -4.263  1.00 20.06 ? 43  ASN A ND2 1 
ATOM   355  N N   . GLY A 1 48  ? -10.339 12.716  -8.801  1.00 10.45 ? 44  GLY A N   1 
ATOM   356  C CA  . GLY A 1 48  ? -10.049 12.196  -10.136 1.00 9.84  ? 44  GLY A CA  1 
ATOM   357  C C   . GLY A 1 48  ? -8.765  11.384  -10.137 1.00 9.99  ? 44  GLY A C   1 
ATOM   358  O O   . GLY A 1 48  ? -8.635  10.407  -9.394  1.00 10.20 ? 44  GLY A O   1 
ATOM   359  N N   . ASP A 1 49  ? -7.823  11.803  -10.975 1.00 9.41  ? 45  ASP A N   1 
ATOM   360  C CA  . ASP A 1 49  ? -6.525  11.135  -11.098 1.00 9.82  ? 45  ASP A CA  1 
ATOM   361  C C   . ASP A 1 49  ? -5.552  11.557  -9.997  1.00 9.45  ? 45  ASP A C   1 
ATOM   362  O O   . ASP A 1 49  ? -4.468  10.982  -9.867  1.00 9.89  ? 45  ASP A O   1 
ATOM   363  C CB  . ASP A 1 49  ? -5.881  11.461  -12.442 1.00 10.53 ? 45  ASP A CB  1 
ATOM   364  C CG  . ASP A 1 49  ? -6.626  10.852  -13.618 1.00 12.48 ? 45  ASP A CG  1 
ATOM   365  O OD1 . ASP A 1 49  ? -6.449  11.354  -14.744 1.00 16.03 ? 45  ASP A OD1 1 
ATOM   366  O OD2 . ASP A 1 49  ? -7.378  9.876   -13.402 1.00 15.94 ? 45  ASP A OD2 1 
ATOM   367  N N   . ASP A 1 50  ? -5.948  12.562  -9.217  1.00 9.42  ? 46  ASP A N   1 
ATOM   368  C CA  . ASP A 1 50  ? -5.092  13.143  -8.182  1.00 9.89  ? 46  ASP A CA  1 
ATOM   369  C C   . ASP A 1 50  ? -5.342  12.472  -6.832  1.00 9.84  ? 46  ASP A C   1 
ATOM   370  O O   . ASP A 1 50  ? -6.422  12.619  -6.247  1.00 9.84  ? 46  ASP A O   1 
ATOM   371  C CB  . ASP A 1 50  ? -5.379  14.650  -8.130  1.00 10.62 ? 46  ASP A CB  1 
ATOM   372  C CG  . ASP A 1 50  ? -4.531  15.394  -7.113  1.00 13.99 ? 46  ASP A CG  1 
ATOM   373  O OD1 . ASP A 1 50  ? -4.200  14.828  -6.054  1.00 16.34 ? 46  ASP A OD1 1 
ATOM   374  O OD2 . ASP A 1 50  ? -4.245  16.590  -7.369  1.00 18.27 ? 46  ASP A OD2 1 
ATOM   375  N N   . PHE A 1 51  ? -4.343  11.742  -6.332  1.00 9.43  ? 47  PHE A N   1 
ATOM   376  C CA  . PHE A 1 51  ? -4.465  11.022  -5.053  1.00 9.14  ? 47  PHE A CA  1 
ATOM   377  C C   . PHE A 1 51  ? -3.536  11.574  -3.988  1.00 9.57  ? 47  PHE A C   1 
ATOM   378  O O   . PHE A 1 51  ? -2.389  11.928  -4.276  1.00 9.93  ? 47  PHE A O   1 
ATOM   379  C CB  . PHE A 1 51  ? -4.081  9.548   -5.208  1.00 9.37  ? 47  PHE A CB  1 
ATOM   380  C CG  . PHE A 1 51  ? -5.093  8.711   -5.922  1.00 8.51  ? 47  PHE A CG  1 
ATOM   381  C CD1 . PHE A 1 51  ? -5.179  8.740   -7.309  1.00 9.76  ? 47  PHE A CD1 1 
ATOM   382  C CD2 . PHE A 1 51  ? -5.929  7.849   -5.206  1.00 10.61 ? 47  PHE A CD2 1 
ATOM   383  C CE1 . PHE A 1 51  ? -6.100  7.953   -7.982  1.00 9.75  ? 47  PHE A CE1 1 
ATOM   384  C CE2 . PHE A 1 51  ? -6.856  7.043   -5.878  1.00 10.91 ? 47  PHE A CE2 1 
ATOM   385  C CZ  . PHE A 1 51  ? -6.940  7.094   -7.260  1.00 11.17 ? 47  PHE A CZ  1 
ATOM   386  N N   . THR A 1 52  ? -4.032  11.613  -2.753  1.00 9.48  ? 48  THR A N   1 
ATOM   387  C CA  . THR A 1 52  ? -3.188  11.794  -1.571  1.00 9.86  ? 48  THR A CA  1 
ATOM   388  C C   . THR A 1 52  ? -3.439  10.568  -0.708  1.00 10.06 ? 48  THR A C   1 
ATOM   389  O O   . THR A 1 52  ? -4.571  10.334  -0.267  1.00 10.08 ? 48  THR A O   1 
ATOM   390  C CB  . THR A 1 52  ? -3.549  13.067  -0.784  1.00 10.48 ? 48  THR A CB  1 
ATOM   391  O OG1 . THR A 1 52  ? -3.454  14.205  -1.647  1.00 12.29 ? 48  THR A OG1 1 
ATOM   392  C CG2 . THR A 1 52  ? -2.611  13.245  0.419   1.00 11.76 ? 48  THR A CG2 1 
ATOM   393  N N   . TRP A 1 53  ? -2.384  9.800   -0.472  1.00 9.79  ? 49  TRP A N   1 
ATOM   394  C CA  . TRP A 1 53  ? -2.521  8.473   0.117   1.00 10.14 ? 49  TRP A CA  1 
ATOM   395  C C   . TRP A 1 53  ? -1.676  8.431   1.379   1.00 10.24 ? 49  TRP A C   1 
ATOM   396  O O   . TRP A 1 53  ? -0.458  8.496   1.306   1.00 10.44 ? 49  TRP A O   1 
ATOM   397  C CB  . TRP A 1 53  ? -2.011  7.448   -0.897  1.00 10.77 ? 49  TRP A CB  1 
ATOM   398  C CG  . TRP A 1 53  ? -2.465  6.052   -0.642  1.00 11.00 ? 49  TRP A CG  1 
ATOM   399  C CD1 . TRP A 1 53  ? -2.101  5.238   0.394   1.00 12.09 ? 49  TRP A CD1 1 
ATOM   400  C CD2 . TRP A 1 53  ? -3.370  5.293   -1.456  1.00 10.54 ? 49  TRP A CD2 1 
ATOM   401  N NE1 . TRP A 1 53  ? -2.725  4.014   0.275   1.00 12.80 ? 49  TRP A NE1 1 
ATOM   402  C CE2 . TRP A 1 53  ? -3.508  4.026   -0.852  1.00 12.05 ? 49  TRP A CE2 1 
ATOM   403  C CE3 . TRP A 1 53  ? -4.066  5.560   -2.644  1.00 11.70 ? 49  TRP A CE3 1 
ATOM   404  C CZ2 . TRP A 1 53  ? -4.315  3.024   -1.396  1.00 13.02 ? 49  TRP A CZ2 1 
ATOM   405  C CZ3 . TRP A 1 53  ? -4.882  4.565   -3.178  1.00 12.12 ? 49  TRP A CZ3 1 
ATOM   406  C CH2 . TRP A 1 53  ? -4.999  3.315   -2.546  1.00 12.80 ? 49  TRP A CH2 1 
ATOM   407  N N   . THR A 1 54  ? -2.334  8.340   2.533   1.00 9.82  ? 50  THR A N   1 
ATOM   408  C CA  . THR A 1 54  ? -1.647  8.441   3.823   1.00 10.21 ? 50  THR A CA  1 
ATOM   409  C C   . THR A 1 54  ? -1.788  7.145   4.611   1.00 10.50 ? 50  THR A C   1 
ATOM   410  O O   . THR A 1 54  ? -2.887  6.601   4.733   1.00 10.52 ? 50  THR A O   1 
ATOM   411  C CB  . THR A 1 54  ? -2.219  9.633   4.631   1.00 11.13 ? 50  THR A CB  1 
ATOM   412  O OG1 . THR A 1 54  ? -2.085  10.840  3.867   1.00 11.83 ? 50  THR A OG1 1 
ATOM   413  C CG2 . THR A 1 54  ? -1.496  9.799   5.949   1.00 11.96 ? 50  THR A CG2 1 
ATOM   414  N N   . GLN A 1 55  ? -0.669  6.643   5.124   1.00 9.53  ? 51  GLN A N   1 
ATOM   415  C CA  . GLN A 1 55  ? -0.675  5.418   5.922   1.00 9.81  ? 51  GLN A CA  1 
ATOM   416  C C   . GLN A 1 55  ? -0.095  5.708   7.291   1.00 9.73  ? 51  GLN A C   1 
ATOM   417  O O   . GLN A 1 55  ? 0.976   6.316   7.416   1.00 9.90  ? 51  GLN A O   1 
ATOM   418  C CB  . GLN A 1 55  ? 0.132   4.293   5.252   1.00 11.09 ? 51  GLN A CB  1 
ATOM   419  C CG  . GLN A 1 55  ? -0.386  3.908   3.877   1.00 12.95 ? 51  GLN A CG  1 
ATOM   420  C CD  . GLN A 1 55  ? 0.552   2.958   3.163   1.00 16.55 ? 51  GLN A CD  1 
ATOM   421  O OE1 . GLN A 1 55  ? 1.764   3.160   3.153   1.00 18.89 ? 51  GLN A OE1 1 
ATOM   422  N NE2 . GLN A 1 55  ? -0.003  1.923   2.556   1.00 18.43 ? 51  GLN A NE2 1 
ATOM   423  N N   . TYR A 1 56  ? -0.801  5.242   8.317   1.00 9.60  ? 52  TYR A N   1 
ATOM   424  C CA  . TYR A 1 56  ? -0.426  5.484   9.695   1.00 9.43  ? 52  TYR A CA  1 
ATOM   425  C C   . TYR A 1 56  ? 0.260   4.263   10.293  1.00 9.84  ? 52  TYR A C   1 
ATOM   426  O O   . TYR A 1 56  ? -0.381  3.386   10.878  1.00 10.44 ? 52  TYR A O   1 
ATOM   427  C CB  . TYR A 1 56  ? -1.667  5.883   10.501  1.00 9.96  ? 52  TYR A CB  1 
ATOM   428  C CG  . TYR A 1 56  ? -2.244  7.212   10.058  1.00 9.66  ? 52  TYR A CG  1 
ATOM   429  C CD1 . TYR A 1 56  ? -1.840  8.399   10.658  1.00 11.11 ? 52  TYR A CD1 1 
ATOM   430  C CD2 . TYR A 1 56  ? -3.189  7.283   9.023   1.00 10.91 ? 52  TYR A CD2 1 
ATOM   431  C CE1 . TYR A 1 56  ? -2.351  9.629   10.262  1.00 12.30 ? 52  TYR A CE1 1 
ATOM   432  C CE2 . TYR A 1 56  ? -3.716  8.513   8.618   1.00 11.64 ? 52  TYR A CE2 1 
ATOM   433  C CZ  . TYR A 1 56  ? -3.291  9.685   9.239   1.00 12.12 ? 52  TYR A CZ  1 
ATOM   434  O OH  . TYR A 1 56  ? -3.782  10.922  8.845   1.00 12.93 ? 52  TYR A OH  1 
ATOM   435  N N   . TYR A 1 57  ? 1.573   4.212   10.115  1.00 9.53  ? 53  TYR A N   1 
ATOM   436  C CA  . TYR A 1 57  ? 2.368   3.105   10.627  1.00 10.07 ? 53  TYR A CA  1 
ATOM   437  C C   . TYR A 1 57  ? 2.633   3.256   12.125  1.00 9.87  ? 53  TYR A C   1 
ATOM   438  O O   . TYR A 1 57  ? 2.340   4.314   12.713  1.00 10.50 ? 53  TYR A O   1 
ATOM   439  C CB  . TYR A 1 57  ? 3.677   2.979   9.840   1.00 10.61 ? 53  TYR A CB  1 
ATOM   440  C CG  . TYR A 1 57  ? 3.481   2.373   8.477   1.00 12.59 ? 53  TYR A CG  1 
ATOM   441  C CD1 . TYR A 1 57  ? 3.465   0.978   8.303   1.00 14.56 ? 53  TYR A CD1 1 
ATOM   442  C CD2 . TYR A 1 57  ? 3.308   3.177   7.365   1.00 13.47 ? 53  TYR A CD2 1 
ATOM   443  C CE1 . TYR A 1 57  ? 3.271   0.411   7.048   1.00 15.52 ? 53  TYR A CE1 1 
ATOM   444  C CE2 . TYR A 1 57  ? 3.128   2.621   6.102   1.00 14.27 ? 53  TYR A CE2 1 
ATOM   445  C CZ  . TYR A 1 57  ? 3.102   1.242   5.955   1.00 14.17 ? 53  TYR A CZ  1 
ATOM   446  O OH  . TYR A 1 57  ? 2.911   0.686   4.707   1.00 17.76 ? 53  TYR A OH  1 
ATOM   447  N N   . PRO A 1 58  ? 3.171   2.199   12.765  1.00 9.91  ? 54  PRO A N   1 
ATOM   448  C CA  . PRO A 1 58  ? 3.438   2.299   14.200  1.00 9.55  ? 54  PRO A CA  1 
ATOM   449  C C   . PRO A 1 58  ? 4.373   3.449   14.584  1.00 8.99  ? 54  PRO A C   1 
ATOM   450  O O   . PRO A 1 58  ? 5.150   3.948   13.753  1.00 9.21  ? 54  PRO A O   1 
ATOM   451  C CB  . PRO A 1 58  ? 4.100   0.954   14.531  1.00 9.68  ? 54  PRO A CB  1 
ATOM   452  C CG  . PRO A 1 58  ? 3.551   0.018   13.468  1.00 10.10 ? 54  PRO A CG  1 
ATOM   453  C CD  . PRO A 1 58  ? 3.512   0.864   12.235  1.00 9.84  ? 54  PRO A CD  1 
ATOM   454  N N   . ASN A 1 59  ? 4.293   3.853   15.847  1.00 8.95  ? 55  ASN A N   1 
ATOM   455  C CA  . ASN A 1 59  ? 5.194   4.877   16.397  1.00 8.73  ? 55  ASN A CA  1 
ATOM   456  C C   . ASN A 1 59  ? 5.100   6.210   15.663  1.00 8.86  ? 55  ASN A C   1 
ATOM   457  O O   . ASN A 1 59  ? 6.101   6.922   15.479  1.00 8.71  ? 55  ASN A O   1 
ATOM   458  C CB  . ASN A 1 59  ? 6.640   4.352   16.455  1.00 8.29  ? 55  ASN A CB  1 
ATOM   459  C CG  . ASN A 1 59  ? 6.776   3.166   17.369  1.00 9.92  ? 55  ASN A CG  1 
ATOM   460  O OD1 . ASN A 1 59  ? 6.388   3.225   18.526  1.00 12.07 ? 55  ASN A OD1 1 
ATOM   461  N ND2 . ASN A 1 59  ? 7.348   2.081   16.855  1.00 13.19 ? 55  ASN A ND2 1 
ATOM   462  N N   . ASN A 1 60  ? 3.879   6.546   15.244  1.00 8.99  ? 56  ASN A N   1 
ATOM   463  C CA  . ASN A 1 60  ? 3.604   7.842   14.624  1.00 9.79  ? 56  ASN A CA  1 
ATOM   464  C C   . ASN A 1 60  ? 4.377   8.074   13.334  1.00 9.56  ? 56  ASN A C   1 
ATOM   465  O O   . ASN A 1 60  ? 4.697   9.202   12.982  1.00 10.71 ? 56  ASN A O   1 
ATOM   466  C CB  . ASN A 1 60  ? 3.856   8.975   15.625  1.00 9.35  ? 56  ASN A CB  1 
ATOM   467  C CG  . ASN A 1 60  ? 3.016   8.828   16.870  1.00 11.51 ? 56  ASN A CG  1 
ATOM   468  O OD1 . ASN A 1 60  ? 1.788   8.769   16.789  1.00 13.89 ? 56  ASN A OD1 1 
ATOM   469  N ND2 . ASN A 1 60  ? 3.668   8.731   18.026  1.00 11.37 ? 56  ASN A ND2 1 
ATOM   470  N N   . HIS A 1 61  ? 4.654   6.976   12.636  1.00 9.28  ? 57  HIS A N   1 
ATOM   471  C CA  . HIS A 1 61  ? 5.276   7.004   11.325  1.00 9.93  ? 57  HIS A CA  1 
ATOM   472  C C   . HIS A 1 61  ? 4.176   7.182   10.290  1.00 10.67 ? 57  HIS A C   1 
ATOM   473  O O   . HIS A 1 61  ? 3.446   6.241   9.984   1.00 11.60 ? 57  HIS A O   1 
ATOM   474  C CB  . HIS A 1 61  ? 6.027   5.687   11.124  1.00 9.99  ? 57  HIS A CB  1 
ATOM   475  C CG  . HIS A 1 61  ? 6.708   5.561   9.797   1.00 10.36 ? 57  HIS A CG  1 
ATOM   476  N ND1 . HIS A 1 61  ? 7.253   6.636   9.126   1.00 12.90 ? 57  HIS A ND1 1 
ATOM   477  C CD2 . HIS A 1 61  ? 6.983   4.468   9.047   1.00 12.28 ? 57  HIS A CD2 1 
ATOM   478  C CE1 . HIS A 1 61  ? 7.785   6.215   7.990   1.00 12.40 ? 57  HIS A CE1 1 
ATOM   479  N NE2 . HIS A 1 61  ? 7.638   4.905   7.921   1.00 14.96 ? 57  HIS A NE2 1 
ATOM   480  N N   . VAL A 1 62  ? 4.039   8.400   9.776   1.00 10.41 ? 58  VAL A N   1 
ATOM   481  C CA  . VAL A 1 62  ? 3.015   8.669   8.761   1.00 10.75 ? 58  VAL A CA  1 
ATOM   482  C C   . VAL A 1 62  ? 3.674   8.732   7.390   1.00 11.21 ? 58  VAL A C   1 
ATOM   483  O O   . VAL A 1 62  ? 4.615   9.501   7.176   1.00 12.11 ? 58  VAL A O   1 
ATOM   484  C CB  . VAL A 1 62  ? 2.228   9.960   9.071   1.00 10.59 ? 58  VAL A CB  1 
ATOM   485  C CG1 . VAL A 1 62  ? 1.119   10.168  8.053   1.00 12.34 ? 58  VAL A CG1 1 
ATOM   486  C CG2 . VAL A 1 62  ? 1.643   9.901   10.469  1.00 11.78 ? 58  VAL A CG2 1 
ATOM   487  N N   . VAL A 1 63  ? 3.187   7.912   6.465   1.00 11.40 ? 59  VAL A N   1 
ATOM   488  C CA  . VAL A 1 63  ? 3.745   7.885   5.114   1.00 11.96 ? 59  VAL A CA  1 
ATOM   489  C C   . VAL A 1 63  ? 2.684   8.470   4.208   1.00 12.19 ? 59  VAL A C   1 
ATOM   490  O O   . VAL A 1 63  ? 1.592   7.937   4.144   1.00 11.52 ? 59  VAL A O   1 
ATOM   491  C CB  . VAL A 1 63  ? 4.094   6.453   4.670   1.00 12.59 ? 59  VAL A CB  1 
ATOM   492  C CG1 . VAL A 1 63  ? 4.613   6.433   3.222   1.00 14.61 ? 59  VAL A CG1 1 
ATOM   493  C CG2 . VAL A 1 63  ? 5.124   5.845   5.600   1.00 14.06 ? 59  VAL A CG2 1 
ATOM   494  N N   . THR A 1 64  ? 3.011   9.566   3.529   1.00 12.77 ? 60  THR A N   1 
ATOM   495  C CA  . THR A 1 64  ? 2.080   10.190  2.594   1.00 13.20 ? 60  THR A CA  1 
ATOM   496  C C   . THR A 1 64  ? 2.674   10.232  1.197   1.00 13.01 ? 60  THR A C   1 
ATOM   497  O O   . THR A 1 64  ? 3.793   10.719  0.994   1.00 13.08 ? 60  THR A O   1 
ATOM   498  C CB  . THR A 1 64  ? 1.719   11.621  3.037   1.00 14.01 ? 60  THR A CB  1 
ATOM   499  O OG1 . THR A 1 64  ? 1.140   11.568  4.340   1.00 16.29 ? 60  THR A OG1 1 
ATOM   500  C CG2 . THR A 1 64  ? 0.705   12.252  2.095   1.00 14.74 ? 60  THR A CG2 1 
ATOM   501  N N   . ASN A 1 65  ? 1.917   9.709   0.244   1.00 12.29 ? 61  ASN A N   1 
ATOM   502  C CA  . ASN A 1 65  ? 2.278   9.800   -1.162  1.00 12.19 ? 61  ASN A CA  1 
ATOM   503  C C   . ASN A 1 65  ? 1.223   10.574  -1.905  1.00 11.98 ? 61  ASN A C   1 
ATOM   504  O O   . ASN A 1 65  ? 0.034   10.288  -1.782  1.00 12.42 ? 61  ASN A O   1 
ATOM   505  C CB  . ASN A 1 65  ? 2.463   8.418   -1.778  1.00 13.10 ? 61  ASN A CB  1 
ATOM   506  C CG  . ASN A 1 65  ? 3.856   7.878   -1.550  1.00 13.98 ? 61  ASN A CG  1 
ATOM   507  O OD1 . ASN A 1 65  ? 4.834   8.573   -1.808  1.00 17.90 ? 61  ASN A OD1 1 
ATOM   508  N ND2 . ASN A 1 65  ? 3.952   6.660   -1.043  1.00 16.15 ? 61  ASN A ND2 1 
ATOM   509  N N   . LYS A 1 66  ? 1.678   11.581  -2.643  1.00 11.60 ? 62  LYS A N   1 
ATOM   510  C CA  . LYS A 1 66  ? 0.819   12.372  -3.512  1.00 11.56 ? 62  LYS A CA  1 
ATOM   511  C C   . LYS A 1 66  ? 1.238   12.090  -4.942  1.00 11.48 ? 62  LYS A C   1 
ATOM   512  O O   . LYS A 1 66  ? 2.411   12.269  -5.318  1.00 12.32 ? 62  LYS A O   1 
ATOM   513  C CB  . LYS A 1 66  ? 0.942   13.864  -3.202  1.00 11.88 ? 62  LYS A CB  1 
ATOM   514  C CG  . LYS A 1 66  ? 0.414   14.223  -1.833  1.00 14.71 ? 62  LYS A CG  1 
ATOM   515  C CD  . LYS A 1 66  ? 0.825   15.627  -1.423  1.00 20.43 ? 62  LYS A CD  1 
ATOM   516  C CE  . LYS A 1 66  ? -0.288  16.641  -1.643  1.00 23.49 ? 62  LYS A CE  1 
ATOM   517  N NZ  . LYS A 1 66  ? -0.681  16.781  -3.071  1.00 25.98 ? 62  LYS A NZ  1 
ATOM   518  N N   . PHE A 1 67  ? 0.286   11.598  -5.726  1.00 10.48 ? 63  PHE A N   1 
ATOM   519  C CA  . PHE A 1 67  ? 0.572   11.265  -7.115  1.00 10.36 ? 63  PHE A CA  1 
ATOM   520  C C   . PHE A 1 67  ? -0.612  11.561  -8.007  1.00 10.19 ? 63  PHE A C   1 
ATOM   521  O O   . PHE A 1 67  ? -1.754  11.587  -7.541  1.00 10.71 ? 63  PHE A O   1 
ATOM   522  C CB  . PHE A 1 67  ? 1.012   9.801   -7.260  1.00 10.88 ? 63  PHE A CB  1 
ATOM   523  C CG  . PHE A 1 67  ? 0.009   8.797   -6.756  1.00 11.10 ? 63  PHE A CG  1 
ATOM   524  C CD1 . PHE A 1 67  ? 0.078   8.320   -5.444  1.00 11.13 ? 63  PHE A CD1 1 
ATOM   525  C CD2 . PHE A 1 67  ? -0.998  8.303   -7.598  1.00 11.27 ? 63  PHE A CD2 1 
ATOM   526  C CE1 . PHE A 1 67  ? -0.855  7.371   -4.966  1.00 11.48 ? 63  PHE A CE1 1 
ATOM   527  C CE2 . PHE A 1 67  ? -1.922  7.350   -7.136  1.00 11.88 ? 63  PHE A CE2 1 
ATOM   528  C CZ  . PHE A 1 67  ? -1.857  6.887   -5.826  1.00 11.20 ? 63  PHE A CZ  1 
ATOM   529  N N   . ILE A 1 68  ? -0.329  11.811  -9.280  1.00 9.30  ? 64  ILE A N   1 
ATOM   530  C CA  . ILE A 1 68  ? -1.378  11.935  -10.293 1.00 8.97  ? 64  ILE A CA  1 
ATOM   531  C C   . ILE A 1 68  ? -1.197  10.776  -11.256 1.00 8.92  ? 64  ILE A C   1 
ATOM   532  O O   . ILE A 1 68  ? -0.115  10.597  -11.828 1.00 8.70  ? 64  ILE A O   1 
ATOM   533  C CB  . ILE A 1 68  ? -1.305  13.292  -11.041 1.00 9.09  ? 64  ILE A CB  1 
ATOM   534  C CG1 . ILE A 1 68  ? -1.527  14.433  -10.038 1.00 10.67 ? 64  ILE A CG1 1 
ATOM   535  C CG2 . ILE A 1 68  ? -2.332  13.334  -12.182 1.00 9.40  ? 64  ILE A CG2 1 
ATOM   536  C CD1 . ILE A 1 68  ? -1.173  15.804  -10.572 1.00 13.78 ? 64  ILE A CD1 1 
ATOM   537  N N   . VAL A 1 69  ? -2.242  9.974   -11.419 1.00 9.38  ? 65  VAL A N   1 
ATOM   538  C CA  . VAL A 1 69  ? -2.151  8.824   -12.322 1.00 10.06 ? 65  VAL A CA  1 
ATOM   539  C C   . VAL A 1 69  ? -1.706  9.293   -13.710 1.00 10.11 ? 65  VAL A C   1 
ATOM   540  O O   . VAL A 1 69  ? -2.231  10.272  -14.241 1.00 9.45  ? 65  VAL A O   1 
ATOM   541  C CB  . VAL A 1 69  ? -3.483  8.063   -12.404 1.00 10.64 ? 65  VAL A CB  1 
ATOM   542  C CG1 . VAL A 1 69  ? -3.388  6.877   -13.378 1.00 12.30 ? 65  VAL A CG1 1 
ATOM   543  C CG2 . VAL A 1 69  ? -3.889  7.579   -11.017 1.00 12.23 ? 65  VAL A CG2 1 
ATOM   544  N N   . GLY A 1 70  ? -0.721  8.597   -14.281 1.00 10.10 ? 66  GLY A N   1 
ATOM   545  C CA  . GLY A 1 70  ? -0.224  8.925   -15.625 1.00 11.57 ? 66  GLY A CA  1 
ATOM   546  C C   . GLY A 1 70  ? 0.819   10.027  -15.706 1.00 12.23 ? 66  GLY A C   1 
ATOM   547  O O   . GLY A 1 70  ? 1.349   10.303  -16.789 1.00 12.92 ? 66  GLY A O   1 
ATOM   548  N N   . LYS A 1 71  ? 1.124   10.655  -14.576 1.00 12.60 ? 67  LYS A N   1 
ATOM   549  C CA  . LYS A 1 71  ? 2.090   11.741  -14.540 1.00 13.45 ? 67  LYS A CA  1 
ATOM   550  C C   . LYS A 1 71  ? 3.227   11.447  -13.582 1.00 13.49 ? 67  LYS A C   1 
ATOM   551  O O   . LYS A 1 71  ? 2.994   10.930  -12.492 1.00 14.18 ? 67  LYS A O   1 
ATOM   552  C CB  . LYS A 1 71  ? 1.398   13.041  -14.127 1.00 13.84 ? 67  LYS A CB  1 
ATOM   553  C CG  . LYS A 1 71  ? 0.840   13.822  -15.287 1.00 18.78 ? 67  LYS A CG  1 
ATOM   554  C CD  . LYS A 1 71  ? -0.617  13.513  -15.565 1.00 24.65 ? 67  LYS A CD  1 
ATOM   555  C CE  . LYS A 1 71  ? -1.275  14.693  -16.274 1.00 24.49 ? 67  LYS A CE  1 
ATOM   556  N NZ  . LYS A 1 71  ? -0.524  15.156  -17.473 1.00 27.21 ? 67  LYS A NZ  1 
ATOM   557  N N   . GLU A 1 72  ? 4.448   11.802  -13.972 1.00 13.30 ? 68  GLU A N   1 
ATOM   558  C CA  . GLU A 1 72  ? 5.599   11.655  -13.077 1.00 13.65 ? 68  GLU A CA  1 
ATOM   559  C C   . GLU A 1 72  ? 5.330   12.361  -11.756 1.00 12.64 ? 68  GLU A C   1 
ATOM   560  O O   . GLU A 1 72  ? 5.018   13.559  -11.728 1.00 12.41 ? 68  GLU A O   1 
ATOM   561  C CB  . GLU A 1 72  ? 6.873   12.237  -13.690 1.00 13.56 ? 68  GLU A CB  1 
ATOM   562  C CG  . GLU A 1 72  ? 7.422   11.502  -14.888 1.00 16.30 ? 68  GLU A CG  1 
ATOM   563  C CD  . GLU A 1 72  ? 8.708   12.123  -15.391 1.00 16.97 ? 68  GLU A CD  1 
ATOM   564  O OE1 . GLU A 1 72  ? 9.225   11.652  -16.427 1.00 22.76 ? 68  GLU A OE1 1 
ATOM   565  O OE2 . GLU A 1 72  ? 9.207   13.083  -14.756 1.00 20.87 ? 68  GLU A OE2 1 
ATOM   566  N N   . SER A 1 73  ? 5.459   11.614  -10.665 1.00 12.07 ? 69  SER A N   1 
ATOM   567  C CA  . SER A 1 73  ? 5.160   12.144  -9.338  1.00 11.79 ? 69  SER A CA  1 
ATOM   568  C C   . SER A 1 73  ? 6.251   11.804  -8.344  1.00 12.34 ? 69  SER A C   1 
ATOM   569  O O   . SER A 1 73  ? 6.768   10.692  -8.342  1.00 12.08 ? 69  SER A O   1 
ATOM   570  C CB  . SER A 1 73  ? 3.838   11.567  -8.823  1.00 12.72 ? 69  SER A CB  1 
ATOM   571  O OG  . SER A 1 73  ? 2.760   11.883  -9.689  1.00 12.84 ? 69  SER A OG  1 
ATOM   572  N N   . ASP A 1 74  ? 6.597   12.775  -7.503  1.00 12.88 ? 70  ASP A N   1 
ATOM   573  C CA  . ASP A 1 74  ? 7.521   12.537  -6.406  1.00 13.80 ? 70  ASP A CA  1 
ATOM   574  C C   . ASP A 1 74  ? 6.831   11.667  -5.364  1.00 14.40 ? 70  ASP A C   1 
ATOM   575  O O   . ASP A 1 74  ? 5.743   12.007  -4.885  1.00 14.76 ? 70  ASP A O   1 
ATOM   576  C CB  . ASP A 1 74  ? 7.943   13.868  -5.770  1.00 14.55 ? 70  ASP A CB  1 
ATOM   577  C CG  . ASP A 1 74  ? 8.808   14.714  -6.695  1.00 17.52 ? 70  ASP A CG  1 
ATOM   578  O OD1 . ASP A 1 74  ? 9.614   14.150  -7.464  1.00 19.61 ? 70  ASP A OD1 1 
ATOM   579  O OD2 . ASP A 1 74  ? 8.692   15.960  -6.645  1.00 22.78 ? 70  ASP A OD2 1 
ATOM   580  N N   . MET A 1 75  ? 7.456   10.541  -5.026  1.00 14.14 ? 71  MET A N   1 
ATOM   581  C CA  . MET A 1 75  ? 6.910   9.620   -4.026  1.00 15.94 ? 71  MET A CA  1 
ATOM   582  C C   . MET A 1 75  ? 7.976   9.156   -3.039  1.00 15.29 ? 71  MET A C   1 
ATOM   583  O O   . MET A 1 75  ? 9.158   9.461   -3.200  1.00 14.20 ? 71  MET A O   1 
ATOM   584  C CB  . MET A 1 75  ? 6.227   8.433   -4.713  1.00 15.71 ? 71  MET A CB  1 
ATOM   585  C CG  . MET A 1 75  ? 4.866   8.795   -5.339  1.00 17.34 ? 71  MET A CG  1 
ATOM   586  S SD  . MET A 1 75  ? 4.138   7.471   -6.317  1.00 20.71 ? 71  MET A SD  1 
ATOM   587  C CE  . MET A 1 75  ? 5.062   7.571   -7.808  1.00 21.25 ? 71  MET A CE  1 
ATOM   588  N N   . GLU A 1 76  ? 7.541   8.441   -2.004  1.00 16.36 ? 72  GLU A N   1 
ATOM   589  C CA  . GLU A 1 76  ? 8.445   7.926   -0.982  1.00 18.48 ? 72  GLU A CA  1 
ATOM   590  C C   . GLU A 1 76  ? 8.043   6.494   -0.638  1.00 17.80 ? 72  GLU A C   1 
ATOM   591  O O   . GLU A 1 76  ? 6.866   6.126   -0.678  1.00 18.23 ? 72  GLU A O   1 
ATOM   592  C CB  . GLU A 1 76  ? 8.416   8.814   0.282   1.00 18.58 ? 72  GLU A CB  1 
ATOM   593  C CG  . GLU A 1 76  ? 9.492   8.502   1.326   1.00 22.50 ? 72  GLU A CG  1 
ATOM   594  C CD  . GLU A 1 76  ? 9.098   8.917   2.751   1.00 22.24 ? 72  GLU A CD  1 
ATOM   595  O OE1 . GLU A 1 76  ? 8.300   8.193   3.410   1.00 25.95 ? 72  GLU A OE1 1 
ATOM   596  O OE2 . GLU A 1 76  ? 9.614   9.958   3.224   1.00 27.17 ? 72  GLU A OE2 1 
ATOM   597  N N   . THR A 1 77  ? 9.036   5.677   -0.314  1.00 17.54 ? 73  THR A N   1 
ATOM   598  C CA  . THR A 1 77  ? 8.768   4.330   0.158   1.00 17.55 ? 73  THR A CA  1 
ATOM   599  C C   . THR A 1 77  ? 8.455   4.385   1.648   1.00 18.35 ? 73  THR A C   1 
ATOM   600  O O   . THR A 1 77  ? 8.749   5.377   2.318   1.00 18.26 ? 73  THR A O   1 
ATOM   601  C CB  . THR A 1 77  ? 9.983   3.415   -0.052  1.00 17.62 ? 73  THR A CB  1 
ATOM   602  O OG1 . THR A 1 77  ? 11.064  3.866   0.773   1.00 16.52 ? 73  THR A OG1 1 
ATOM   603  C CG2 . THR A 1 77  ? 10.423  3.422   -1.507  1.00 17.32 ? 73  THR A CG2 1 
ATOM   604  N N   . VAL A 1 78  ? 7.878   3.306   2.166   1.00 19.00 ? 74  VAL A N   1 
ATOM   605  C CA  . VAL A 1 78  ? 7.627   3.164   3.602   1.00 20.24 ? 74  VAL A CA  1 
ATOM   606  C C   . VAL A 1 78  ? 8.929   3.335   4.405   1.00 20.53 ? 74  VAL A C   1 
ATOM   607  O O   . VAL A 1 78  ? 8.939   3.914   5.496   1.00 20.99 ? 74  VAL A O   1 
ATOM   608  C CB  . VAL A 1 78  ? 6.980   1.787   3.910   1.00 20.33 ? 74  VAL A CB  1 
ATOM   609  C CG1 . VAL A 1 78  ? 6.750   1.614   5.397   1.00 20.66 ? 74  VAL A CG1 1 
ATOM   610  C CG2 . VAL A 1 78  ? 5.660   1.620   3.142   1.00 20.54 ? 74  VAL A CG2 1 
ATOM   611  N N   . GLY A 1 79  ? 10.037  2.850   3.852   1.00 20.45 ? 75  GLY A N   1 
ATOM   612  C CA  . GLY A 1 79  ? 11.332  2.949   4.519   1.00 21.06 ? 75  GLY A CA  1 
ATOM   613  C C   . GLY A 1 79  ? 12.006  4.308   4.415   1.00 21.34 ? 75  GLY A C   1 
ATOM   614  O O   . GLY A 1 79  ? 13.071  4.516   5.001   1.00 22.21 ? 75  GLY A O   1 
ATOM   615  N N   . GLY A 1 80  ? 11.408  5.225   3.657   1.00 21.18 ? 76  GLY A N   1 
ATOM   616  C CA  . GLY A 1 80  ? 11.884  6.611   3.586   1.00 20.79 ? 76  GLY A CA  1 
ATOM   617  C C   . GLY A 1 80  ? 12.668  7.009   2.346   1.00 20.49 ? 76  GLY A C   1 
ATOM   618  O O   . GLY A 1 80  ? 13.192  8.123   2.281   1.00 20.82 ? 76  GLY A O   1 
ATOM   619  N N   . LYS A 1 81  ? 12.734  6.117   1.359   1.00 19.64 ? 77  LYS A N   1 
ATOM   620  C CA  . LYS A 1 81  ? 13.490  6.372   0.133   1.00 19.20 ? 77  LYS A CA  1 
ATOM   621  C C   . LYS A 1 81  ? 12.655  7.130   -0.903  1.00 18.34 ? 77  LYS A C   1 
ATOM   622  O O   . LYS A 1 81  ? 11.538  6.727   -1.243  1.00 18.39 ? 77  LYS A O   1 
ATOM   623  C CB  . LYS A 1 81  ? 14.019  5.063   -0.449  1.00 19.68 ? 77  LYS A CB  1 
ATOM   624  C CG  . LYS A 1 81  ? 15.174  5.237   -1.421  1.00 22.40 ? 77  LYS A CG  1 
ATOM   625  C CD  . LYS A 1 81  ? 16.154  4.061   -1.346  1.00 24.87 ? 77  LYS A CD  1 
ATOM   626  C CE  . LYS A 1 81  ? 17.298  4.320   -0.361  1.00 26.89 ? 77  LYS A CE  1 
ATOM   627  N NZ  . LYS A 1 81  ? 16.884  4.227   1.076   1.00 28.18 ? 77  LYS A NZ  1 
ATOM   628  N N   . LYS A 1 82  ? 13.209  8.235   -1.394  1.00 17.31 ? 78  LYS A N   1 
ATOM   629  C CA  . LYS A 1 82  ? 12.512  9.093   -2.343  1.00 16.23 ? 78  LYS A CA  1 
ATOM   630  C C   . LYS A 1 82  ? 12.718  8.611   -3.769  1.00 15.39 ? 78  LYS A C   1 
ATOM   631  O O   . LYS A 1 82  ? 13.819  8.227   -4.163  1.00 15.07 ? 78  LYS A O   1 
ATOM   632  C CB  . LYS A 1 82  ? 12.985  10.546  -2.208  1.00 16.77 ? 78  LYS A CB  1 
ATOM   633  C CG  . LYS A 1 82  ? 12.813  11.131  -0.811  1.00 18.01 ? 78  LYS A CG  1 
ATOM   634  C CD  . LYS A 1 82  ? 13.467  12.499  -0.724  1.00 20.88 ? 78  LYS A CD  1 
ATOM   635  C CE  . LYS A 1 82  ? 13.545  12.984  0.720   1.00 22.68 ? 78  LYS A CE  1 
ATOM   636  N NZ  . LYS A 1 82  ? 14.415  14.184  0.844   1.00 24.55 ? 78  LYS A NZ  1 
ATOM   637  N N   . PHE A 1 83  ? 11.637  8.612   -4.538  1.00 13.66 ? 79  PHE A N   1 
ATOM   638  C CA  . PHE A 1 83  ? 11.712  8.254   -5.946  1.00 13.13 ? 79  PHE A CA  1 
ATOM   639  C C   . PHE A 1 83  ? 10.718  9.073   -6.754  1.00 13.08 ? 79  PHE A C   1 
ATOM   640  O O   . PHE A 1 83  ? 9.899   9.808   -6.195  1.00 13.49 ? 79  PHE A O   1 
ATOM   641  C CB  . PHE A 1 83  ? 11.526  6.736   -6.159  1.00 12.95 ? 79  PHE A CB  1 
ATOM   642  C CG  . PHE A 1 83  ? 10.144  6.219   -5.834  1.00 11.74 ? 79  PHE A CG  1 
ATOM   643  C CD1 . PHE A 1 83  ? 9.774   5.928   -4.520  1.00 11.87 ? 79  PHE A CD1 1 
ATOM   644  C CD2 . PHE A 1 83  ? 9.224   5.971   -6.852  1.00 11.50 ? 79  PHE A CD2 1 
ATOM   645  C CE1 . PHE A 1 83  ? 8.504   5.436   -4.230  1.00 12.28 ? 79  PHE A CE1 1 
ATOM   646  C CE2 . PHE A 1 83  ? 7.954   5.475   -6.576  1.00 11.66 ? 79  PHE A CE2 1 
ATOM   647  C CZ  . PHE A 1 83  ? 7.584   5.200   -5.261  1.00 11.75 ? 79  PHE A CZ  1 
ATOM   648  N N   . LYS A 1 84  ? 10.834  8.987   -8.071  1.00 12.61 ? 80  LYS A N   1 
ATOM   649  C CA  . LYS A 1 84  ? 9.844   9.564   -8.953  1.00 12.61 ? 80  LYS A CA  1 
ATOM   650  C C   . LYS A 1 84  ? 9.208   8.423   -9.736  1.00 11.89 ? 80  LYS A C   1 
ATOM   651  O O   . LYS A 1 84  ? 9.900   7.552   -10.271 1.00 11.91 ? 80  LYS A O   1 
ATOM   652  C CB  . LYS A 1 84  ? 10.461  10.612  -9.872  1.00 13.32 ? 80  LYS A CB  1 
ATOM   653  C CG  . LYS A 1 84  ? 9.425   11.450  -10.614 1.00 16.56 ? 80  LYS A CG  1 
ATOM   654  C CD  . LYS A 1 84  ? 10.046  12.673  -11.280 1.00 21.66 ? 80  LYS A CD  1 
ATOM   655  C CE  . LYS A 1 84  ? 9.806   13.926  -10.464 1.00 24.24 ? 80  LYS A CE  1 
ATOM   656  N NZ  . LYS A 1 84  ? 8.361   14.326  -10.455 1.00 26.70 ? 80  LYS A NZ  1 
ATOM   657  N N   . GLY A 1 85  ? 7.883   8.410   -9.764  1.00 10.89 ? 81  GLY A N   1 
ATOM   658  C CA  . GLY A 1 85  ? 7.186   7.301   -10.400 1.00 10.85 ? 81  GLY A CA  1 
ATOM   659  C C   . GLY A 1 85  ? 5.966   7.717   -11.181 1.00 11.06 ? 81  GLY A C   1 
ATOM   660  O O   . GLY A 1 85  ? 5.409   8.800   -10.966 1.00 10.92 ? 81  GLY A O   1 
ATOM   661  N N   . ILE A 1 86  ? 5.544   6.822   -12.069 1.00 9.93  ? 82  ILE A N   1 
ATOM   662  C CA  . ILE A 1 86  ? 4.331   7.016   -12.844 1.00 9.79  ? 82  ILE A CA  1 
ATOM   663  C C   . ILE A 1 86  ? 3.363   5.890   -12.517 1.00 9.96  ? 82  ILE A C   1 
ATOM   664  O O   . ILE A 1 86  ? 3.569   4.730   -12.893 1.00 10.60 ? 82  ILE A O   1 
ATOM   665  C CB  . ILE A 1 86  ? 4.598   7.097   -14.371 1.00 9.34  ? 82  ILE A CB  1 
ATOM   666  C CG1 . ILE A 1 86  ? 5.711   8.106   -14.679 1.00 9.54  ? 82  ILE A CG1 1 
ATOM   667  C CG2 . ILE A 1 86  ? 3.304   7.461   -15.113 1.00 10.25 ? 82  ILE A CG2 1 
ATOM   668  C CD1 . ILE A 1 86  ? 6.185   8.079   -16.114 1.00 10.86 ? 82  ILE A CD1 1 
ATOM   669  N N   . VAL A 1 87  ? 2.313   6.253   -11.800 1.00 9.32  ? 83  VAL A N   1 
ATOM   670  C CA  . VAL A 1 87  ? 1.277   5.315   -11.383 1.00 9.51  ? 83  VAL A CA  1 
ATOM   671  C C   . VAL A 1 87  ? 0.293   5.126   -12.535 1.00 9.76  ? 83  VAL A C   1 
ATOM   672  O O   . VAL A 1 87  ? -0.034  6.079   -13.244 1.00 10.09 ? 83  VAL A O   1 
ATOM   673  C CB  . VAL A 1 87  ? 0.548   5.866   -10.132 1.00 8.95  ? 83  VAL A CB  1 
ATOM   674  C CG1 . VAL A 1 87  ? -0.574  4.916   -9.688  1.00 10.60 ? 83  VAL A CG1 1 
ATOM   675  C CG2 . VAL A 1 87  ? 1.558   6.078   -9.013  1.00 10.19 ? 83  VAL A CG2 1 
ATOM   676  N N   . SER A 1 88  ? -0.155  3.890   -12.748 1.00 10.04 ? 84  SER A N   1 
ATOM   677  C CA  . SER A 1 88  ? -1.133  3.627   -13.792 1.00 11.37 ? 84  SER A CA  1 
ATOM   678  C C   . SER A 1 88  ? -2.429  3.101   -13.200 1.00 12.01 ? 84  SER A C   1 
ATOM   679  O O   . SER A 1 88  ? -2.458  2.631   -12.068 1.00 11.11 ? 84  SER A O   1 
ATOM   680  C CB  . SER A 1 88  ? -0.596  2.644   -14.831 1.00 12.33 ? 84  SER A CB  1 
ATOM   681  O OG  . SER A 1 88  ? -0.300  1.394   -14.247 1.00 13.48 ? 84  SER A OG  1 
ATOM   682  N N   . MET A 1 89  ? -3.503  3.210   -13.970 1.00 13.63 ? 85  MET A N   1 
ATOM   683  C CA  . MET A 1 89  ? -4.771  2.632   -13.550 1.00 17.01 ? 85  MET A CA  1 
ATOM   684  C C   . MET A 1 89  ? -5.414  1.928   -14.730 1.00 16.14 ? 85  MET A C   1 
ATOM   685  O O   . MET A 1 89  ? -5.366  2.421   -15.858 1.00 16.34 ? 85  MET A O   1 
ATOM   686  C CB  . MET A 1 89  ? -5.704  3.706   -12.997 1.00 16.56 ? 85  MET A CB  1 
ATOM   687  C CG  . MET A 1 89  ? -6.938  3.127   -12.299 1.00 19.85 ? 85  MET A CG  1 
ATOM   688  S SD  . MET A 1 89  ? -8.226  4.350   -12.101 1.00 25.09 ? 85  MET A SD  1 
ATOM   689  C CE  . MET A 1 89  ? -7.518  5.286   -10.759 1.00 23.41 ? 85  MET A CE  1 
ATOM   690  N N   . GLU A 1 90  ? -5.988  0.761   -14.459 1.00 16.28 ? 86  GLU A N   1 
ATOM   691  C CA  . GLU A 1 90  ? -6.697  -0.010  -15.474 1.00 17.19 ? 86  GLU A CA  1 
ATOM   692  C C   . GLU A 1 90  ? -7.830  -0.719  -14.757 1.00 17.03 ? 86  GLU A C   1 
ATOM   693  O O   . GLU A 1 90  ? -7.602  -1.402  -13.757 1.00 16.59 ? 86  GLU A O   1 
ATOM   694  C CB  . GLU A 1 90  ? -5.728  -0.993  -16.153 1.00 18.01 ? 86  GLU A CB  1 
ATOM   695  C CG  . GLU A 1 90  ? -6.350  -1.991  -17.128 1.00 21.47 ? 86  GLU A CG  1 
ATOM   696  C CD  . GLU A 1 90  ? -6.488  -3.378  -16.524 1.00 24.86 ? 86  GLU A CD  1 
ATOM   697  O OE1 . GLU A 1 90  ? -5.466  -3.947  -16.072 1.00 27.31 ? 86  GLU A OE1 1 
ATOM   698  O OE2 . GLU A 1 90  ? -7.617  -3.906  -16.512 1.00 26.93 ? 86  GLU A OE2 1 
ATOM   699  N N   . GLY A 1 91  ? -9.050  -0.514  -15.246 1.00 17.11 ? 87  GLY A N   1 
ATOM   700  C CA  . GLY A 1 91  ? -10.238 -1.147  -14.674 1.00 17.34 ? 87  GLY A CA  1 
ATOM   701  C C   . GLY A 1 91  ? -10.440 -0.915  -13.188 1.00 17.40 ? 87  GLY A C   1 
ATOM   702  O O   . GLY A 1 91  ? -10.902 -1.815  -12.476 1.00 18.61 ? 87  GLY A O   1 
ATOM   703  N N   . GLY A 1 92  ? -10.098 0.285   -12.719 1.00 16.32 ? 88  GLY A N   1 
ATOM   704  C CA  . GLY A 1 92  ? -10.273 0.664   -11.315 1.00 15.52 ? 88  GLY A CA  1 
ATOM   705  C C   . GLY A 1 92  ? -9.134  0.234   -10.399 1.00 14.97 ? 88  GLY A C   1 
ATOM   706  O O   . GLY A 1 92  ? -9.148  0.532   -9.199  1.00 15.15 ? 88  GLY A O   1 
ATOM   707  N N   . LYS A 1 93  ? -8.157  -0.474  -10.960 1.00 14.10 ? 89  LYS A N   1 
ATOM   708  C CA  . LYS A 1 93  ? -6.981  -0.934  -10.197 1.00 14.25 ? 89  LYS A CA  1 
ATOM   709  C C   . LYS A 1 93  ? -5.762  -0.050  -10.454 1.00 12.91 ? 89  LYS A C   1 
ATOM   710  O O   . LYS A 1 93  ? -5.382  0.171   -11.610 1.00 12.41 ? 89  LYS A O   1 
ATOM   711  C CB  . LYS A 1 93  ? -6.593  -2.366  -10.584 1.00 14.41 ? 89  LYS A CB  1 
ATOM   712  C CG  . LYS A 1 93  ? -7.627  -3.460  -10.367 1.00 17.71 ? 89  LYS A CG  1 
ATOM   713  C CD  . LYS A 1 93  ? -7.089  -4.785  -10.918 1.00 17.70 ? 89  LYS A CD  1 
ATOM   714  C CE  . LYS A 1 93  ? -6.318  -5.611  -9.881  1.00 23.15 ? 89  LYS A CE  1 
ATOM   715  N NZ  . LYS A 1 93  ? -5.369  -4.856  -9.002  1.00 24.57 ? 89  LYS A NZ  1 
ATOM   716  N N   . LEU A 1 94  ? -5.167  0.455   -9.374  1.00 11.59 ? 90  LEU A N   1 
ATOM   717  C CA  . LEU A 1 94  ? -3.915  1.215   -9.448  1.00 11.63 ? 90  LEU A CA  1 
ATOM   718  C C   . LEU A 1 94  ? -2.734  0.270   -9.431  1.00 11.17 ? 90  LEU A C   1 
ATOM   719  O O   . LEU A 1 94  ? -2.757  -0.728  -8.709  1.00 11.50 ? 90  LEU A O   1 
ATOM   720  C CB  . LEU A 1 94  ? -3.791  2.134   -8.238  1.00 12.19 ? 90  LEU A CB  1 
ATOM   721  C CG  . LEU A 1 94  ? -4.748  3.321   -8.159  1.00 13.60 ? 90  LEU A CG  1 
ATOM   722  C CD1 . LEU A 1 94  ? -4.656  3.955   -6.791  1.00 17.92 ? 90  LEU A CD1 1 
ATOM   723  C CD2 . LEU A 1 94  ? -4.419  4.344   -9.233  1.00 17.19 ? 90  LEU A CD2 1 
ATOM   724  N N   . THR A 1 95  ? -1.704  0.581   -10.220 1.00 10.61 ? 91  THR A N   1 
ATOM   725  C CA  . THR A 1 95  ? -0.433  -0.125  -10.118 1.00 10.83 ? 91  THR A CA  1 
ATOM   726  C C   . THR A 1 95  ? 0.654   0.894   -9.824  1.00 10.80 ? 91  THR A C   1 
ATOM   727  O O   . THR A 1 95  ? 0.867   1.841   -10.594 1.00 10.19 ? 91  THR A O   1 
ATOM   728  C CB  . THR A 1 95  ? -0.083  -0.922  -11.403 1.00 11.34 ? 91  THR A CB  1 
ATOM   729  O OG1 . THR A 1 95  ? -1.062  -1.947  -11.618 1.00 12.97 ? 91  THR A OG1 1 
ATOM   730  C CG2 . THR A 1 95  ? 1.292   -1.582  -11.271 1.00 11.29 ? 91  THR A CG2 1 
ATOM   731  N N   . ILE A 1 96  ? 1.329   0.694   -8.702  1.00 10.27 ? 92  ILE A N   1 
ATOM   732  C CA  . ILE A 1 96  ? 2.465   1.521   -8.326  1.00 11.06 ? 92  ILE A CA  1 
ATOM   733  C C   . ILE A 1 96  ? 3.680   0.618   -8.368  1.00 10.74 ? 92  ILE A C   1 
ATOM   734  O O   . ILE A 1 96  ? 3.727   -0.415  -7.689  1.00 10.29 ? 92  ILE A O   1 
ATOM   735  C CB  . ILE A 1 96  ? 2.331   2.110   -6.908  1.00 10.98 ? 92  ILE A CB  1 
ATOM   736  C CG1 . ILE A 1 96  ? 0.990   2.844   -6.757  1.00 12.87 ? 92  ILE A CG1 1 
ATOM   737  C CG2 . ILE A 1 96  ? 3.526   3.023   -6.611  1.00 11.81 ? 92  ILE A CG2 1 
ATOM   738  C CD1 . ILE A 1 96  ? 0.755   3.425   -5.360  1.00 13.61 ? 92  ILE A CD1 1 
ATOM   739  N N   . SER A 1 97  ? 4.648   1.014   -9.181  1.00 9.96  ? 93  SER A N   1 
ATOM   740  C CA  . SER A 1 97  ? 5.868   0.248   -9.332  1.00 10.24 ? 93  SER A CA  1 
ATOM   741  C C   . SER A 1 97  ? 6.911   0.797   -8.360  1.00 10.71 ? 93  SER A C   1 
ATOM   742  O O   . SER A 1 97  ? 7.687   1.707   -8.683  1.00 11.17 ? 93  SER A O   1 
ATOM   743  C CB  . SER A 1 97  ? 6.343   0.282   -10.791 1.00 10.59 ? 93  SER A CB  1 
ATOM   744  O OG  . SER A 1 97  ? 5.309   -0.203  -11.645 1.00 11.36 ? 93  SER A OG  1 
ATOM   745  N N   . PHE A 1 98  ? 6.918   0.247   -7.146  1.00 10.46 ? 94  PHE A N   1 
ATOM   746  C CA  . PHE A 1 98  ? 7.909   0.648   -6.145  1.00 10.68 ? 94  PHE A CA  1 
ATOM   747  C C   . PHE A 1 98  ? 9.290   0.041   -6.426  1.00 11.05 ? 94  PHE A C   1 
ATOM   748  O O   . PHE A 1 98  ? 9.414   -0.946  -7.150  1.00 11.19 ? 94  PHE A O   1 
ATOM   749  C CB  . PHE A 1 98  ? 7.473   0.202   -4.747  1.00 10.84 ? 94  PHE A CB  1 
ATOM   750  C CG  . PHE A 1 98  ? 6.378   1.031   -4.137  1.00 11.05 ? 94  PHE A CG  1 
ATOM   751  C CD1 . PHE A 1 98  ? 6.673   2.210   -3.468  1.00 13.39 ? 94  PHE A CD1 1 
ATOM   752  C CD2 . PHE A 1 98  ? 5.055   0.601   -4.184  1.00 12.74 ? 94  PHE A CD2 1 
ATOM   753  C CE1 . PHE A 1 98  ? 5.657   2.968   -2.877  1.00 13.88 ? 94  PHE A CE1 1 
ATOM   754  C CE2 . PHE A 1 98  ? 4.038   1.350   -3.594  1.00 13.83 ? 94  PHE A CE2 1 
ATOM   755  C CZ  . PHE A 1 98  ? 4.346   2.542   -2.950  1.00 13.46 ? 94  PHE A CZ  1 
ATOM   756  N N   . PRO A 1 99  ? 10.350  0.619   -5.839  1.00 11.63 ? 95  PRO A N   1 
ATOM   757  C CA  . PRO A 1 99  ? 11.671  0.018   -5.991  1.00 11.77 ? 95  PRO A CA  1 
ATOM   758  C C   . PRO A 1 99  ? 11.739  -1.486  -5.691  1.00 12.23 ? 95  PRO A C   1 
ATOM   759  O O   . PRO A 1 99  ? 12.330  -2.241  -6.471  1.00 13.30 ? 95  PRO A O   1 
ATOM   760  C CB  . PRO A 1 99  ? 12.508  0.805   -4.985  1.00 11.72 ? 95  PRO A CB  1 
ATOM   761  C CG  . PRO A 1 99  ? 11.918  2.173   -5.071  1.00 11.81 ? 95  PRO A CG  1 
ATOM   762  C CD  . PRO A 1 99  ? 10.422  1.886   -5.084  1.00 11.40 ? 95  PRO A CD  1 
ATOM   763  N N   . LYS A 1 100 ? 11.115  -1.909  -4.596  1.00 12.21 ? 96  LYS A N   1 
ATOM   764  C CA  . LYS A 1 100 ? 11.284  -3.278  -4.083  1.00 12.84 ? 96  LYS A CA  1 
ATOM   765  C C   . LYS A 1 100 ? 10.150  -4.250  -4.422  1.00 12.10 ? 96  LYS A C   1 
ATOM   766  O O   . LYS A 1 100 ? 10.272  -5.450  -4.186  1.00 12.05 ? 96  LYS A O   1 
ATOM   767  C CB  . LYS A 1 100 ? 11.494  -3.246  -2.559  1.00 13.68 ? 96  LYS A CB  1 
ATOM   768  C CG  . LYS A 1 100 ? 12.934  -2.921  -2.148  1.00 16.29 ? 96  LYS A CG  1 
ATOM   769  C CD  . LYS A 1 100 ? 13.256  -3.421  -0.743  1.00 22.28 ? 96  LYS A CD  1 
ATOM   770  C CE  . LYS A 1 100 ? 13.258  -2.288  0.273   1.00 24.87 ? 96  LYS A CE  1 
ATOM   771  N NZ  . LYS A 1 100 ? 14.579  -1.598  0.302   1.00 26.41 ? 96  LYS A NZ  1 
ATOM   772  N N   . TYR A 1 101 ? 9.045   -3.746  -4.958  1.00 11.40 ? 97  TYR A N   1 
ATOM   773  C CA  . TYR A 1 101 ? 7.877   -4.598  -5.204  1.00 10.95 ? 97  TYR A CA  1 
ATOM   774  C C   . TYR A 1 101 ? 6.872   -3.878  -6.084  1.00 10.71 ? 97  TYR A C   1 
ATOM   775  O O   . TYR A 1 101 ? 6.959   -2.657  -6.266  1.00 11.14 ? 97  TYR A O   1 
ATOM   776  C CB  . TYR A 1 101 ? 7.206   -5.026  -3.885  1.00 11.65 ? 97  TYR A CB  1 
ATOM   777  C CG  . TYR A 1 101 ? 6.780   -3.868  -2.999  1.00 11.87 ? 97  TYR A CG  1 
ATOM   778  C CD1 . TYR A 1 101 ? 5.492   -3.360  -3.052  1.00 11.19 ? 97  TYR A CD1 1 
ATOM   779  C CD2 . TYR A 1 101 ? 7.681   -3.289  -2.102  1.00 12.40 ? 97  TYR A CD2 1 
ATOM   780  C CE1 . TYR A 1 101 ? 5.102   -2.286  -2.238  1.00 12.04 ? 97  TYR A CE1 1 
ATOM   781  C CE2 . TYR A 1 101 ? 7.308   -2.223  -1.288  1.00 13.25 ? 97  TYR A CE2 1 
ATOM   782  C CZ  . TYR A 1 101 ? 6.019   -1.730  -1.358  1.00 13.15 ? 97  TYR A CZ  1 
ATOM   783  O OH  . TYR A 1 101 ? 5.660   -0.675  -0.541  1.00 15.64 ? 97  TYR A OH  1 
ATOM   784  N N   . GLN A 1 102 ? 5.939   -4.647  -6.642  1.00 9.95  ? 98  GLN A N   1 
ATOM   785  C CA  . GLN A 1 102 ? 4.812   -4.094  -7.387  1.00 9.80  ? 98  GLN A CA  1 
ATOM   786  C C   . GLN A 1 102 ? 3.623   -4.008  -6.459  1.00 10.46 ? 98  GLN A C   1 
ATOM   787  O O   . GLN A 1 102 ? 3.369   -4.946  -5.702  1.00 10.52 ? 98  GLN A O   1 
ATOM   788  C CB  . GLN A 1 102 ? 4.450   -5.006  -8.560  1.00 9.88  ? 98  GLN A CB  1 
ATOM   789  C CG  . GLN A 1 102 ? 5.458   -4.953  -9.688  1.00 9.73  ? 98  GLN A CG  1 
ATOM   790  C CD  . GLN A 1 102 ? 5.630   -3.546  -10.229 1.00 9.65  ? 98  GLN A CD  1 
ATOM   791  O OE1 . GLN A 1 102 ? 6.680   -2.924  -10.045 1.00 9.83  ? 98  GLN A OE1 1 
ATOM   792  N NE2 . GLN A 1 102 ? 4.596   -3.036  -10.890 1.00 10.36 ? 98  GLN A NE2 1 
ATOM   793  N N   . GLN A 1 103 ? 2.913   -2.883  -6.501  1.00 10.13 ? 99  GLN A N   1 
ATOM   794  C CA  . GLN A 1 103 ? 1.724   -2.701  -5.654  1.00 11.27 ? 99  GLN A CA  1 
ATOM   795  C C   . GLN A 1 103 ? 0.503   -2.523  -6.530  1.00 12.23 ? 99  GLN A C   1 
ATOM   796  O O   . GLN A 1 103 ? 0.502   -1.669  -7.401  1.00 13.17 ? 99  GLN A O   1 
ATOM   797  C CB  . GLN A 1 103 ? 1.878   -1.439  -4.806  1.00 11.37 ? 99  GLN A CB  1 
ATOM   798  C CG  . GLN A 1 103 ? 0.722   -1.201  -3.868  1.00 12.63 ? 99  GLN A CG  1 
ATOM   799  C CD  . GLN A 1 103 ? 0.674   -2.253  -2.794  1.00 14.98 ? 99  GLN A CD  1 
ATOM   800  O OE1 . GLN A 1 103 ? 1.706   -2.763  -2.374  1.00 16.88 ? 99  GLN A OE1 1 
ATOM   801  N NE2 . GLN A 1 103 ? -0.529  -2.615  -2.366  1.00 19.12 ? 99  GLN A NE2 1 
ATOM   802  N N   . THR A 1 104 ? -0.536  -3.327  -6.313  1.00 12.77 ? 100 THR A N   1 
ATOM   803  C CA  . THR A 1 104 ? -1.799  -3.117  -7.026  1.00 13.82 ? 100 THR A CA  1 
ATOM   804  C C   . THR A 1 104 ? -2.872  -2.874  -5.992  1.00 14.38 ? 100 THR A C   1 
ATOM   805  O O   . THR A 1 104 ? -2.914  -3.555  -4.972  1.00 15.40 ? 100 THR A O   1 
ATOM   806  C CB  . THR A 1 104 ? -2.209  -4.308  -7.906  1.00 14.95 ? 100 THR A CB  1 
ATOM   807  O OG1 . THR A 1 104 ? -2.551  -5.424  -7.076  1.00 19.09 ? 100 THR A OG1 1 
ATOM   808  C CG2 . THR A 1 104 ? -1.093  -4.683  -8.851  1.00 14.72 ? 100 THR A CG2 1 
ATOM   809  N N   . THR A 1 105 ? -3.720  -1.889  -6.240  1.00 13.06 ? 101 THR A N   1 
ATOM   810  C CA  . THR A 1 105 ? -4.733  -1.545  -5.259  1.00 13.47 ? 101 THR A CA  1 
ATOM   811  C C   . THR A 1 105 ? -6.058  -1.269  -5.941  1.00 13.19 ? 101 THR A C   1 
ATOM   812  O O   . THR A 1 105 ? -6.115  -0.601  -6.966  1.00 12.23 ? 101 THR A O   1 
ATOM   813  C CB  . THR A 1 105 ? -4.284  -0.369  -4.399  1.00 13.48 ? 101 THR A CB  1 
ATOM   814  O OG1 . THR A 1 105 ? -3.043  -0.717  -3.751  1.00 17.27 ? 101 THR A OG1 1 
ATOM   815  C CG2 . THR A 1 105 ? -5.334  -0.036  -3.350  1.00 15.48 ? 101 THR A CG2 1 
ATOM   816  N N   . GLU A 1 106 ? -7.126  -1.788  -5.356  1.00 13.11 ? 102 GLU A N   1 
ATOM   817  C CA  . GLU A 1 106 ? -8.451  -1.540  -5.902  1.00 14.33 ? 102 GLU A CA  1 
ATOM   818  C C   . GLU A 1 106 ? -9.507  -1.578  -4.816  1.00 13.97 ? 102 GLU A C   1 
ATOM   819  O O   . GLU A 1 106 ? -9.237  -2.027  -3.704  1.00 13.04 ? 102 GLU A O   1 
ATOM   820  C CB  . GLU A 1 106 ? -8.784  -2.544  -7.013  1.00 14.93 ? 102 GLU A CB  1 
ATOM   821  C CG  . GLU A 1 106 ? -8.940  -3.986  -6.544  1.00 17.01 ? 102 GLU A CG  1 
ATOM   822  C CD  . GLU A 1 106 ? -9.492  -4.896  -7.637  1.00 18.38 ? 102 GLU A CD  1 
ATOM   823  O OE1 . GLU A 1 106 ? -10.238 -4.420  -8.529  1.00 23.61 ? 102 GLU A OE1 1 
ATOM   824  O OE2 . GLU A 1 106 ? -9.181  -6.103  -7.602  1.00 24.74 ? 102 GLU A OE2 1 
ATOM   825  N N   . ILE A 1 107 ? -10.697 -1.087  -5.150  1.00 14.12 ? 103 ILE A N   1 
ATOM   826  C CA  . ILE A 1 107 ? -11.856 -1.272  -4.291  1.00 14.93 ? 103 ILE A CA  1 
ATOM   827  C C   . ILE A 1 107 ? -12.626 -2.460  -4.846  1.00 15.51 ? 103 ILE A C   1 
ATOM   828  O O   . ILE A 1 107 ? -13.034 -2.453  -6.010  1.00 15.48 ? 103 ILE A O   1 
ATOM   829  C CB  . ILE A 1 107 ? -12.766 -0.023  -4.232  1.00 14.85 ? 103 ILE A CB  1 
ATOM   830  C CG1 . ILE A 1 107 ? -11.979 1.224   -3.790  1.00 15.08 ? 103 ILE A CG1 1 
ATOM   831  C CG2 . ILE A 1 107 ? -13.963 -0.279  -3.303  1.00 14.97 ? 103 ILE A CG2 1 
ATOM   832  C CD1 . ILE A 1 107 ? -11.206 1.095   -2.468  1.00 15.45 ? 103 ILE A CD1 1 
ATOM   833  N N   . SER A 1 108 ? -12.772 -3.496  -4.024  1.00 16.33 ? 104 SER A N   1 
ATOM   834  C CA  . SER A 1 108 ? -13.510 -4.695  -4.406  1.00 17.30 ? 104 SER A CA  1 
ATOM   835  C C   . SER A 1 108 ? -14.469 -5.105  -3.300  1.00 17.44 ? 104 SER A C   1 
ATOM   836  O O   . SER A 1 108 ? -14.063 -5.287  -2.151  1.00 17.12 ? 104 SER A O   1 
ATOM   837  C CB  . SER A 1 108 ? -12.558 -5.849  -4.717  1.00 17.88 ? 104 SER A CB  1 
ATOM   838  O OG  . SER A 1 108 ? -13.290 -6.982  -5.149  1.00 19.70 ? 104 SER A OG  1 
ATOM   839  N N   . GLY A 1 109 ? -15.745 -5.243  -3.648  1.00 17.87 ? 105 GLY A N   1 
ATOM   840  C CA  . GLY A 1 109 ? -16.766 -5.624  -2.671  1.00 17.52 ? 105 GLY A CA  1 
ATOM   841  C C   . GLY A 1 109 ? -16.844 -4.652  -1.508  1.00 17.50 ? 105 GLY A C   1 
ATOM   842  O O   . GLY A 1 109 ? -17.105 -5.050  -0.366  1.00 18.13 ? 105 GLY A O   1 
ATOM   843  N N   . GLY A 1 110 ? -16.611 -3.376  -1.807  1.00 16.84 ? 106 GLY A N   1 
ATOM   844  C CA  . GLY A 1 110 ? -16.663 -2.308  -0.820  1.00 15.80 ? 106 GLY A CA  1 
ATOM   845  C C   . GLY A 1 110 ? -15.441 -2.208  0.077   1.00 15.18 ? 106 GLY A C   1 
ATOM   846  O O   . GLY A 1 110 ? -15.409 -1.367  0.979   1.00 14.99 ? 106 GLY A O   1 
ATOM   847  N N   . LYS A 1 111 ? -14.448 -3.063  -0.167  1.00 14.31 ? 107 LYS A N   1 
ATOM   848  C CA  . LYS A 1 111 ? -13.225 -3.103  0.648   1.00 13.13 ? 107 LYS A CA  1 
ATOM   849  C C   . LYS A 1 111 ? -12.028 -2.623  -0.160  1.00 12.42 ? 107 LYS A C   1 
ATOM   850  O O   . LYS A 1 111 ? -12.003 -2.774  -1.377  1.00 12.07 ? 107 LYS A O   1 
ATOM   851  C CB  . LYS A 1 111 ? -12.927 -4.519  1.134   1.00 13.01 ? 107 LYS A CB  1 
ATOM   852  C CG  . LYS A 1 111 ? -14.124 -5.293  1.647   1.00 15.08 ? 107 LYS A CG  1 
ATOM   853  C CD  . LYS A 1 111 ? -14.356 -5.036  3.096   1.00 17.33 ? 107 LYS A CD  1 
ATOM   854  C CE  . LYS A 1 111 ? -15.476 -5.938  3.573   1.00 18.66 ? 107 LYS A CE  1 
ATOM   855  N NZ  . LYS A 1 111 ? -15.233 -6.404  4.946   1.00 22.43 ? 107 LYS A NZ  1 
ATOM   856  N N   . LEU A 1 112 ? -11.042 -2.059  0.529   1.00 11.13 ? 108 LEU A N   1 
ATOM   857  C CA  . LEU A 1 112 ? -9.777  -1.666  -0.095  1.00 10.97 ? 108 LEU A CA  1 
ATOM   858  C C   . LEU A 1 112 ? -8.856  -2.877  -0.105  1.00 10.65 ? 108 LEU A C   1 
ATOM   859  O O   . LEU A 1 112 ? -8.477  -3.374  0.952   1.00 10.48 ? 108 LEU A O   1 
ATOM   860  C CB  . LEU A 1 112 ? -9.139  -0.509  0.683   1.00 10.52 ? 108 LEU A CB  1 
ATOM   861  C CG  . LEU A 1 112 ? -7.762  -0.014  0.229   1.00 11.70 ? 108 LEU A CG  1 
ATOM   862  C CD1 . LEU A 1 112 ? -7.847  0.610   -1.130  1.00 14.18 ? 108 LEU A CD1 1 
ATOM   863  C CD2 . LEU A 1 112 ? -7.178  0.969   1.245   1.00 11.89 ? 108 LEU A CD2 1 
ATOM   864  N N   . VAL A 1 113 ? -8.505  -3.360  -1.299  1.00 10.21 ? 109 VAL A N   1 
ATOM   865  C CA  . VAL A 1 113 ? -7.664  -4.545  -1.416  1.00 10.66 ? 109 VAL A CA  1 
ATOM   866  C C   . VAL A 1 113 ? -6.327  -4.172  -2.028  1.00 10.73 ? 109 VAL A C   1 
ATOM   867  O O   . VAL A 1 113 ? -6.273  -3.709  -3.167  1.00 11.19 ? 109 VAL A O   1 
ATOM   868  C CB  . VAL A 1 113 ? -8.329  -5.637  -2.273  1.00 11.18 ? 109 VAL A CB  1 
ATOM   869  C CG1 . VAL A 1 113 ? -7.447  -6.878  -2.294  1.00 11.98 ? 109 VAL A CG1 1 
ATOM   870  C CG2 . VAL A 1 113 ? -9.726  -5.984  -1.717  1.00 11.61 ? 109 VAL A CG2 1 
ATOM   871  N N   . GLU A 1 114 ? -5.263  -4.389  -1.262  1.00 10.29 ? 110 GLU A N   1 
ATOM   872  C CA  . GLU A 1 114 ? -3.919  -3.960  -1.633  1.00 11.00 ? 110 GLU A CA  1 
ATOM   873  C C   . GLU A 1 114 ? -3.014  -5.172  -1.747  1.00 10.60 ? 110 GLU A C   1 
ATOM   874  O O   . GLU A 1 114 ? -2.856  -5.919  -0.784  1.00 11.06 ? 110 GLU A O   1 
ATOM   875  C CB  . GLU A 1 114 ? -3.373  -2.993  -0.594  1.00 11.74 ? 110 GLU A CB  1 
ATOM   876  C CG  . GLU A 1 114 ? -4.169  -1.711  -0.500  1.00 13.59 ? 110 GLU A CG  1 
ATOM   877  C CD  . GLU A 1 114 ? -3.644  -0.794  0.579   1.00 19.34 ? 110 GLU A CD  1 
ATOM   878  O OE1 . GLU A 1 114 ? -2.681  -0.044  0.305   1.00 20.71 ? 110 GLU A OE1 1 
ATOM   879  O OE2 . GLU A 1 114 ? -4.192  -0.827  1.700   1.00 20.71 ? 110 GLU A OE2 1 
ATOM   880  N N   . THR A 1 115 ? -2.444  -5.376  -2.932  1.00 10.21 ? 111 THR A N   1 
ATOM   881  C CA  . THR A 1 115 ? -1.609  -6.550  -3.180  1.00 10.20 ? 111 THR A CA  1 
ATOM   882  C C   . THR A 1 115 ? -0.178  -6.106  -3.486  1.00 10.28 ? 111 THR A C   1 
ATOM   883  O O   . THR A 1 115 ? 0.049   -5.354  -4.447  1.00 10.66 ? 111 THR A O   1 
ATOM   884  C CB  . THR A 1 115 ? -2.161  -7.371  -4.359  1.00 10.33 ? 111 THR A CB  1 
ATOM   885  O OG1 . THR A 1 115 ? -3.521  -7.750  -4.111  1.00 11.60 ? 111 THR A OG1 1 
ATOM   886  C CG2 . THR A 1 115 ? -1.306  -8.625  -4.609  1.00 11.34 ? 111 THR A CG2 1 
ATOM   887  N N   . SER A 1 116 ? 0.776   -6.579  -2.682  1.00 9.38  ? 112 SER A N   1 
ATOM   888  C CA  . SER A 1 116 ? 2.194   -6.287  -2.894  1.00 9.79  ? 112 SER A CA  1 
ATOM   889  C C   . SER A 1 116 ? 2.877   -7.565  -3.379  1.00 9.71  ? 112 SER A C   1 
ATOM   890  O O   . SER A 1 116 ? 2.781   -8.614  -2.738  1.00 9.81  ? 112 SER A O   1 
ATOM   891  C CB  . SER A 1 116 ? 2.853   -5.792  -1.602  1.00 10.38 ? 112 SER A CB  1 
ATOM   892  O OG  . SER A 1 116 ? 2.112   -4.757  -0.974  1.00 11.84 ? 112 SER A OG  1 
ATOM   893  N N   . THR A 1 117 ? 3.566   -7.475  -4.511  1.00 9.58  ? 113 THR A N   1 
ATOM   894  C CA  . THR A 1 117 ? 4.150   -8.648  -5.149  1.00 10.21 ? 113 THR A CA  1 
ATOM   895  C C   . THR A 1 117 ? 5.651   -8.446  -5.273  1.00 10.79 ? 113 THR A C   1 
ATOM   896  O O   . THR A 1 117 ? 6.112   -7.519  -5.938  1.00 10.53 ? 113 THR A O   1 
ATOM   897  C CB  . THR A 1 117 ? 3.518   -8.854  -6.529  1.00 9.91  ? 113 THR A CB  1 
ATOM   898  O OG1 . THR A 1 117 ? 2.099   -8.978  -6.361  1.00 10.97 ? 113 THR A OG1 1 
ATOM   899  C CG2 . THR A 1 117 ? 4.079   -10.103 -7.217  1.00 11.25 ? 113 THR A CG2 1 
ATOM   900  N N   . ALA A 1 118 ? 6.406   -9.307  -4.601  1.00 11.84 ? 114 ALA A N   1 
ATOM   901  C CA  . ALA A 1 118 ? 7.860   -9.243  -4.665  1.00 13.00 ? 114 ALA A CA  1 
ATOM   902  C C   . ALA A 1 118 ? 8.438   -10.545 -5.208  1.00 13.89 ? 114 ALA A C   1 
ATOM   903  O O   . ALA A 1 118 ? 7.801   -11.596 -5.141  1.00 13.82 ? 114 ALA A O   1 
ATOM   904  C CB  . ALA A 1 118 ? 8.434   -8.927  -3.305  1.00 13.42 ? 114 ALA A CB  1 
ATOM   905  N N   . SER A 1 119 ? 9.648   -10.462 -5.741  1.00 15.46 ? 115 SER A N   1 
ATOM   906  C CA  . SER A 1 119 ? 10.257  -11.595 -6.411  1.00 17.43 ? 115 SER A CA  1 
ATOM   907  C C   . SER A 1 119 ? 11.729  -11.721 -6.039  1.00 18.50 ? 115 SER A C   1 
ATOM   908  O O   . SER A 1 119 ? 12.454  -10.729 -6.048  1.00 18.50 ? 115 SER A O   1 
ATOM   909  C CB  . SER A 1 119 ? 10.097  -11.410 -7.919  1.00 17.56 ? 115 SER A CB  1 
ATOM   910  O OG  . SER A 1 119 ? 10.941  -12.274 -8.641  1.00 19.65 ? 115 SER A OG  1 
ATOM   911  N N   . GLY A 1 120 ? 12.154  -12.939 -5.708  1.00 20.07 ? 116 GLY A N   1 
ATOM   912  C CA  . GLY A 1 120 ? 13.557  -13.206 -5.391  1.00 22.00 ? 116 GLY A CA  1 
ATOM   913  C C   . GLY A 1 120 ? 14.006  -14.627 -5.683  1.00 23.28 ? 116 GLY A C   1 
ATOM   914  O O   . GLY A 1 120 ? 13.401  -15.326 -6.502  1.00 23.61 ? 116 GLY A O   1 
ATOM   915  N N   . ALA A 1 121 ? 15.073  -15.047 -5.001  1.00 24.48 ? 117 ALA A N   1 
ATOM   916  C CA  . ALA A 1 121 ? 15.665  -16.374 -5.167  1.00 25.35 ? 117 ALA A CA  1 
ATOM   917  C C   . ALA A 1 121 ? 14.705  -17.514 -4.837  1.00 25.63 ? 117 ALA A C   1 
ATOM   918  O O   . ALA A 1 121 ? 14.548  -18.443 -5.637  1.00 26.36 ? 117 ALA A O   1 
ATOM   919  C CB  . ALA A 1 121 ? 16.940  -16.495 -4.331  1.00 25.55 ? 117 ALA A CB  1 
ATOM   920  N N   . GLN A 1 122 ? 14.075  -17.448 -3.663  1.00 25.58 ? 118 GLN A N   1 
ATOM   921  C CA  . GLN A 1 122 ? 13.136  -18.489 -3.217  1.00 25.52 ? 118 GLN A CA  1 
ATOM   922  C C   . GLN A 1 122 ? 11.838  -18.503 -4.031  1.00 24.75 ? 118 GLN A C   1 
ATOM   923  O O   . GLN A 1 122 ? 11.072  -19.473 -3.987  1.00 24.95 ? 118 GLN A O   1 
ATOM   924  C CB  . GLN A 1 122 ? 12.834  -18.374 -1.711  1.00 25.80 ? 118 GLN A CB  1 
ATOM   925  C CG  . GLN A 1 122 ? 12.559  -16.962 -1.191  1.00 27.68 ? 118 GLN A CG  1 
ATOM   926  C CD  . GLN A 1 122 ? 13.804  -16.297 -0.617  1.00 29.94 ? 118 GLN A CD  1 
ATOM   927  O OE1 . GLN A 1 122 ? 14.476  -15.518 -1.294  1.00 31.49 ? 118 GLN A OE1 1 
ATOM   928  N NE2 . GLN A 1 122 ? 14.120  -16.614 0.636   1.00 30.44 ? 118 GLN A NE2 1 
ATOM   929  N N   . GLY A 1 123 ? 11.606  -17.427 -4.777  1.00 23.57 ? 119 GLY A N   1 
ATOM   930  C CA  . GLY A 1 123 ? 10.428  -17.312 -5.618  1.00 21.91 ? 119 GLY A CA  1 
ATOM   931  C C   . GLY A 1 123 ? 9.666   -16.048 -5.297  1.00 20.56 ? 119 GLY A C   1 
ATOM   932  O O   . GLY A 1 123 ? 10.241  -15.064 -4.827  1.00 20.81 ? 119 GLY A O   1 
ATOM   933  N N   . THR A 1 124 ? 8.364   -16.091 -5.545  1.00 18.98 ? 120 THR A N   1 
ATOM   934  C CA  . THR A 1 124 ? 7.509   -14.932 -5.361  1.00 17.17 ? 120 THR A CA  1 
ATOM   935  C C   . THR A 1 124 ? 6.961   -14.908 -3.938  1.00 15.94 ? 120 THR A C   1 
ATOM   936  O O   . THR A 1 124 ? 6.708   -15.957 -3.341  1.00 15.84 ? 120 THR A O   1 
ATOM   937  C CB  . THR A 1 124 ? 6.333   -14.958 -6.352  1.00 17.60 ? 120 THR A CB  1 
ATOM   938  O OG1 . THR A 1 124 ? 5.500   -16.092 -6.071  1.00 19.85 ? 120 THR A OG1 1 
ATOM   939  C CG2 . THR A 1 124 ? 6.841   -15.054 -7.781  1.00 16.66 ? 120 THR A CG2 1 
ATOM   940  N N   . ALA A 1 125 ? 6.808   -13.709 -3.384  1.00 13.77 ? 121 ALA A N   1 
ATOM   941  C CA  . ALA A 1 125 ? 6.037   -13.539 -2.161  1.00 12.70 ? 121 ALA A CA  1 
ATOM   942  C C   . ALA A 1 125 ? 5.031   -12.431 -2.373  1.00 12.10 ? 121 ALA A C   1 
ATOM   943  O O   . ALA A 1 125 ? 5.363   -11.373 -2.919  1.00 11.32 ? 121 ALA A O   1 
ATOM   944  C CB  . ALA A 1 125 ? 6.926   -13.231 -0.970  1.00 13.24 ? 121 ALA A CB  1 
ATOM   945  N N   . VAL A 1 126 ? 3.806   -12.698 -1.936  1.00 11.30 ? 122 VAL A N   1 
ATOM   946  C CA  . VAL A 1 126 ? 2.676   -11.802 -2.151  1.00 10.96 ? 122 VAL A CA  1 
ATOM   947  C C   . VAL A 1 126 ? 1.991   -11.483 -0.824  1.00 10.77 ? 122 VAL A C   1 
ATOM   948  O O   . VAL A 1 126 ? 1.592   -12.392 -0.076  1.00 10.40 ? 122 VAL A O   1 
ATOM   949  C CB  . VAL A 1 126 ? 1.639   -12.414 -3.115  1.00 10.50 ? 122 VAL A CB  1 
ATOM   950  C CG1 . VAL A 1 126 ? 0.485   -11.444 -3.343  1.00 11.86 ? 122 VAL A CG1 1 
ATOM   951  C CG2 . VAL A 1 126 ? 2.283   -12.782 -4.449  1.00 12.04 ? 122 VAL A CG2 1 
ATOM   952  N N   . LEU A 1 127 ? 1.882   -10.194 -0.534  1.00 10.68 ? 123 LEU A N   1 
ATOM   953  C CA  . LEU A 1 127 ? 1.112   -9.706  0.600   1.00 11.43 ? 123 LEU A CA  1 
ATOM   954  C C   . LEU A 1 127 ? -0.221  -9.163  0.088   1.00 11.40 ? 123 LEU A C   1 
ATOM   955  O O   . LEU A 1 127 ? -0.250  -8.306  -0.796  1.00 11.66 ? 123 LEU A O   1 
ATOM   956  C CB  . LEU A 1 127 ? 1.877   -8.604  1.329   1.00 11.46 ? 123 LEU A CB  1 
ATOM   957  C CG  . LEU A 1 127 ? 1.123   -7.734  2.332   1.00 12.61 ? 123 LEU A CG  1 
ATOM   958  C CD1 . LEU A 1 127 ? 0.590   -8.548  3.509   1.00 13.53 ? 123 LEU A CD1 1 
ATOM   959  C CD2 . LEU A 1 127 ? 2.032   -6.599  2.816   1.00 13.52 ? 123 LEU A CD2 1 
ATOM   960  N N   . VAL A 1 128 ? -1.317  -9.685  0.631   1.00 11.22 ? 124 VAL A N   1 
ATOM   961  C CA  . VAL A 1 128 ? -2.640  -9.159  0.325   1.00 11.94 ? 124 VAL A CA  1 
ATOM   962  C C   . VAL A 1 128 ? -3.259  -8.591  1.593   1.00 12.02 ? 124 VAL A C   1 
ATOM   963  O O   . VAL A 1 128 ? -3.467  -9.312  2.563   1.00 11.68 ? 124 VAL A O   1 
ATOM   964  C CB  . VAL A 1 128 ? -3.593  -10.238 -0.246  1.00 12.10 ? 124 VAL A CB  1 
ATOM   965  C CG1 . VAL A 1 128 ? -4.934  -9.609  -0.627  1.00 13.81 ? 124 VAL A CG1 1 
ATOM   966  C CG2 . VAL A 1 128 ? -2.976  -10.960 -1.449  1.00 13.23 ? 124 VAL A CG2 1 
ATOM   967  N N   . ARG A 1 129 ? -3.537  -7.291  1.577   1.00 11.79 ? 125 ARG A N   1 
ATOM   968  C CA  . ARG A 1 129 ? -4.181  -6.621  2.708   1.00 13.25 ? 125 ARG A CA  1 
ATOM   969  C C   . ARG A 1 129 ? -5.568  -6.169  2.298   1.00 12.46 ? 125 ARG A C   1 
ATOM   970  O O   . ARG A 1 129 ? -5.738  -5.573  1.242   1.00 12.39 ? 125 ARG A O   1 
ATOM   971  C CB  . ARG A 1 129 ? -3.365  -5.402  3.140   1.00 13.46 ? 125 ARG A CB  1 
ATOM   972  C CG  . ARG A 1 129 ? -1.999  -5.720  3.742   1.00 16.37 ? 125 ARG A CG  1 
ATOM   973  C CD  . ARG A 1 129 ? -1.321  -4.471  4.347   1.00 18.07 ? 125 ARG A CD  1 
ATOM   974  N NE  . ARG A 1 129 ? -2.294  -3.574  4.961   1.00 22.56 ? 125 ARG A NE  1 
ATOM   975  C CZ  . ARG A 1 129 ? -2.722  -2.438  4.416   1.00 24.45 ? 125 ARG A CZ  1 
ATOM   976  N NH1 . ARG A 1 129 ? -2.244  -2.022  3.251   1.00 27.45 ? 125 ARG A NH1 1 
ATOM   977  N NH2 . ARG A 1 129 ? -3.627  -1.706  5.046   1.00 26.19 ? 125 ARG A NH2 1 
ATOM   978  N N   . THR A 1 130 ? -6.563  -6.452  3.136   1.00 11.01 ? 126 THR A N   1 
ATOM   979  C CA  . THR A 1 130 ? -7.931  -6.044  2.861   1.00 11.32 ? 126 THR A CA  1 
ATOM   980  C C   . THR A 1 130 ? -8.370  -5.156  4.016   1.00 11.01 ? 126 THR A C   1 
ATOM   981  O O   . THR A 1 130 ? -8.284  -5.569  5.167   1.00 11.54 ? 126 THR A O   1 
ATOM   982  C CB  . THR A 1 130 ? -8.863  -7.264  2.762   1.00 11.38 ? 126 THR A CB  1 
ATOM   983  O OG1 . THR A 1 130 ? -8.418  -8.109  1.693   1.00 12.36 ? 126 THR A OG1 1 
ATOM   984  C CG2 . THR A 1 130 ? -10.302 -6.819  2.500   1.00 12.76 ? 126 THR A CG2 1 
ATOM   985  N N   . SER A 1 131 ? -8.823  -3.946  3.693   1.00 9.97  ? 127 SER A N   1 
ATOM   986  C CA  . SER A 1 131 ? -9.227  -2.962  4.704   1.00 9.75  ? 127 SER A CA  1 
ATOM   987  C C   . SER A 1 131 ? -10.686 -2.595  4.548   1.00 9.98  ? 127 SER A C   1 
ATOM   988  O O   . SER A 1 131 ? -11.197 -2.520  3.426   1.00 9.62  ? 127 SER A O   1 
ATOM   989  C CB  . SER A 1 131 ? -8.374  -1.684  4.567   1.00 10.15 ? 127 SER A CB  1 
ATOM   990  O OG  . SER A 1 131 ? -6.985  -1.934  4.726   1.00 10.71 ? 127 SER A OG  1 
ATOM   991  N N   . LYS A 1 132 ? -11.351 -2.372  5.682   1.00 9.49  ? 128 LYS A N   1 
ATOM   992  C CA  . LYS A 1 132 ? -12.736 -1.916  5.707   1.00 10.17 ? 128 LYS A CA  1 
ATOM   993  C C   . LYS A 1 132 ? -12.793 -0.426  6.016   1.00 9.88  ? 128 LYS A C   1 
ATOM   994  O O   . LYS A 1 132 ? -11.897 0.127   6.657   1.00 9.76  ? 128 LYS A O   1 
ATOM   995  C CB  . LYS A 1 132 ? -13.547 -2.709  6.743   1.00 10.20 ? 128 LYS A CB  1 
ATOM   996  C CG  . LYS A 1 132 ? -13.078 -2.539  8.181   1.00 12.32 ? 128 LYS A CG  1 
ATOM   997  C CD  . LYS A 1 132 ? -13.972 -3.292  9.161   1.00 12.49 ? 128 LYS A CD  1 
ATOM   998  C CE  . LYS A 1 132 ? -13.516 -3.016  10.592  1.00 15.54 ? 128 LYS A CE  1 
ATOM   999  N NZ  . LYS A 1 132 ? -14.212 -3.871  11.600  1.00 17.50 ? 128 LYS A NZ  1 
ATOM   1000 N N   . LYS A 1 133 ? -13.854 0.225   5.561   1.00 9.64  ? 129 LYS A N   1 
ATOM   1001 C CA  . LYS A 1 133 ? -14.069 1.628   5.880   1.00 10.05 ? 129 LYS A CA  1 
ATOM   1002 C C   . LYS A 1 133 ? -14.380 1.761   7.361   1.00 9.77  ? 129 LYS A C   1 
ATOM   1003 O O   . LYS A 1 133 ? -15.225 1.031   7.895   1.00 10.09 ? 129 LYS A O   1 
ATOM   1004 C CB  . LYS A 1 133 ? -15.228 2.154   5.045   1.00 10.57 ? 129 LYS A CB  1 
ATOM   1005 C CG  . LYS A 1 133 ? -15.422 3.644   5.113   1.00 14.93 ? 129 LYS A CG  1 
ATOM   1006 C CD  . LYS A 1 133 ? -16.479 4.088   4.109   1.00 18.64 ? 129 LYS A CD  1 
ATOM   1007 C CE  . LYS A 1 133 ? -16.104 3.717   2.685   1.00 21.63 ? 129 LYS A CE  1 
ATOM   1008 N NZ  . LYS A 1 133 ? -15.130 4.670   2.110   1.00 22.62 ? 129 LYS A NZ  1 
ATOM   1009 N N   . VAL A 1 134 ? -13.696 2.683   8.036   1.00 9.50  ? 130 VAL A N   1 
ATOM   1010 C CA  . VAL A 1 134 ? -13.933 2.856   9.480   1.00 9.95  ? 130 VAL A CA  1 
ATOM   1011 C C   . VAL A 1 134 ? -14.506 4.220   9.823   1.00 10.72 ? 130 VAL A C   1 
ATOM   1012 O O   . VAL A 1 134 ? -14.790 4.501   10.974  1.00 10.00 ? 130 VAL A O   1 
ATOM   1013 C CB  . VAL A 1 134 ? -12.679 2.562   10.341  1.00 10.36 ? 130 VAL A CB  1 
ATOM   1014 C CG1 . VAL A 1 134 ? -12.339 1.061   10.291  1.00 10.60 ? 130 VAL A CG1 1 
ATOM   1015 C CG2 . VAL A 1 134 ? -11.498 3.426   9.899   1.00 10.04 ? 130 VAL A CG2 1 
ATOM   1016 N N   . LEU A 1 135 ? -14.664 5.057   8.804   1.00 12.18 ? 131 LEU A N   1 
ATOM   1017 C CA  . LEU A 1 135 ? -15.420 6.288   8.925   1.00 14.80 ? 131 LEU A CA  1 
ATOM   1018 C C   . LEU A 1 135 ? -16.505 6.142   7.876   1.00 16.50 ? 131 LEU A C   1 
ATOM   1019 O O   . LEU A 1 135 ? -16.239 6.327   6.689   1.00 16.93 ? 131 LEU A O   1 
ATOM   1020 C CB  . LEU A 1 135 ? -14.527 7.481   8.582   1.00 15.68 ? 131 LEU A CB  1 
ATOM   1021 C CG  . LEU A 1 135 ? -13.888 8.364   9.639   1.00 16.79 ? 131 LEU A CG  1 
ATOM   1022 C CD1 . LEU A 1 135 ? -13.094 9.480   8.988   1.00 15.27 ? 131 LEU A CD1 1 
ATOM   1023 C CD2 . LEU A 1 135 ? -14.947 8.964   10.546  1.00 16.86 ? 131 LEU A CD2 1 
ATOM   1024 N N   . VAL A 1 136 ? -17.710 5.770   8.317   1.00 17.42 ? 132 VAL A N   1 
ATOM   1025 C CA  . VAL A 1 136 ? -18.771 5.290   7.416   1.00 18.58 ? 132 VAL A CA  1 
ATOM   1026 C C   . VAL A 1 136 ? -19.894 6.306   7.215   1.00 18.58 ? 132 VAL A C   1 
ATOM   1027 O O   . VAL A 1 136 ? -20.363 6.928   8.164   1.00 19.10 ? 132 VAL A O   1 
ATOM   1028 C CB  . VAL A 1 136 ? -19.346 3.891   7.864   1.00 18.57 ? 132 VAL A CB  1 
ATOM   1029 C CG1 . VAL A 1 136 ? -18.255 2.809   7.806   1.00 18.79 ? 132 VAL A CG1 1 
ATOM   1030 C CG2 . VAL A 1 136 ? -19.947 3.948   9.259   1.00 19.62 ? 132 VAL A CG2 1 
HETATM 1031 C C1  . EDO B 2 .   ? 0.145   2.692   -1.317  1.00 25.68 ? 200 EDO A C1  1 
HETATM 1032 O O1  . EDO B 2 .   ? 0.916   1.788   -1.617  1.00 27.14 ? 200 EDO A O1  1 
HETATM 1033 C C2  . EDO B 2 .   ? 0.408   4.108   -1.767  1.00 24.60 ? 200 EDO A C2  1 
HETATM 1034 O O2  . EDO B 2 .   ? 1.434   4.692   -0.953  1.00 24.57 ? 200 EDO A O2  1 
HETATM 1035 O O   . HOH C 3 .   ? -2.839  2.818   11.891  1.00 9.86  ? 201 HOH A O   1 
HETATM 1036 O O   . HOH C 3 .   ? 4.305   3.587   -10.380 1.00 11.58 ? 202 HOH A O   1 
HETATM 1037 O O   . HOH C 3 .   ? 0.931   -6.591  -7.078  1.00 13.61 ? 203 HOH A O   1 
HETATM 1038 O O   . HOH C 3 .   ? -4.526  11.329  2.608   1.00 12.63 ? 204 HOH A O   1 
HETATM 1039 O O   . HOH C 3 .   ? -5.513  0.219   5.606   1.00 11.60 ? 205 HOH A O   1 
HETATM 1040 O O   . HOH C 3 .   ? -0.312  -4.803  0.020   1.00 13.86 ? 206 HOH A O   1 
HETATM 1041 O O   . HOH C 3 .   ? 0.992   6.683   12.691  1.00 17.67 ? 207 HOH A O   1 
HETATM 1042 O O   . HOH C 3 .   ? 1.053   6.032   1.472   1.00 16.35 ? 208 HOH A O   1 
HETATM 1043 O O   . HOH C 3 .   ? 3.198   1.372   -12.543 1.00 13.35 ? 209 HOH A O   1 
HETATM 1044 O O   . HOH C 3 .   ? 4.429   12.309  -2.576  1.00 17.50 ? 210 HOH A O   1 
HETATM 1045 O O   . HOH C 3 .   ? 13.184  7.542   -9.171  1.00 19.80 ? 211 HOH A O   1 
HETATM 1046 O O   . HOH C 3 .   ? 10.315  -0.033  -2.311  1.00 19.32 ? 212 HOH A O   1 
HETATM 1047 O O   . HOH C 3 .   ? -2.653  1.834   2.262   1.00 14.38 ? 213 HOH A O   1 
HETATM 1048 O O   . HOH C 3 .   ? -5.183  -5.764  -5.112  1.00 16.76 ? 214 HOH A O   1 
HETATM 1049 O O   . HOH C 3 .   ? -5.225  -17.650 0.071   1.00 20.61 ? 215 HOH A O   1 
HETATM 1050 O O   . HOH C 3 .   ? -12.244 -0.725  13.294  1.00 17.31 ? 216 HOH A O   1 
HETATM 1051 O O   . HOH C 3 .   ? -6.488  -9.835  2.771   1.00 18.35 ? 217 HOH A O   1 
HETATM 1052 O O   . HOH C 3 .   ? 2.470   -5.042  -11.549 1.00 12.40 ? 218 HOH A O   1 
HETATM 1053 O O   . HOH C 3 .   ? -15.577 -1.334  3.843   1.00 16.91 ? 219 HOH A O   1 
HETATM 1054 O O   . HOH C 3 .   ? 2.557   2.520   17.635  1.00 20.98 ? 220 HOH A O   1 
HETATM 1055 O O   . HOH C 3 .   ? 1.373   5.114   15.518  1.00 18.47 ? 221 HOH A O   1 
HETATM 1056 O O   . HOH C 3 .   ? -17.164 -0.770  7.097   1.00 19.07 ? 222 HOH A O   1 
HETATM 1057 O O   . HOH C 3 .   ? -10.448 11.093  2.971   1.00 22.88 ? 223 HOH A O   1 
HETATM 1058 O O   . HOH C 3 .   ? -3.695  -1.420  15.219  1.00 21.48 ? 224 HOH A O   1 
HETATM 1059 O O   . HOH C 3 .   ? 5.113   15.312  -7.700  1.00 26.41 ? 225 HOH A O   1 
HETATM 1060 O O   . HOH C 3 .   ? 5.600   5.662   19.827  1.00 20.75 ? 226 HOH A O   1 
HETATM 1061 O O   . HOH C 3 .   ? 6.073   11.471  13.206  1.00 30.19 ? 227 HOH A O   1 
HETATM 1062 O O   . HOH C 3 .   ? -5.642  14.281  -3.567  1.00 19.25 ? 228 HOH A O   1 
HETATM 1063 O O   . HOH C 3 .   ? -9.892  2.659   -14.046 1.00 30.88 ? 229 HOH A O   1 
HETATM 1064 O O   . HOH C 3 .   ? 0.578   -0.380  0.757   1.00 22.69 ? 230 HOH A O   1 
HETATM 1065 O O   . HOH C 3 .   ? -10.219 -3.429  11.091  1.00 23.27 ? 231 HOH A O   1 
HETATM 1066 O O   . HOH C 3 .   ? 10.800  -7.961  -5.748  1.00 24.58 ? 232 HOH A O   1 
HETATM 1067 O O   . HOH C 3 .   ? 10.201  -0.124  1.837   1.00 35.85 ? 233 HOH A O   1 
HETATM 1068 O O   . HOH C 3 .   ? 10.126  12.251  -3.373  1.00 29.38 ? 234 HOH A O   1 
HETATM 1069 O O   . HOH C 3 .   ? 12.651  -8.333  -8.180  1.00 27.44 ? 235 HOH A O   1 
HETATM 1070 O O   . HOH C 3 .   ? -11.263 0.209   -7.713  1.00 20.73 ? 236 HOH A O   1 
HETATM 1071 O O   . HOH C 3 .   ? 2.254   -14.057 7.571   1.00 25.24 ? 237 HOH A O   1 
HETATM 1072 O O   . HOH C 3 .   ? -5.136  14.053  2.787   1.00 27.68 ? 238 HOH A O   1 
HETATM 1073 O O   . HOH C 3 .   ? -23.479 7.752   7.920   1.00 29.57 ? 239 HOH A O   1 
HETATM 1074 O O   . HOH C 3 .   ? -5.988  -2.666  2.421   1.00 11.98 ? 240 HOH A O   1 
HETATM 1075 O O   . HOH C 3 .   ? -5.801  17.938  -9.121  1.00 23.66 ? 241 HOH A O   1 
HETATM 1076 O O   . HOH C 3 .   ? 12.488  1.620   1.326   1.00 22.99 ? 242 HOH A O   1 
HETATM 1077 O O   . HOH C 3 .   ? -16.926 -2.139  -4.587  1.00 33.00 ? 243 HOH A O   1 
HETATM 1078 O O   . HOH C 3 .   ? 10.050  -15.057 2.216   1.00 26.39 ? 244 HOH A O   1 
HETATM 1079 O O   . HOH C 3 .   ? -2.741  -0.521  17.694  1.00 23.98 ? 245 HOH A O   1 
HETATM 1080 O O   . HOH C 3 .   ? 0.405   15.461  -6.862  1.00 31.79 ? 246 HOH A O   1 
HETATM 1081 O O   . HOH C 3 .   ? 4.810   13.026  -16.664 1.00 29.89 ? 247 HOH A O   1 
HETATM 1082 O O   . HOH C 3 .   ? -3.504  1.087   13.740  1.00 18.51 ? 248 HOH A O   1 
HETATM 1083 O O   . HOH C 3 .   ? 7.647   1.021   -0.084  1.00 31.03 ? 249 HOH A O   1 
HETATM 1084 O O   . HOH C 3 .   ? -2.128  -14.741 7.922   1.00 28.32 ? 250 HOH A O   1 
HETATM 1085 O O   . HOH C 3 .   ? 9.058   6.787   5.625   1.00 30.48 ? 251 HOH A O   1 
HETATM 1086 O O   . HOH C 3 .   ? -2.049  -4.033  8.913   1.00 23.16 ? 252 HOH A O   1 
HETATM 1087 O O   . HOH C 3 .   ? -15.184 5.734   -0.775  1.00 23.78 ? 253 HOH A O   1 
HETATM 1088 O O   . HOH C 3 .   ? -0.779  -16.050 5.064   1.00 29.29 ? 254 HOH A O   1 
HETATM 1089 O O   . HOH C 3 .   ? 2.980   2.730   0.719   1.00 25.71 ? 255 HOH A O   1 
HETATM 1090 O O   . HOH C 3 .   ? -9.646  -7.999  11.796  1.00 29.81 ? 256 HOH A O   1 
HETATM 1091 O O   . HOH C 3 .   ? -6.177  -12.005 8.331   1.00 24.13 ? 257 HOH A O   1 
HETATM 1092 O O   . HOH C 3 .   ? 1.697   -6.691  16.493  1.00 28.81 ? 258 HOH A O   1 
HETATM 1093 O O   . HOH C 3 .   ? -14.323 7.285   5.259   1.00 30.92 ? 259 HOH A O   1 
HETATM 1094 O O   . HOH C 3 .   ? 6.881   2.423   11.865  1.00 32.25 ? 260 HOH A O   1 
HETATM 1095 O O   . HOH C 3 .   ? -0.168  -12.773 7.063   1.00 21.53 ? 261 HOH A O   1 
HETATM 1096 O O   . HOH C 3 .   ? -15.359 7.888   -10.831 1.00 31.07 ? 262 HOH A O   1 
HETATM 1097 O O   . HOH C 3 .   ? 3.079   -0.069  -0.131  1.00 23.87 ? 263 HOH A O   1 
HETATM 1098 O O   . HOH C 3 .   ? -0.836  -10.869 9.058   1.00 29.32 ? 264 HOH A O   1 
HETATM 1099 O O   . HOH C 3 .   ? 12.444  -4.862  -7.211  1.00 22.02 ? 265 HOH A O   1 
HETATM 1100 O O   . HOH C 3 .   ? 3.271   -15.660 -1.532  1.00 29.47 ? 266 HOH A O   1 
HETATM 1101 O O   . HOH C 3 .   ? 1.829   -11.550 18.005  1.00 34.25 ? 267 HOH A O   1 
HETATM 1102 O O   . HOH C 3 .   ? -9.731  1.694   -17.575 1.00 30.74 ? 268 HOH A O   1 
HETATM 1103 O O   . HOH C 3 .   ? -11.699 5.242   -8.977  1.00 31.27 ? 269 HOH A O   1 
HETATM 1104 O O   . HOH C 3 .   ? 4.083   12.005  5.773   1.00 27.90 ? 270 HOH A O   1 
HETATM 1105 O O   . HOH C 3 .   ? 6.927   -3.333  14.140  1.00 51.00 ? 271 HOH A O   1 
HETATM 1106 O O   . HOH C 3 .   ? -4.140  -13.423 8.429   1.00 22.35 ? 272 HOH A O   1 
HETATM 1107 O O   . HOH C 3 .   ? -5.048  -7.359  15.138  1.00 28.28 ? 273 HOH A O   1 
HETATM 1108 O O   . HOH C 3 .   ? 7.148   9.619   6.282   1.00 32.18 ? 274 HOH A O   1 
HETATM 1109 O O   . HOH C 3 .   ? 13.867  -1.502  -8.616  1.00 29.40 ? 275 HOH A O   1 
HETATM 1110 O O   . HOH C 3 .   ? -16.395 -8.533  6.280   1.00 41.10 ? 276 HOH A O   1 
HETATM 1111 O O   . HOH C 3 .   ? 12.701  10.362  3.961   1.00 35.18 ? 277 HOH A O   1 
HETATM 1112 O O   . HOH C 3 .   ? -14.112 0.494   -8.007  1.00 39.88 ? 278 HOH A O   1 
HETATM 1113 O O   . HOH C 3 .   ? -16.752 -4.397  -6.427  1.00 34.28 ? 279 HOH A O   1 
HETATM 1114 O O   . HOH C 3 .   ? -16.466 5.948   -8.454  1.00 40.99 ? 280 HOH A O   1 
HETATM 1115 O O   . HOH C 3 .   ? -11.666 -2.442  -9.754  1.00 36.93 ? 281 HOH A O   1 
HETATM 1116 O O   . HOH C 3 .   ? -7.151  -6.950  -6.359  1.00 35.66 ? 282 HOH A O   1 
HETATM 1117 O O   . HOH C 3 .   ? -16.820 1.083   0.267   1.00 38.30 ? 283 HOH A O   1 
HETATM 1118 O O   . HOH C 3 .   ? 15.923  8.941   -0.759  1.00 31.97 ? 284 HOH A O   1 
HETATM 1119 O O   . HOH C 3 .   ? -1.332  2.080   17.291  1.00 41.61 ? 285 HOH A O   1 
HETATM 1120 O O   . HOH C 3 .   ? 8.810   -16.481 -0.060  1.00 40.20 ? 286 HOH A O   1 
HETATM 1121 O O   . HOH C 3 .   ? -8.975  8.110   -10.466 1.00 45.63 ? 287 HOH A O   1 
HETATM 1122 O O   . HOH C 3 .   ? -6.871  14.550  4.665   1.00 33.50 ? 288 HOH A O   1 
HETATM 1123 O O   . HOH C 3 .   ? -18.704 -4.308  1.683   1.00 45.77 ? 289 HOH A O   1 
HETATM 1124 O O   . HOH C 3 .   ? 6.088   9.655   2.952   1.00 40.68 ? 290 HOH A O   1 
HETATM 1125 O O   . HOH C 3 .   ? -5.821  0.572   13.838  1.00 19.20 ? 291 HOH A O   1 
HETATM 1126 O O   . HOH C 3 .   ? 12.813  -6.571  -3.033  1.00 33.80 ? 292 HOH A O   1 
HETATM 1127 O O   . HOH C 3 .   ? -3.318  2.656   15.646  1.00 31.25 ? 293 HOH A O   1 
HETATM 1128 O O   . HOH C 3 .   ? 12.877  0.972   -1.602  1.00 22.27 ? 294 HOH A O   1 
HETATM 1129 O O   . HOH C 3 .   ? -5.421  16.070  0.766   1.00 32.70 ? 295 HOH A O   1 
HETATM 1130 O O   . HOH C 3 .   ? -11.233 -5.508  12.279  1.00 28.87 ? 296 HOH A O   1 
HETATM 1131 O O   . HOH C 3 .   ? 2.957   6.038   20.239  1.00 29.71 ? 297 HOH A O   1 
HETATM 1132 O O   . HOH C 3 .   ? 0.569   9.033   -19.026 1.00 32.33 ? 298 HOH A O   1 
HETATM 1133 O O   . HOH C 3 .   ? -1.645  0.452   -2.083  1.00 24.48 ? 299 HOH A O   1 
HETATM 1134 O O   . HOH C 3 .   ? -9.553  12.654  4.817   1.00 33.67 ? 300 HOH A O   1 
HETATM 1135 O O   . HOH C 3 .   ? -17.161 -7.727  0.436   1.00 41.86 ? 301 HOH A O   1 
HETATM 1136 O O   . HOH C 3 .   ? -4.054  11.881  -15.381 1.00 27.94 ? 302 HOH A O   1 
HETATM 1137 O O   . HOH C 3 .   ? 7.459   -0.603  17.975  1.00 37.69 ? 303 HOH A O   1 
HETATM 1138 O O   . HOH C 3 .   ? 9.815   -5.494  -7.591  1.00 16.34 ? 304 HOH A O   1 
HETATM 1139 O O   . HOH C 3 .   ? 3.846   -13.834 1.134   1.00 30.74 ? 305 HOH A O   1 
HETATM 1140 O O   . HOH C 3 .   ? -1.779  14.482  -5.120  1.00 30.00 ? 306 HOH A O   1 
HETATM 1141 O O   . HOH C 3 .   ? 2.087   9.061   -10.889 1.00 10.46 ? 307 HOH A O   1 
HETATM 1142 O O   . HOH C 3 .   ? 6.986   4.110   -9.850  1.00 9.76  ? 308 HOH A O   1 
HETATM 1143 O O   . HOH C 3 .   ? 15.477  0.055   -2.886  1.00 46.85 ? 309 HOH A O   1 
HETATM 1144 O O   . HOH C 3 .   ? 6.130   1.552   20.539  1.00 39.74 ? 310 HOH A O   1 
HETATM 1145 O O   . HOH C 3 .   ? 2.977   11.621  -18.490 1.00 37.34 ? 311 HOH A O   1 
HETATM 1146 O O   . HOH C 3 .   ? 9.742   -16.985 4.128   1.00 35.25 ? 312 HOH A O   1 
HETATM 1147 O O   . HOH C 3 .   ? 2.452   14.689  -8.791  1.00 34.95 ? 313 HOH A O   1 
HETATM 1148 O O   . HOH C 3 .   ? 4.034   14.398  -5.515  1.00 39.51 ? 314 HOH A O   1 
HETATM 1149 O O   . HOH C 3 .   ? -11.754 -8.839  4.822   1.00 31.76 ? 315 HOH A O   1 
HETATM 1150 O O   . HOH C 3 .   ? -0.199  -2.802  1.768   1.00 26.28 ? 316 HOH A O   1 
HETATM 1151 O O   . HOH C 3 .   ? -13.960 -6.665  10.594  1.00 39.93 ? 317 HOH A O   1 
HETATM 1152 O O   . HOH C 3 .   ? -12.994 -3.174  14.192  1.00 21.18 ? 318 HOH A O   1 
HETATM 1153 O O   . HOH C 3 .   ? -6.187  -1.448  16.312  1.00 21.24 ? 319 HOH A O   1 
HETATM 1154 O O   . HOH C 3 .   ? 5.470   -11.843 19.010  1.00 48.09 ? 320 HOH A O   1 
HETATM 1155 O O   . HOH C 3 .   ? -5.293  -0.148  18.407  1.00 16.68 ? 321 HOH A O   1 
HETATM 1156 O O   . HOH C 3 .   ? -5.129  -10.025 -4.672  1.00 28.48 ? 322 HOH A O   1 
HETATM 1157 O O   . HOH C 3 .   ? -3.969  -7.592  11.255  1.00 44.82 ? 323 HOH A O   1 
HETATM 1158 O O   . HOH C 3 .   ? -13.031 -4.962  -8.025  1.00 44.82 ? 324 HOH A O   1 
HETATM 1159 O O   . HOH C 3 .   ? 8.917   15.339  -13.334 1.00 48.73 ? 325 HOH A O   1 
HETATM 1160 O O   . HOH C 3 .   ? 15.666  -13.545 -2.702  1.00 45.48 ? 326 HOH A O   1 
HETATM 1161 O O   . HOH C 3 .   ? -16.077 7.544   2.845   1.00 40.87 ? 327 HOH A O   1 
HETATM 1162 O O   . HOH C 3 .   ? 14.166  -10.161 6.042   1.00 69.79 ? 328 HOH A O   1 
HETATM 1163 O O   . HOH C 3 .   ? -9.929  -9.580  -0.072  1.00 29.17 ? 329 HOH A O   1 
HETATM 1164 O O   . HOH C 3 .   ? -6.849  -8.262  12.871  1.00 45.25 ? 330 HOH A O   1 
HETATM 1165 O O   . HOH C 3 .   ? -12.741 2.779   -8.154  1.00 35.82 ? 331 HOH A O   1 
HETATM 1166 O O   . HOH C 3 .   ? 15.425  -11.009 19.225  1.00 51.46 ? 332 HOH A O   1 
HETATM 1167 O O   . HOH C 3 .   ? -3.689  -7.411  -8.340  1.00 37.81 ? 333 HOH A O   1 
# 
loop_
_pdbx_poly_seq_scheme.asym_id 
_pdbx_poly_seq_scheme.entity_id 
_pdbx_poly_seq_scheme.seq_id 
_pdbx_poly_seq_scheme.mon_id 
_pdbx_poly_seq_scheme.ndb_seq_num 
_pdbx_poly_seq_scheme.pdb_seq_num 
_pdbx_poly_seq_scheme.auth_seq_num 
_pdbx_poly_seq_scheme.pdb_mon_id 
_pdbx_poly_seq_scheme.auth_mon_id 
_pdbx_poly_seq_scheme.pdb_strand_id 
_pdbx_poly_seq_scheme.pdb_ins_code 
_pdbx_poly_seq_scheme.hetero 
A 1 1   MET 1   -3  ?   ?   ?   A . n 
A 1 2   ARG 2   -2  ?   ?   ?   A . n 
A 1 3   GLY 3   -1  -1  GLY GLY A . n 
A 1 4   SER 4   0   0   SER SER A . n 
A 1 5   ALA 5   1   1   ALA ALA A . n 
A 1 6   PHE 6   2   2   PHE PHE A . n 
A 1 7   ASN 7   3   3   ASN ASN A . n 
A 1 8   GLY 8   4   4   GLY GLY A . n 
A 1 9   LYS 9   5   5   LYS LYS A . n 
A 1 10  TRP 10  6   6   TRP TRP A . n 
A 1 11  GLU 11  7   7   GLU GLU A . n 
A 1 12  THR 12  8   8   THR THR A . n 
A 1 13  GLU 13  9   9   GLU GLU A . n 
A 1 14  SER 14  10  10  SER SER A . n 
A 1 15  GLN 15  11  11  GLN GLN A . n 
A 1 16  GLU 16  12  12  GLU GLU A . n 
A 1 17  GLY 17  13  13  GLY GLY A . n 
A 1 18  TYR 18  14  14  TYR TYR A . n 
A 1 19  GLU 19  15  15  GLU GLU A . n 
A 1 20  PRO 20  16  16  PRO PRO A . n 
A 1 21  PHE 21  17  17  PHE PHE A . n 
A 1 22  CYS 22  18  18  CYS CYS A . n 
A 1 23  LYS 23  19  19  LYS LYS A . n 
A 1 24  LEU 24  20  20  LEU LEU A . n 
A 1 25  ILE 25  21  21  ILE ILE A . n 
A 1 26  GLY 26  22  22  GLY GLY A . n 
A 1 27  ILE 27  23  23  ILE ILE A . n 
A 1 28  PRO 28  24  24  PRO PRO A . n 
A 1 29  ASP 29  25  25  ASP ASP A . n 
A 1 30  ASP 30  26  26  ASP ASP A . n 
A 1 31  VAL 31  27  27  VAL VAL A . n 
A 1 32  ILE 32  28  28  ILE ILE A . n 
A 1 33  ALA 33  29  29  ALA ALA A . n 
A 1 34  LYS 34  30  30  LYS LYS A . n 
A 1 35  GLY 35  31  31  GLY GLY A . n 
A 1 36  ARG 36  32  32  ARG ARG A . n 
A 1 37  ASP 37  33  33  ASP ASP A . n 
A 1 38  PHE 38  34  34  PHE PHE A . n 
A 1 39  LYS 39  35  35  LYS LYS A . n 
A 1 40  LEU 40  36  36  LEU LEU A . n 
A 1 41  VAL 41  37  37  VAL VAL A . n 
A 1 42  THR 42  38  38  THR THR A . n 
A 1 43  GLU 43  39  39  GLU GLU A . n 
A 1 44  ILE 44  40  40  ILE ILE A . n 
A 1 45  VAL 45  41  41  VAL VAL A . n 
A 1 46  GLN 46  42  42  GLN GLN A . n 
A 1 47  ASN 47  43  43  ASN ASN A . n 
A 1 48  GLY 48  44  44  GLY GLY A . n 
A 1 49  ASP 49  45  45  ASP ASP A . n 
A 1 50  ASP 50  46  46  ASP ASP A . n 
A 1 51  PHE 51  47  47  PHE PHE A . n 
A 1 52  THR 52  48  48  THR THR A . n 
A 1 53  TRP 53  49  49  TRP TRP A . n 
A 1 54  THR 54  50  50  THR THR A . n 
A 1 55  GLN 55  51  51  GLN GLN A . n 
A 1 56  TYR 56  52  52  TYR TYR A . n 
A 1 57  TYR 57  53  53  TYR TYR A . n 
A 1 58  PRO 58  54  54  PRO PRO A . n 
A 1 59  ASN 59  55  55  ASN ASN A . n 
A 1 60  ASN 60  56  56  ASN ASN A . n 
A 1 61  HIS 61  57  57  HIS HIS A . n 
A 1 62  VAL 62  58  58  VAL VAL A . n 
A 1 63  VAL 63  59  59  VAL VAL A . n 
A 1 64  THR 64  60  60  THR THR A . n 
A 1 65  ASN 65  61  61  ASN ASN A . n 
A 1 66  LYS 66  62  62  LYS LYS A . n 
A 1 67  PHE 67  63  63  PHE PHE A . n 
A 1 68  ILE 68  64  64  ILE ILE A . n 
A 1 69  VAL 69  65  65  VAL VAL A . n 
A 1 70  GLY 70  66  66  GLY GLY A . n 
A 1 71  LYS 71  67  67  LYS LYS A . n 
A 1 72  GLU 72  68  68  GLU GLU A . n 
A 1 73  SER 73  69  69  SER SER A . n 
A 1 74  ASP 74  70  70  ASP ASP A . n 
A 1 75  MET 75  71  71  MET MET A . n 
A 1 76  GLU 76  72  72  GLU GLU A . n 
A 1 77  THR 77  73  73  THR THR A . n 
A 1 78  VAL 78  74  74  VAL VAL A . n 
A 1 79  GLY 79  75  75  GLY GLY A . n 
A 1 80  GLY 80  76  76  GLY GLY A . n 
A 1 81  LYS 81  77  77  LYS LYS A . n 
A 1 82  LYS 82  78  78  LYS LYS A . n 
A 1 83  PHE 83  79  79  PHE PHE A . n 
A 1 84  LYS 84  80  80  LYS LYS A . n 
A 1 85  GLY 85  81  81  GLY GLY A . n 
A 1 86  ILE 86  82  82  ILE ILE A . n 
A 1 87  VAL 87  83  83  VAL VAL A . n 
A 1 88  SER 88  84  84  SER SER A . n 
A 1 89  MET 89  85  85  MET MET A . n 
A 1 90  GLU 90  86  86  GLU GLU A . n 
A 1 91  GLY 91  87  87  GLY GLY A . n 
A 1 92  GLY 92  88  88  GLY GLY A . n 
A 1 93  LYS 93  89  89  LYS LYS A . n 
A 1 94  LEU 94  90  90  LEU LEU A . n 
A 1 95  THR 95  91  91  THR THR A . n 
A 1 96  ILE 96  92  92  ILE ILE A . n 
A 1 97  SER 97  93  93  SER SER A . n 
A 1 98  PHE 98  94  94  PHE PHE A . n 
A 1 99  PRO 99  95  95  PRO PRO A . n 
A 1 100 LYS 100 96  96  LYS LYS A . n 
A 1 101 TYR 101 97  97  TYR TYR A . n 
A 1 102 GLN 102 98  98  GLN GLN A . n 
A 1 103 GLN 103 99  99  GLN GLN A . n 
A 1 104 THR 104 100 100 THR THR A . n 
A 1 105 THR 105 101 101 THR THR A . n 
A 1 106 GLU 106 102 102 GLU GLU A . n 
A 1 107 ILE 107 103 103 ILE ILE A . n 
A 1 108 SER 108 104 104 SER SER A . n 
A 1 109 GLY 109 105 105 GLY GLY A . n 
A 1 110 GLY 110 106 106 GLY GLY A . n 
A 1 111 LYS 111 107 107 LYS LYS A . n 
A 1 112 LEU 112 108 108 LEU LEU A . n 
A 1 113 VAL 113 109 109 VAL VAL A . n 
A 1 114 GLU 114 110 110 GLU GLU A . n 
A 1 115 THR 115 111 111 THR THR A . n 
A 1 116 SER 116 112 112 SER SER A . n 
A 1 117 THR 117 113 113 THR THR A . n 
A 1 118 ALA 118 114 114 ALA ALA A . n 
A 1 119 SER 119 115 115 SER SER A . n 
A 1 120 GLY 120 116 116 GLY GLY A . n 
A 1 121 ALA 121 117 117 ALA ALA A . n 
A 1 122 GLN 122 118 118 GLN GLN A . n 
A 1 123 GLY 123 119 119 GLY GLY A . n 
A 1 124 THR 124 120 120 THR THR A . n 
A 1 125 ALA 125 121 121 ALA ALA A . n 
A 1 126 VAL 126 122 122 VAL VAL A . n 
A 1 127 LEU 127 123 123 LEU LEU A . n 
A 1 128 VAL 128 124 124 VAL VAL A . n 
A 1 129 ARG 129 125 125 ARG ARG A . n 
A 1 130 THR 130 126 126 THR THR A . n 
A 1 131 SER 131 127 127 SER SER A . n 
A 1 132 LYS 132 128 128 LYS LYS A . n 
A 1 133 LYS 133 129 129 LYS LYS A . n 
A 1 134 VAL 134 130 130 VAL VAL A . n 
A 1 135 LEU 135 131 131 LEU LEU A . n 
A 1 136 VAL 136 132 132 VAL VAL A . n 
A 1 137 PRO 137 133 ?   ?   ?   A . n 
A 1 138 ARG 138 134 ?   ?   ?   A . n 
# 
loop_
_pdbx_nonpoly_scheme.asym_id 
_pdbx_nonpoly_scheme.entity_id 
_pdbx_nonpoly_scheme.mon_id 
_pdbx_nonpoly_scheme.ndb_seq_num 
_pdbx_nonpoly_scheme.pdb_seq_num 
_pdbx_nonpoly_scheme.auth_seq_num 
_pdbx_nonpoly_scheme.pdb_mon_id 
_pdbx_nonpoly_scheme.auth_mon_id 
_pdbx_nonpoly_scheme.pdb_strand_id 
_pdbx_nonpoly_scheme.pdb_ins_code 
B 2 EDO 1   200 200 EDO EGL A . 
C 3 HOH 1   201 1   HOH HOH A . 
C 3 HOH 2   202 2   HOH HOH A . 
C 3 HOH 3   203 3   HOH HOH A . 
C 3 HOH 4   204 4   HOH HOH A . 
C 3 HOH 5   205 5   HOH HOH A . 
C 3 HOH 6   206 6   HOH HOH A . 
C 3 HOH 7   207 7   HOH HOH A . 
C 3 HOH 8   208 8   HOH HOH A . 
C 3 HOH 9   209 9   HOH HOH A . 
C 3 HOH 10  210 10  HOH HOH A . 
C 3 HOH 11  211 11  HOH HOH A . 
C 3 HOH 12  212 12  HOH HOH A . 
C 3 HOH 13  213 13  HOH HOH A . 
C 3 HOH 14  214 14  HOH HOH A . 
C 3 HOH 15  215 15  HOH HOH A . 
C 3 HOH 16  216 16  HOH HOH A . 
C 3 HOH 17  217 17  HOH HOH A . 
C 3 HOH 18  218 18  HOH HOH A . 
C 3 HOH 19  219 19  HOH HOH A . 
C 3 HOH 20  220 20  HOH HOH A . 
C 3 HOH 21  221 21  HOH HOH A . 
C 3 HOH 22  222 22  HOH HOH A . 
C 3 HOH 23  223 23  HOH HOH A . 
C 3 HOH 24  224 24  HOH HOH A . 
C 3 HOH 25  225 25  HOH HOH A . 
C 3 HOH 26  226 26  HOH HOH A . 
C 3 HOH 27  227 27  HOH HOH A . 
C 3 HOH 28  228 28  HOH HOH A . 
C 3 HOH 29  229 29  HOH HOH A . 
C 3 HOH 30  230 30  HOH HOH A . 
C 3 HOH 31  231 31  HOH HOH A . 
C 3 HOH 32  232 32  HOH HOH A . 
C 3 HOH 33  233 33  HOH HOH A . 
C 3 HOH 34  234 34  HOH HOH A . 
C 3 HOH 35  235 35  HOH HOH A . 
C 3 HOH 36  236 36  HOH HOH A . 
C 3 HOH 37  237 37  HOH HOH A . 
C 3 HOH 38  238 38  HOH HOH A . 
C 3 HOH 39  239 39  HOH HOH A . 
C 3 HOH 40  240 40  HOH HOH A . 
C 3 HOH 41  241 41  HOH HOH A . 
C 3 HOH 42  242 42  HOH HOH A . 
C 3 HOH 43  243 43  HOH HOH A . 
C 3 HOH 44  244 44  HOH HOH A . 
C 3 HOH 45  245 45  HOH HOH A . 
C 3 HOH 46  246 46  HOH HOH A . 
C 3 HOH 47  247 47  HOH HOH A . 
C 3 HOH 48  248 48  HOH HOH A . 
C 3 HOH 49  249 49  HOH HOH A . 
C 3 HOH 50  250 50  HOH HOH A . 
C 3 HOH 51  251 51  HOH HOH A . 
C 3 HOH 52  252 52  HOH HOH A . 
C 3 HOH 53  253 53  HOH HOH A . 
C 3 HOH 54  254 54  HOH HOH A . 
C 3 HOH 55  255 55  HOH HOH A . 
C 3 HOH 56  256 56  HOH HOH A . 
C 3 HOH 57  257 57  HOH HOH A . 
C 3 HOH 58  258 58  HOH HOH A . 
C 3 HOH 59  259 59  HOH HOH A . 
C 3 HOH 60  260 60  HOH HOH A . 
C 3 HOH 61  261 61  HOH HOH A . 
C 3 HOH 62  262 62  HOH HOH A . 
C 3 HOH 63  263 63  HOH HOH A . 
C 3 HOH 64  264 64  HOH HOH A . 
C 3 HOH 65  265 65  HOH HOH A . 
C 3 HOH 66  266 66  HOH HOH A . 
C 3 HOH 67  267 67  HOH HOH A . 
C 3 HOH 68  268 68  HOH HOH A . 
C 3 HOH 69  269 69  HOH HOH A . 
C 3 HOH 70  270 70  HOH HOH A . 
C 3 HOH 71  271 71  HOH HOH A . 
C 3 HOH 72  272 72  HOH HOH A . 
C 3 HOH 73  273 73  HOH HOH A . 
C 3 HOH 74  274 74  HOH HOH A . 
C 3 HOH 75  275 75  HOH HOH A . 
C 3 HOH 76  276 76  HOH HOH A . 
C 3 HOH 77  277 77  HOH HOH A . 
C 3 HOH 78  278 78  HOH HOH A . 
C 3 HOH 79  279 79  HOH HOH A . 
C 3 HOH 80  280 80  HOH HOH A . 
C 3 HOH 81  281 81  HOH HOH A . 
C 3 HOH 82  282 82  HOH HOH A . 
C 3 HOH 83  283 83  HOH HOH A . 
C 3 HOH 84  284 84  HOH HOH A . 
C 3 HOH 85  285 85  HOH HOH A . 
C 3 HOH 86  286 86  HOH HOH A . 
C 3 HOH 87  287 87  HOH HOH A . 
C 3 HOH 88  288 88  HOH HOH A . 
C 3 HOH 89  289 89  HOH HOH A . 
C 3 HOH 90  290 90  HOH HOH A . 
C 3 HOH 91  291 91  HOH HOH A . 
C 3 HOH 92  292 92  HOH HOH A . 
C 3 HOH 93  293 93  HOH HOH A . 
C 3 HOH 94  294 94  HOH HOH A . 
C 3 HOH 95  295 95  HOH HOH A . 
C 3 HOH 96  296 96  HOH HOH A . 
C 3 HOH 97  297 97  HOH HOH A . 
C 3 HOH 98  298 98  HOH HOH A . 
C 3 HOH 99  299 99  HOH HOH A . 
C 3 HOH 100 300 100 HOH HOH A . 
C 3 HOH 101 301 101 HOH HOH A . 
C 3 HOH 102 302 102 HOH HOH A . 
C 3 HOH 103 303 103 HOH HOH A . 
C 3 HOH 104 304 104 HOH HOH A . 
C 3 HOH 105 305 105 HOH HOH A . 
C 3 HOH 106 306 106 HOH HOH A . 
C 3 HOH 107 307 107 HOH HOH A . 
C 3 HOH 108 308 108 HOH HOH A . 
C 3 HOH 109 309 109 HOH HOH A . 
C 3 HOH 110 310 110 HOH HOH A . 
C 3 HOH 111 311 111 HOH HOH A . 
C 3 HOH 112 312 112 HOH HOH A . 
C 3 HOH 113 313 113 HOH HOH A . 
C 3 HOH 114 314 114 HOH HOH A . 
C 3 HOH 115 315 115 HOH HOH A . 
C 3 HOH 116 316 116 HOH HOH A . 
C 3 HOH 117 317 117 HOH HOH A . 
C 3 HOH 118 318 118 HOH HOH A . 
C 3 HOH 119 319 119 HOH HOH A . 
C 3 HOH 120 320 120 HOH HOH A . 
C 3 HOH 121 321 121 HOH HOH A . 
C 3 HOH 122 322 122 HOH HOH A . 
C 3 HOH 123 323 123 HOH HOH A . 
C 3 HOH 124 324 124 HOH HOH A . 
C 3 HOH 125 325 125 HOH HOH A . 
C 3 HOH 126 326 126 HOH HOH A . 
C 3 HOH 127 327 127 HOH HOH A . 
C 3 HOH 128 328 128 HOH HOH A . 
C 3 HOH 129 329 129 HOH HOH A . 
C 3 HOH 130 330 130 HOH HOH A . 
C 3 HOH 131 331 131 HOH HOH A . 
C 3 HOH 132 332 132 HOH HOH A . 
C 3 HOH 133 333 133 HOH HOH A . 
# 
_pdbx_struct_assembly.id                   1 
_pdbx_struct_assembly.details              author_and_software_defined_assembly 
_pdbx_struct_assembly.method_details       PISA 
_pdbx_struct_assembly.oligomeric_details   monomeric 
_pdbx_struct_assembly.oligomeric_count     1 
# 
_pdbx_struct_assembly_gen.assembly_id       1 
_pdbx_struct_assembly_gen.oper_expression   1 
_pdbx_struct_assembly_gen.asym_id_list      A,B,C 
# 
_pdbx_struct_oper_list.id                   1 
_pdbx_struct_oper_list.type                 'identity operation' 
_pdbx_struct_oper_list.name                 1_555 
_pdbx_struct_oper_list.symmetry_operation   x,y,z 
_pdbx_struct_oper_list.matrix[1][1]         1.0000000000 
_pdbx_struct_oper_list.matrix[1][2]         0.0000000000 
_pdbx_struct_oper_list.matrix[1][3]         0.0000000000 
_pdbx_struct_oper_list.vector[1]            0.0000000000 
_pdbx_struct_oper_list.matrix[2][1]         0.0000000000 
_pdbx_struct_oper_list.matrix[2][2]         1.0000000000 
_pdbx_struct_oper_list.matrix[2][3]         0.0000000000 
_pdbx_struct_oper_list.vector[2]            0.0000000000 
_pdbx_struct_oper_list.matrix[3][1]         0.0000000000 
_pdbx_struct_oper_list.matrix[3][2]         0.0000000000 
_pdbx_struct_oper_list.matrix[3][3]         1.0000000000 
_pdbx_struct_oper_list.vector[3]            0.0000000000 
# 
loop_
_pdbx_audit_revision_history.ordinal 
_pdbx_audit_revision_history.data_content_type 
_pdbx_audit_revision_history.major_revision 
_pdbx_audit_revision_history.minor_revision 
_pdbx_audit_revision_history.revision_date 
1 'Structure model' 1 0 2009-01-13 
2 'Structure model' 1 1 2011-07-13 
3 'Structure model' 1 2 2023-09-06 
# 
_pdbx_audit_revision_details.ordinal             1 
_pdbx_audit_revision_details.revision_ordinal    1 
_pdbx_audit_revision_details.data_content_type   'Structure model' 
_pdbx_audit_revision_details.provider            repository 
_pdbx_audit_revision_details.type                'Initial release' 
_pdbx_audit_revision_details.description         ? 
_pdbx_audit_revision_details.details             ? 
# 
loop_
_pdbx_audit_revision_group.ordinal 
_pdbx_audit_revision_group.revision_ordinal 
_pdbx_audit_revision_group.data_content_type 
_pdbx_audit_revision_group.group 
1 2 'Structure model' Advisory                    
2 2 'Structure model' 'Version format compliance' 
3 3 'Structure model' 'Data collection'           
4 3 'Structure model' 'Database references'       
5 3 'Structure model' 'Derived calculations'      
6 3 'Structure model' 'Refinement description'    
# 
loop_
_pdbx_audit_revision_category.ordinal 
_pdbx_audit_revision_category.revision_ordinal 
_pdbx_audit_revision_category.data_content_type 
_pdbx_audit_revision_category.category 
1 3 'Structure model' chem_comp_atom                
2 3 'Structure model' chem_comp_bond                
3 3 'Structure model' database_2                    
4 3 'Structure model' pdbx_initial_refinement_model 
5 3 'Structure model' struct_site                   
# 
loop_
_pdbx_audit_revision_item.ordinal 
_pdbx_audit_revision_item.revision_ordinal 
_pdbx_audit_revision_item.data_content_type 
_pdbx_audit_revision_item.item 
1 3 'Structure model' '_database_2.pdbx_DOI'                
2 3 'Structure model' '_database_2.pdbx_database_accession' 
3 3 'Structure model' '_struct_site.pdbx_auth_asym_id'      
4 3 'Structure model' '_struct_site.pdbx_auth_comp_id'      
5 3 'Structure model' '_struct_site.pdbx_auth_seq_id'       
# 
_pdbx_refine_tls.id               1 
_pdbx_refine_tls.details          ? 
_pdbx_refine_tls.method           refined 
_pdbx_refine_tls.origin_x         -0.0542 
_pdbx_refine_tls.origin_y         0.2852 
_pdbx_refine_tls.origin_z         0.4584 
_pdbx_refine_tls.T[1][1]          -0.0493 
_pdbx_refine_tls.T[2][2]          -0.0055 
_pdbx_refine_tls.T[3][3]          -0.0257 
_pdbx_refine_tls.T[1][2]          0.0068 
_pdbx_refine_tls.T[1][3]          -0.0064 
_pdbx_refine_tls.T[2][3]          0.0090 
_pdbx_refine_tls.L[1][1]          0.3432 
_pdbx_refine_tls.L[2][2]          0.7463 
_pdbx_refine_tls.L[3][3]          1.8774 
_pdbx_refine_tls.L[1][2]          -0.0410 
_pdbx_refine_tls.L[1][3]          -0.7910 
_pdbx_refine_tls.L[2][3]          0.2953 
_pdbx_refine_tls.S[1][1]          -0.0658 
_pdbx_refine_tls.S[1][2]          0.0050 
_pdbx_refine_tls.S[1][3]          -0.0487 
_pdbx_refine_tls.S[2][1]          0.0510 
_pdbx_refine_tls.S[2][2]          0.0122 
_pdbx_refine_tls.S[2][3]          -0.0304 
_pdbx_refine_tls.S[3][1]          0.0616 
_pdbx_refine_tls.S[3][2]          0.0531 
_pdbx_refine_tls.S[3][3]          0.0535 
_pdbx_refine_tls.pdbx_refine_id   'X-RAY DIFFRACTION' 
# 
_pdbx_refine_tls_group.id                  1 
_pdbx_refine_tls_group.refine_tls_id       1 
_pdbx_refine_tls_group.beg_auth_asym_id    A 
_pdbx_refine_tls_group.beg_auth_seq_id     -1 
_pdbx_refine_tls_group.beg_label_asym_id   ? 
_pdbx_refine_tls_group.beg_label_seq_id    ? 
_pdbx_refine_tls_group.end_auth_asym_id    A 
_pdbx_refine_tls_group.end_auth_seq_id     132 
_pdbx_refine_tls_group.end_label_asym_id   ? 
_pdbx_refine_tls_group.end_label_seq_id    ? 
_pdbx_refine_tls_group.selection           ? 
_pdbx_refine_tls_group.pdbx_refine_id      'X-RAY DIFFRACTION' 
_pdbx_refine_tls_group.selection_details   ? 
# 
loop_
_software.name 
_software.classification 
_software.version 
_software.citation_id 
_software.pdbx_ordinal 
ADSC   'data collection' Quantum  ? 1 
MOLREP phasing           .        ? 2 
REFMAC refinement        5.2.0019 ? 3 
MOSFLM 'data reduction'  .        ? 4 
SCALA  'data scaling'    .        ? 5 
# 
_pdbx_validate_torsion.id              1 
_pdbx_validate_torsion.PDB_model_num   1 
_pdbx_validate_torsion.auth_comp_id    SER 
_pdbx_validate_torsion.auth_asym_id    A 
_pdbx_validate_torsion.auth_seq_id     0 
_pdbx_validate_torsion.PDB_ins_code    ? 
_pdbx_validate_torsion.label_alt_id    ? 
_pdbx_validate_torsion.phi             -148.87 
_pdbx_validate_torsion.psi             -7.00 
# 
loop_
_pdbx_unobs_or_zero_occ_residues.id 
_pdbx_unobs_or_zero_occ_residues.PDB_model_num 
_pdbx_unobs_or_zero_occ_residues.polymer_flag 
_pdbx_unobs_or_zero_occ_residues.occupancy_flag 
_pdbx_unobs_or_zero_occ_residues.auth_asym_id 
_pdbx_unobs_or_zero_occ_residues.auth_comp_id 
_pdbx_unobs_or_zero_occ_residues.auth_seq_id 
_pdbx_unobs_or_zero_occ_residues.PDB_ins_code 
_pdbx_unobs_or_zero_occ_residues.label_asym_id 
_pdbx_unobs_or_zero_occ_residues.label_comp_id 
_pdbx_unobs_or_zero_occ_residues.label_seq_id 
1 1 Y 1 A MET -3  ? A MET 1   
2 1 Y 1 A ARG -2  ? A ARG 2   
3 1 Y 1 A PRO 133 ? A PRO 137 
4 1 Y 1 A ARG 134 ? A ARG 138 
# 
loop_
_chem_comp_atom.comp_id 
_chem_comp_atom.atom_id 
_chem_comp_atom.type_symbol 
_chem_comp_atom.pdbx_aromatic_flag 
_chem_comp_atom.pdbx_stereo_config 
_chem_comp_atom.pdbx_ordinal 
ALA N    N N N 1   
ALA CA   C N S 2   
ALA C    C N N 3   
ALA O    O N N 4   
ALA CB   C N N 5   
ALA OXT  O N N 6   
ALA H    H N N 7   
ALA H2   H N N 8   
ALA HA   H N N 9   
ALA HB1  H N N 10  
ALA HB2  H N N 11  
ALA HB3  H N N 12  
ALA HXT  H N N 13  
ARG N    N N N 14  
ARG CA   C N S 15  
ARG C    C N N 16  
ARG O    O N N 17  
ARG CB   C N N 18  
ARG CG   C N N 19  
ARG CD   C N N 20  
ARG NE   N N N 21  
ARG CZ   C N N 22  
ARG NH1  N N N 23  
ARG NH2  N N N 24  
ARG OXT  O N N 25  
ARG H    H N N 26  
ARG H2   H N N 27  
ARG HA   H N N 28  
ARG HB2  H N N 29  
ARG HB3  H N N 30  
ARG HG2  H N N 31  
ARG HG3  H N N 32  
ARG HD2  H N N 33  
ARG HD3  H N N 34  
ARG HE   H N N 35  
ARG HH11 H N N 36  
ARG HH12 H N N 37  
ARG HH21 H N N 38  
ARG HH22 H N N 39  
ARG HXT  H N N 40  
ASN N    N N N 41  
ASN CA   C N S 42  
ASN C    C N N 43  
ASN O    O N N 44  
ASN CB   C N N 45  
ASN CG   C N N 46  
ASN OD1  O N N 47  
ASN ND2  N N N 48  
ASN OXT  O N N 49  
ASN H    H N N 50  
ASN H2   H N N 51  
ASN HA   H N N 52  
ASN HB2  H N N 53  
ASN HB3  H N N 54  
ASN HD21 H N N 55  
ASN HD22 H N N 56  
ASN HXT  H N N 57  
ASP N    N N N 58  
ASP CA   C N S 59  
ASP C    C N N 60  
ASP O    O N N 61  
ASP CB   C N N 62  
ASP CG   C N N 63  
ASP OD1  O N N 64  
ASP OD2  O N N 65  
ASP OXT  O N N 66  
ASP H    H N N 67  
ASP H2   H N N 68  
ASP HA   H N N 69  
ASP HB2  H N N 70  
ASP HB3  H N N 71  
ASP HD2  H N N 72  
ASP HXT  H N N 73  
CYS N    N N N 74  
CYS CA   C N R 75  
CYS C    C N N 76  
CYS O    O N N 77  
CYS CB   C N N 78  
CYS SG   S N N 79  
CYS OXT  O N N 80  
CYS H    H N N 81  
CYS H2   H N N 82  
CYS HA   H N N 83  
CYS HB2  H N N 84  
CYS HB3  H N N 85  
CYS HG   H N N 86  
CYS HXT  H N N 87  
EDO C1   C N N 88  
EDO O1   O N N 89  
EDO C2   C N N 90  
EDO O2   O N N 91  
EDO H11  H N N 92  
EDO H12  H N N 93  
EDO HO1  H N N 94  
EDO H21  H N N 95  
EDO H22  H N N 96  
EDO HO2  H N N 97  
GLN N    N N N 98  
GLN CA   C N S 99  
GLN C    C N N 100 
GLN O    O N N 101 
GLN CB   C N N 102 
GLN CG   C N N 103 
GLN CD   C N N 104 
GLN OE1  O N N 105 
GLN NE2  N N N 106 
GLN OXT  O N N 107 
GLN H    H N N 108 
GLN H2   H N N 109 
GLN HA   H N N 110 
GLN HB2  H N N 111 
GLN HB3  H N N 112 
GLN HG2  H N N 113 
GLN HG3  H N N 114 
GLN HE21 H N N 115 
GLN HE22 H N N 116 
GLN HXT  H N N 117 
GLU N    N N N 118 
GLU CA   C N S 119 
GLU C    C N N 120 
GLU O    O N N 121 
GLU CB   C N N 122 
GLU CG   C N N 123 
GLU CD   C N N 124 
GLU OE1  O N N 125 
GLU OE2  O N N 126 
GLU OXT  O N N 127 
GLU H    H N N 128 
GLU H2   H N N 129 
GLU HA   H N N 130 
GLU HB2  H N N 131 
GLU HB3  H N N 132 
GLU HG2  H N N 133 
GLU HG3  H N N 134 
GLU HE2  H N N 135 
GLU HXT  H N N 136 
GLY N    N N N 137 
GLY CA   C N N 138 
GLY C    C N N 139 
GLY O    O N N 140 
GLY OXT  O N N 141 
GLY H    H N N 142 
GLY H2   H N N 143 
GLY HA2  H N N 144 
GLY HA3  H N N 145 
GLY HXT  H N N 146 
HIS N    N N N 147 
HIS CA   C N S 148 
HIS C    C N N 149 
HIS O    O N N 150 
HIS CB   C N N 151 
HIS CG   C Y N 152 
HIS ND1  N Y N 153 
HIS CD2  C Y N 154 
HIS CE1  C Y N 155 
HIS NE2  N Y N 156 
HIS OXT  O N N 157 
HIS H    H N N 158 
HIS H2   H N N 159 
HIS HA   H N N 160 
HIS HB2  H N N 161 
HIS HB3  H N N 162 
HIS HD1  H N N 163 
HIS HD2  H N N 164 
HIS HE1  H N N 165 
HIS HE2  H N N 166 
HIS HXT  H N N 167 
HOH O    O N N 168 
HOH H1   H N N 169 
HOH H2   H N N 170 
ILE N    N N N 171 
ILE CA   C N S 172 
ILE C    C N N 173 
ILE O    O N N 174 
ILE CB   C N S 175 
ILE CG1  C N N 176 
ILE CG2  C N N 177 
ILE CD1  C N N 178 
ILE OXT  O N N 179 
ILE H    H N N 180 
ILE H2   H N N 181 
ILE HA   H N N 182 
ILE HB   H N N 183 
ILE HG12 H N N 184 
ILE HG13 H N N 185 
ILE HG21 H N N 186 
ILE HG22 H N N 187 
ILE HG23 H N N 188 
ILE HD11 H N N 189 
ILE HD12 H N N 190 
ILE HD13 H N N 191 
ILE HXT  H N N 192 
LEU N    N N N 193 
LEU CA   C N S 194 
LEU C    C N N 195 
LEU O    O N N 196 
LEU CB   C N N 197 
LEU CG   C N N 198 
LEU CD1  C N N 199 
LEU CD2  C N N 200 
LEU OXT  O N N 201 
LEU H    H N N 202 
LEU H2   H N N 203 
LEU HA   H N N 204 
LEU HB2  H N N 205 
LEU HB3  H N N 206 
LEU HG   H N N 207 
LEU HD11 H N N 208 
LEU HD12 H N N 209 
LEU HD13 H N N 210 
LEU HD21 H N N 211 
LEU HD22 H N N 212 
LEU HD23 H N N 213 
LEU HXT  H N N 214 
LYS N    N N N 215 
LYS CA   C N S 216 
LYS C    C N N 217 
LYS O    O N N 218 
LYS CB   C N N 219 
LYS CG   C N N 220 
LYS CD   C N N 221 
LYS CE   C N N 222 
LYS NZ   N N N 223 
LYS OXT  O N N 224 
LYS H    H N N 225 
LYS H2   H N N 226 
LYS HA   H N N 227 
LYS HB2  H N N 228 
LYS HB3  H N N 229 
LYS HG2  H N N 230 
LYS HG3  H N N 231 
LYS HD2  H N N 232 
LYS HD3  H N N 233 
LYS HE2  H N N 234 
LYS HE3  H N N 235 
LYS HZ1  H N N 236 
LYS HZ2  H N N 237 
LYS HZ3  H N N 238 
LYS HXT  H N N 239 
MET N    N N N 240 
MET CA   C N S 241 
MET C    C N N 242 
MET O    O N N 243 
MET CB   C N N 244 
MET CG   C N N 245 
MET SD   S N N 246 
MET CE   C N N 247 
MET OXT  O N N 248 
MET H    H N N 249 
MET H2   H N N 250 
MET HA   H N N 251 
MET HB2  H N N 252 
MET HB3  H N N 253 
MET HG2  H N N 254 
MET HG3  H N N 255 
MET HE1  H N N 256 
MET HE2  H N N 257 
MET HE3  H N N 258 
MET HXT  H N N 259 
PHE N    N N N 260 
PHE CA   C N S 261 
PHE C    C N N 262 
PHE O    O N N 263 
PHE CB   C N N 264 
PHE CG   C Y N 265 
PHE CD1  C Y N 266 
PHE CD2  C Y N 267 
PHE CE1  C Y N 268 
PHE CE2  C Y N 269 
PHE CZ   C Y N 270 
PHE OXT  O N N 271 
PHE H    H N N 272 
PHE H2   H N N 273 
PHE HA   H N N 274 
PHE HB2  H N N 275 
PHE HB3  H N N 276 
PHE HD1  H N N 277 
PHE HD2  H N N 278 
PHE HE1  H N N 279 
PHE HE2  H N N 280 
PHE HZ   H N N 281 
PHE HXT  H N N 282 
PRO N    N N N 283 
PRO CA   C N S 284 
PRO C    C N N 285 
PRO O    O N N 286 
PRO CB   C N N 287 
PRO CG   C N N 288 
PRO CD   C N N 289 
PRO OXT  O N N 290 
PRO H    H N N 291 
PRO HA   H N N 292 
PRO HB2  H N N 293 
PRO HB3  H N N 294 
PRO HG2  H N N 295 
PRO HG3  H N N 296 
PRO HD2  H N N 297 
PRO HD3  H N N 298 
PRO HXT  H N N 299 
SER N    N N N 300 
SER CA   C N S 301 
SER C    C N N 302 
SER O    O N N 303 
SER CB   C N N 304 
SER OG   O N N 305 
SER OXT  O N N 306 
SER H    H N N 307 
SER H2   H N N 308 
SER HA   H N N 309 
SER HB2  H N N 310 
SER HB3  H N N 311 
SER HG   H N N 312 
SER HXT  H N N 313 
THR N    N N N 314 
THR CA   C N S 315 
THR C    C N N 316 
THR O    O N N 317 
THR CB   C N R 318 
THR OG1  O N N 319 
THR CG2  C N N 320 
THR OXT  O N N 321 
THR H    H N N 322 
THR H2   H N N 323 
THR HA   H N N 324 
THR HB   H N N 325 
THR HG1  H N N 326 
THR HG21 H N N 327 
THR HG22 H N N 328 
THR HG23 H N N 329 
THR HXT  H N N 330 
TRP N    N N N 331 
TRP CA   C N S 332 
TRP C    C N N 333 
TRP O    O N N 334 
TRP CB   C N N 335 
TRP CG   C Y N 336 
TRP CD1  C Y N 337 
TRP CD2  C Y N 338 
TRP NE1  N Y N 339 
TRP CE2  C Y N 340 
TRP CE3  C Y N 341 
TRP CZ2  C Y N 342 
TRP CZ3  C Y N 343 
TRP CH2  C Y N 344 
TRP OXT  O N N 345 
TRP H    H N N 346 
TRP H2   H N N 347 
TRP HA   H N N 348 
TRP HB2  H N N 349 
TRP HB3  H N N 350 
TRP HD1  H N N 351 
TRP HE1  H N N 352 
TRP HE3  H N N 353 
TRP HZ2  H N N 354 
TRP HZ3  H N N 355 
TRP HH2  H N N 356 
TRP HXT  H N N 357 
TYR N    N N N 358 
TYR CA   C N S 359 
TYR C    C N N 360 
TYR O    O N N 361 
TYR CB   C N N 362 
TYR CG   C Y N 363 
TYR CD1  C Y N 364 
TYR CD2  C Y N 365 
TYR CE1  C Y N 366 
TYR CE2  C Y N 367 
TYR CZ   C Y N 368 
TYR OH   O N N 369 
TYR OXT  O N N 370 
TYR H    H N N 371 
TYR H2   H N N 372 
TYR HA   H N N 373 
TYR HB2  H N N 374 
TYR HB3  H N N 375 
TYR HD1  H N N 376 
TYR HD2  H N N 377 
TYR HE1  H N N 378 
TYR HE2  H N N 379 
TYR HH   H N N 380 
TYR HXT  H N N 381 
VAL N    N N N 382 
VAL CA   C N S 383 
VAL C    C N N 384 
VAL O    O N N 385 
VAL CB   C N N 386 
VAL CG1  C N N 387 
VAL CG2  C N N 388 
VAL OXT  O N N 389 
VAL H    H N N 390 
VAL H2   H N N 391 
VAL HA   H N N 392 
VAL HB   H N N 393 
VAL HG11 H N N 394 
VAL HG12 H N N 395 
VAL HG13 H N N 396 
VAL HG21 H N N 397 
VAL HG22 H N N 398 
VAL HG23 H N N 399 
VAL HXT  H N N 400 
# 
loop_
_chem_comp_bond.comp_id 
_chem_comp_bond.atom_id_1 
_chem_comp_bond.atom_id_2 
_chem_comp_bond.value_order 
_chem_comp_bond.pdbx_aromatic_flag 
_chem_comp_bond.pdbx_stereo_config 
_chem_comp_bond.pdbx_ordinal 
ALA N   CA   sing N N 1   
ALA N   H    sing N N 2   
ALA N   H2   sing N N 3   
ALA CA  C    sing N N 4   
ALA CA  CB   sing N N 5   
ALA CA  HA   sing N N 6   
ALA C   O    doub N N 7   
ALA C   OXT  sing N N 8   
ALA CB  HB1  sing N N 9   
ALA CB  HB2  sing N N 10  
ALA CB  HB3  sing N N 11  
ALA OXT HXT  sing N N 12  
ARG N   CA   sing N N 13  
ARG N   H    sing N N 14  
ARG N   H2   sing N N 15  
ARG CA  C    sing N N 16  
ARG CA  CB   sing N N 17  
ARG CA  HA   sing N N 18  
ARG C   O    doub N N 19  
ARG C   OXT  sing N N 20  
ARG CB  CG   sing N N 21  
ARG CB  HB2  sing N N 22  
ARG CB  HB3  sing N N 23  
ARG CG  CD   sing N N 24  
ARG CG  HG2  sing N N 25  
ARG CG  HG3  sing N N 26  
ARG CD  NE   sing N N 27  
ARG CD  HD2  sing N N 28  
ARG CD  HD3  sing N N 29  
ARG NE  CZ   sing N N 30  
ARG NE  HE   sing N N 31  
ARG CZ  NH1  sing N N 32  
ARG CZ  NH2  doub N N 33  
ARG NH1 HH11 sing N N 34  
ARG NH1 HH12 sing N N 35  
ARG NH2 HH21 sing N N 36  
ARG NH2 HH22 sing N N 37  
ARG OXT HXT  sing N N 38  
ASN N   CA   sing N N 39  
ASN N   H    sing N N 40  
ASN N   H2   sing N N 41  
ASN CA  C    sing N N 42  
ASN CA  CB   sing N N 43  
ASN CA  HA   sing N N 44  
ASN C   O    doub N N 45  
ASN C   OXT  sing N N 46  
ASN CB  CG   sing N N 47  
ASN CB  HB2  sing N N 48  
ASN CB  HB3  sing N N 49  
ASN CG  OD1  doub N N 50  
ASN CG  ND2  sing N N 51  
ASN ND2 HD21 sing N N 52  
ASN ND2 HD22 sing N N 53  
ASN OXT HXT  sing N N 54  
ASP N   CA   sing N N 55  
ASP N   H    sing N N 56  
ASP N   H2   sing N N 57  
ASP CA  C    sing N N 58  
ASP CA  CB   sing N N 59  
ASP CA  HA   sing N N 60  
ASP C   O    doub N N 61  
ASP C   OXT  sing N N 62  
ASP CB  CG   sing N N 63  
ASP CB  HB2  sing N N 64  
ASP CB  HB3  sing N N 65  
ASP CG  OD1  doub N N 66  
ASP CG  OD2  sing N N 67  
ASP OD2 HD2  sing N N 68  
ASP OXT HXT  sing N N 69  
CYS N   CA   sing N N 70  
CYS N   H    sing N N 71  
CYS N   H2   sing N N 72  
CYS CA  C    sing N N 73  
CYS CA  CB   sing N N 74  
CYS CA  HA   sing N N 75  
CYS C   O    doub N N 76  
CYS C   OXT  sing N N 77  
CYS CB  SG   sing N N 78  
CYS CB  HB2  sing N N 79  
CYS CB  HB3  sing N N 80  
CYS SG  HG   sing N N 81  
CYS OXT HXT  sing N N 82  
EDO C1  O1   sing N N 83  
EDO C1  C2   sing N N 84  
EDO C1  H11  sing N N 85  
EDO C1  H12  sing N N 86  
EDO O1  HO1  sing N N 87  
EDO C2  O2   sing N N 88  
EDO C2  H21  sing N N 89  
EDO C2  H22  sing N N 90  
EDO O2  HO2  sing N N 91  
GLN N   CA   sing N N 92  
GLN N   H    sing N N 93  
GLN N   H2   sing N N 94  
GLN CA  C    sing N N 95  
GLN CA  CB   sing N N 96  
GLN CA  HA   sing N N 97  
GLN C   O    doub N N 98  
GLN C   OXT  sing N N 99  
GLN CB  CG   sing N N 100 
GLN CB  HB2  sing N N 101 
GLN CB  HB3  sing N N 102 
GLN CG  CD   sing N N 103 
GLN CG  HG2  sing N N 104 
GLN CG  HG3  sing N N 105 
GLN CD  OE1  doub N N 106 
GLN CD  NE2  sing N N 107 
GLN NE2 HE21 sing N N 108 
GLN NE2 HE22 sing N N 109 
GLN OXT HXT  sing N N 110 
GLU N   CA   sing N N 111 
GLU N   H    sing N N 112 
GLU N   H2   sing N N 113 
GLU CA  C    sing N N 114 
GLU CA  CB   sing N N 115 
GLU CA  HA   sing N N 116 
GLU C   O    doub N N 117 
GLU C   OXT  sing N N 118 
GLU CB  CG   sing N N 119 
GLU CB  HB2  sing N N 120 
GLU CB  HB3  sing N N 121 
GLU CG  CD   sing N N 122 
GLU CG  HG2  sing N N 123 
GLU CG  HG3  sing N N 124 
GLU CD  OE1  doub N N 125 
GLU CD  OE2  sing N N 126 
GLU OE2 HE2  sing N N 127 
GLU OXT HXT  sing N N 128 
GLY N   CA   sing N N 129 
GLY N   H    sing N N 130 
GLY N   H2   sing N N 131 
GLY CA  C    sing N N 132 
GLY CA  HA2  sing N N 133 
GLY CA  HA3  sing N N 134 
GLY C   O    doub N N 135 
GLY C   OXT  sing N N 136 
GLY OXT HXT  sing N N 137 
HIS N   CA   sing N N 138 
HIS N   H    sing N N 139 
HIS N   H2   sing N N 140 
HIS CA  C    sing N N 141 
HIS CA  CB   sing N N 142 
HIS CA  HA   sing N N 143 
HIS C   O    doub N N 144 
HIS C   OXT  sing N N 145 
HIS CB  CG   sing N N 146 
HIS CB  HB2  sing N N 147 
HIS CB  HB3  sing N N 148 
HIS CG  ND1  sing Y N 149 
HIS CG  CD2  doub Y N 150 
HIS ND1 CE1  doub Y N 151 
HIS ND1 HD1  sing N N 152 
HIS CD2 NE2  sing Y N 153 
HIS CD2 HD2  sing N N 154 
HIS CE1 NE2  sing Y N 155 
HIS CE1 HE1  sing N N 156 
HIS NE2 HE2  sing N N 157 
HIS OXT HXT  sing N N 158 
HOH O   H1   sing N N 159 
HOH O   H2   sing N N 160 
ILE N   CA   sing N N 161 
ILE N   H    sing N N 162 
ILE N   H2   sing N N 163 
ILE CA  C    sing N N 164 
ILE CA  CB   sing N N 165 
ILE CA  HA   sing N N 166 
ILE C   O    doub N N 167 
ILE C   OXT  sing N N 168 
ILE CB  CG1  sing N N 169 
ILE CB  CG2  sing N N 170 
ILE CB  HB   sing N N 171 
ILE CG1 CD1  sing N N 172 
ILE CG1 HG12 sing N N 173 
ILE CG1 HG13 sing N N 174 
ILE CG2 HG21 sing N N 175 
ILE CG2 HG22 sing N N 176 
ILE CG2 HG23 sing N N 177 
ILE CD1 HD11 sing N N 178 
ILE CD1 HD12 sing N N 179 
ILE CD1 HD13 sing N N 180 
ILE OXT HXT  sing N N 181 
LEU N   CA   sing N N 182 
LEU N   H    sing N N 183 
LEU N   H2   sing N N 184 
LEU CA  C    sing N N 185 
LEU CA  CB   sing N N 186 
LEU CA  HA   sing N N 187 
LEU C   O    doub N N 188 
LEU C   OXT  sing N N 189 
LEU CB  CG   sing N N 190 
LEU CB  HB2  sing N N 191 
LEU CB  HB3  sing N N 192 
LEU CG  CD1  sing N N 193 
LEU CG  CD2  sing N N 194 
LEU CG  HG   sing N N 195 
LEU CD1 HD11 sing N N 196 
LEU CD1 HD12 sing N N 197 
LEU CD1 HD13 sing N N 198 
LEU CD2 HD21 sing N N 199 
LEU CD2 HD22 sing N N 200 
LEU CD2 HD23 sing N N 201 
LEU OXT HXT  sing N N 202 
LYS N   CA   sing N N 203 
LYS N   H    sing N N 204 
LYS N   H2   sing N N 205 
LYS CA  C    sing N N 206 
LYS CA  CB   sing N N 207 
LYS CA  HA   sing N N 208 
LYS C   O    doub N N 209 
LYS C   OXT  sing N N 210 
LYS CB  CG   sing N N 211 
LYS CB  HB2  sing N N 212 
LYS CB  HB3  sing N N 213 
LYS CG  CD   sing N N 214 
LYS CG  HG2  sing N N 215 
LYS CG  HG3  sing N N 216 
LYS CD  CE   sing N N 217 
LYS CD  HD2  sing N N 218 
LYS CD  HD3  sing N N 219 
LYS CE  NZ   sing N N 220 
LYS CE  HE2  sing N N 221 
LYS CE  HE3  sing N N 222 
LYS NZ  HZ1  sing N N 223 
LYS NZ  HZ2  sing N N 224 
LYS NZ  HZ3  sing N N 225 
LYS OXT HXT  sing N N 226 
MET N   CA   sing N N 227 
MET N   H    sing N N 228 
MET N   H2   sing N N 229 
MET CA  C    sing N N 230 
MET CA  CB   sing N N 231 
MET CA  HA   sing N N 232 
MET C   O    doub N N 233 
MET C   OXT  sing N N 234 
MET CB  CG   sing N N 235 
MET CB  HB2  sing N N 236 
MET CB  HB3  sing N N 237 
MET CG  SD   sing N N 238 
MET CG  HG2  sing N N 239 
MET CG  HG3  sing N N 240 
MET SD  CE   sing N N 241 
MET CE  HE1  sing N N 242 
MET CE  HE2  sing N N 243 
MET CE  HE3  sing N N 244 
MET OXT HXT  sing N N 245 
PHE N   CA   sing N N 246 
PHE N   H    sing N N 247 
PHE N   H2   sing N N 248 
PHE CA  C    sing N N 249 
PHE CA  CB   sing N N 250 
PHE CA  HA   sing N N 251 
PHE C   O    doub N N 252 
PHE C   OXT  sing N N 253 
PHE CB  CG   sing N N 254 
PHE CB  HB2  sing N N 255 
PHE CB  HB3  sing N N 256 
PHE CG  CD1  doub Y N 257 
PHE CG  CD2  sing Y N 258 
PHE CD1 CE1  sing Y N 259 
PHE CD1 HD1  sing N N 260 
PHE CD2 CE2  doub Y N 261 
PHE CD2 HD2  sing N N 262 
PHE CE1 CZ   doub Y N 263 
PHE CE1 HE1  sing N N 264 
PHE CE2 CZ   sing Y N 265 
PHE CE2 HE2  sing N N 266 
PHE CZ  HZ   sing N N 267 
PHE OXT HXT  sing N N 268 
PRO N   CA   sing N N 269 
PRO N   CD   sing N N 270 
PRO N   H    sing N N 271 
PRO CA  C    sing N N 272 
PRO CA  CB   sing N N 273 
PRO CA  HA   sing N N 274 
PRO C   O    doub N N 275 
PRO C   OXT  sing N N 276 
PRO CB  CG   sing N N 277 
PRO CB  HB2  sing N N 278 
PRO CB  HB3  sing N N 279 
PRO CG  CD   sing N N 280 
PRO CG  HG2  sing N N 281 
PRO CG  HG3  sing N N 282 
PRO CD  HD2  sing N N 283 
PRO CD  HD3  sing N N 284 
PRO OXT HXT  sing N N 285 
SER N   CA   sing N N 286 
SER N   H    sing N N 287 
SER N   H2   sing N N 288 
SER CA  C    sing N N 289 
SER CA  CB   sing N N 290 
SER CA  HA   sing N N 291 
SER C   O    doub N N 292 
SER C   OXT  sing N N 293 
SER CB  OG   sing N N 294 
SER CB  HB2  sing N N 295 
SER CB  HB3  sing N N 296 
SER OG  HG   sing N N 297 
SER OXT HXT  sing N N 298 
THR N   CA   sing N N 299 
THR N   H    sing N N 300 
THR N   H2   sing N N 301 
THR CA  C    sing N N 302 
THR CA  CB   sing N N 303 
THR CA  HA   sing N N 304 
THR C   O    doub N N 305 
THR C   OXT  sing N N 306 
THR CB  OG1  sing N N 307 
THR CB  CG2  sing N N 308 
THR CB  HB   sing N N 309 
THR OG1 HG1  sing N N 310 
THR CG2 HG21 sing N N 311 
THR CG2 HG22 sing N N 312 
THR CG2 HG23 sing N N 313 
THR OXT HXT  sing N N 314 
TRP N   CA   sing N N 315 
TRP N   H    sing N N 316 
TRP N   H2   sing N N 317 
TRP CA  C    sing N N 318 
TRP CA  CB   sing N N 319 
TRP CA  HA   sing N N 320 
TRP C   O    doub N N 321 
TRP C   OXT  sing N N 322 
TRP CB  CG   sing N N 323 
TRP CB  HB2  sing N N 324 
TRP CB  HB3  sing N N 325 
TRP CG  CD1  doub Y N 326 
TRP CG  CD2  sing Y N 327 
TRP CD1 NE1  sing Y N 328 
TRP CD1 HD1  sing N N 329 
TRP CD2 CE2  doub Y N 330 
TRP CD2 CE3  sing Y N 331 
TRP NE1 CE2  sing Y N 332 
TRP NE1 HE1  sing N N 333 
TRP CE2 CZ2  sing Y N 334 
TRP CE3 CZ3  doub Y N 335 
TRP CE3 HE3  sing N N 336 
TRP CZ2 CH2  doub Y N 337 
TRP CZ2 HZ2  sing N N 338 
TRP CZ3 CH2  sing Y N 339 
TRP CZ3 HZ3  sing N N 340 
TRP CH2 HH2  sing N N 341 
TRP OXT HXT  sing N N 342 
TYR N   CA   sing N N 343 
TYR N   H    sing N N 344 
TYR N   H2   sing N N 345 
TYR CA  C    sing N N 346 
TYR CA  CB   sing N N 347 
TYR CA  HA   sing N N 348 
TYR C   O    doub N N 349 
TYR C   OXT  sing N N 350 
TYR CB  CG   sing N N 351 
TYR CB  HB2  sing N N 352 
TYR CB  HB3  sing N N 353 
TYR CG  CD1  doub Y N 354 
TYR CG  CD2  sing Y N 355 
TYR CD1 CE1  sing Y N 356 
TYR CD1 HD1  sing N N 357 
TYR CD2 CE2  doub Y N 358 
TYR CD2 HD2  sing N N 359 
TYR CE1 CZ   doub Y N 360 
TYR CE1 HE1  sing N N 361 
TYR CE2 CZ   sing Y N 362 
TYR CE2 HE2  sing N N 363 
TYR CZ  OH   sing N N 364 
TYR OH  HH   sing N N 365 
TYR OXT HXT  sing N N 366 
VAL N   CA   sing N N 367 
VAL N   H    sing N N 368 
VAL N   H2   sing N N 369 
VAL CA  C    sing N N 370 
VAL CA  CB   sing N N 371 
VAL CA  HA   sing N N 372 
VAL C   O    doub N N 373 
VAL C   OXT  sing N N 374 
VAL CB  CG1  sing N N 375 
VAL CB  CG2  sing N N 376 
VAL CB  HB   sing N N 377 
VAL CG1 HG11 sing N N 378 
VAL CG1 HG12 sing N N 379 
VAL CG1 HG13 sing N N 380 
VAL CG2 HG21 sing N N 381 
VAL CG2 HG22 sing N N 382 
VAL CG2 HG23 sing N N 383 
VAL OXT HXT  sing N N 384 
# 
loop_
_pdbx_entity_nonpoly.entity_id 
_pdbx_entity_nonpoly.name 
_pdbx_entity_nonpoly.comp_id 
2 1,2-ETHANEDIOL EDO 
3 water          HOH 
# 
_pdbx_initial_refinement_model.id               1 
_pdbx_initial_refinement_model.entity_id_list   ? 
_pdbx_initial_refinement_model.type             'experimental model' 
_pdbx_initial_refinement_model.source_name      PDB 
_pdbx_initial_refinement_model.accession_code   2QO4 
_pdbx_initial_refinement_model.details          ? 
# 
